data_8PVS
#
_entry.id   8PVS
#
_cell.length_a   118.527
_cell.length_b   134.035
_cell.length_c   215.346
_cell.angle_alpha   90.000
_cell.angle_beta   90.000
_cell.angle_gamma   90.000
#
_symmetry.space_group_name_H-M   'C 2 2 21'
#
loop_
_entity.id
_entity.type
_entity.pdbx_description
1 polymer 'Alpha-1,3-galactosidase B'
2 non-polymer alpha-D-galactopyranose
3 non-polymer 1,2-ETHANEDIOL
4 non-polymer 'FORMIC ACID'
5 non-polymer 'CALCIUM ION'
6 non-polymer 'SODIUM ION'
7 water water
#
_entity_poly.entity_id   1
_entity_poly.type   'polypeptide(L)'
_entity_poly.pdbx_seq_one_letter_code
;SGTIAVKVPASSLLMTRQETGETRLDRSFSNAGLSIGGKKYATGIGTHATSMIPLPVPENPKVLRLEGACGIDDGADGDG
SVEFRVMSGSEVLWSSGVMRRGMAAKKFSIPVAENGIRHLYLMADRVDNNSYDHADWVDLAWKTTGSGQGMKGAVVNASE
FGMVPGVRKDQGPALRAAVSALRRQGGGVLNIPRGIYHFYPEGALNMSFHISNHDQPLIHPVCVPLADLRNVRVEGNGSL
FLFHGKVVPLLVMDSENVSINRLSVDYERSWCTEARVVKTDDRFTEVEIDKKAYPYEIRNNRFVFQGKGWEEGMGSCMAF
EKGTGHIIANTSDIGWNGHVEPLGGSRLRLSWNLRQKGIKPGDTLVLRNYNRPHPGCVVYRARKTSLNDVSLHQSSGMAL
LVQRSEDFHMKGGGVMVRKGTGRVHTAGADATHFSNTRGGIVVEKALFEGMMDDAINVHSTCLGVMEVVDSHTLKCKYMH
RQAVGFEVFLPGEKIRFINGPTLEPGGTATVKTAVKKNSAEMVITVEEPLPSSVRAGDAVENADFYPSVVFRNNIVRNNR
ARGSLFTTPERVLVEGNLFDHSSGSAILLAGDAQGWYESGACHEVVIRKNTFINNLTSRYQFTNAIISIYPEVKQLDRQR
DYYHRNVLIENNVFKTFDVPLLFAISTDNLKFINNKVIYNDEFKGWGQKPFQFRRCANILIKDNKVLPPRTWTLEDCKLE
NTPSDQVRFGG
;
_entity_poly.pdbx_strand_id   A,B
#
loop_
_chem_comp.id
_chem_comp.type
_chem_comp.name
_chem_comp.formula
CA non-polymer 'CALCIUM ION' 'Ca 2'
EDO non-polymer 1,2-ETHANEDIOL 'C2 H6 O2'
FMT non-polymer 'FORMIC ACID' 'C H2 O2'
GLA D-saccharide, alpha linking alpha-D-galactopyranose 'C6 H12 O6'
NA non-polymer 'SODIUM ION' 'Na 1'
#
# COMPACT_ATOMS: atom_id res chain seq x y z
N SER A 1 -8.97 45.56 -16.84
CA SER A 1 -9.04 46.58 -15.79
C SER A 1 -9.84 46.05 -14.61
N GLY A 2 -9.66 46.69 -13.44
CA GLY A 2 -10.58 46.48 -12.37
C GLY A 2 -10.48 45.16 -11.63
N THR A 3 -9.31 44.50 -11.65
CA THR A 3 -9.13 43.24 -10.93
C THR A 3 -8.40 43.47 -9.61
N ILE A 4 -8.73 42.66 -8.60
CA ILE A 4 -8.00 42.61 -7.34
C ILE A 4 -7.61 41.15 -7.08
N ALA A 5 -6.54 40.95 -6.32
CA ALA A 5 -6.10 39.59 -6.01
C ALA A 5 -7.15 38.87 -5.16
N VAL A 6 -7.38 37.60 -5.49
CA VAL A 6 -8.16 36.73 -4.61
C VAL A 6 -7.30 36.41 -3.39
N LYS A 7 -7.85 36.62 -2.20
CA LYS A 7 -7.27 36.12 -0.95
C LYS A 7 -8.08 34.88 -0.55
N VAL A 8 -7.46 33.71 -0.66
CA VAL A 8 -8.16 32.46 -0.34
C VAL A 8 -8.25 32.34 1.17
N PRO A 9 -9.43 32.21 1.75
CA PRO A 9 -9.53 32.14 3.22
C PRO A 9 -8.95 30.83 3.73
N ALA A 10 -8.38 30.86 4.95
CA ALA A 10 -7.89 29.61 5.52
C ALA A 10 -9.00 28.58 5.66
N SER A 11 -10.23 29.05 5.89
CA SER A 11 -11.34 28.10 6.00
C SER A 11 -11.57 27.33 4.70
N SER A 12 -11.26 27.92 3.53
CA SER A 12 -11.41 27.17 2.27
C SER A 12 -10.43 26.00 2.17
N LEU A 13 -9.22 26.12 2.72
CA LEU A 13 -8.32 24.98 2.72
C LEU A 13 -8.82 23.86 3.62
N LEU A 14 -9.37 24.21 4.79
CA LEU A 14 -9.93 23.19 5.66
C LEU A 14 -11.16 22.52 5.04
N MET A 15 -11.85 23.18 4.12
CA MET A 15 -13.01 22.60 3.45
C MET A 15 -12.65 21.88 2.16
N THR A 16 -11.38 21.90 1.78
CA THR A 16 -10.93 21.29 0.54
C THR A 16 -10.72 19.81 0.76
N ARG A 17 -11.27 18.99 -0.15
CA ARG A 17 -10.83 17.58 -0.20
C ARG A 17 -9.69 17.49 -1.20
N GLN A 18 -8.58 16.87 -0.78
CA GLN A 18 -7.45 16.72 -1.67
C GLN A 18 -6.94 15.30 -1.46
N GLU A 19 -6.67 14.59 -2.57
CA GLU A 19 -6.47 13.14 -2.50
C GLU A 19 -5.18 12.78 -1.76
N THR A 20 -4.17 13.64 -1.79
CA THR A 20 -2.92 13.33 -1.10
C THR A 20 -2.33 14.63 -0.56
N GLY A 21 -1.77 14.58 0.64
CA GLY A 21 -1.02 15.69 1.20
C GLY A 21 -1.84 16.93 1.53
N GLU A 22 -1.13 18.06 1.62
CA GLU A 22 -1.64 19.32 2.15
C GLU A 22 -1.86 20.32 1.02
N THR A 23 -2.94 21.09 1.11
CA THR A 23 -3.12 22.23 0.20
C THR A 23 -2.36 23.45 0.70
N ARG A 24 -1.65 24.13 -0.21
CA ARG A 24 -0.80 25.26 0.15
C ARG A 24 -1.18 26.53 -0.62
N LEU A 25 -0.98 27.68 0.02
CA LEU A 25 -1.20 28.97 -0.63
C LEU A 25 0.15 29.57 -1.02
N ASP A 26 0.23 30.06 -2.26
CA ASP A 26 1.39 30.76 -2.80
C ASP A 26 2.63 29.87 -2.89
N ARG A 27 2.47 28.57 -2.71
CA ARG A 27 3.52 27.60 -2.86
C ARG A 27 2.94 26.39 -3.58
N SER A 28 3.79 25.67 -4.30
CA SER A 28 3.40 24.44 -4.97
C SER A 28 3.12 23.34 -3.96
N PHE A 29 2.57 22.24 -4.48
CA PHE A 29 2.41 21.04 -3.67
C PHE A 29 3.70 20.65 -2.95
N SER A 30 4.84 20.69 -3.65
CA SER A 30 6.12 20.33 -3.05
C SER A 30 6.68 21.42 -2.11
N ASN A 31 5.89 22.45 -1.82
CA ASN A 31 6.25 23.55 -0.92
C ASN A 31 7.39 24.39 -1.49
N ALA A 32 7.39 24.59 -2.80
CA ALA A 32 8.34 25.46 -3.49
C ALA A 32 7.58 26.53 -4.27
N GLY A 33 8.33 27.38 -4.97
CA GLY A 33 7.70 28.40 -5.79
C GLY A 33 6.78 27.78 -6.82
N LEU A 34 5.61 28.39 -7.03
CA LEU A 34 4.72 27.92 -8.09
C LEU A 34 5.37 28.13 -9.45
N SER A 35 5.32 27.11 -10.31
CA SER A 35 5.94 27.17 -11.62
C SER A 35 5.18 26.26 -12.57
N ILE A 36 4.72 26.81 -13.71
CA ILE A 36 3.97 26.07 -14.71
C ILE A 36 4.61 26.35 -16.06
N GLY A 37 4.98 25.29 -16.78
CA GLY A 37 5.57 25.47 -18.10
C GLY A 37 6.83 26.29 -18.11
N GLY A 38 7.57 26.31 -16.99
CA GLY A 38 8.79 27.07 -16.86
C GLY A 38 8.60 28.50 -16.38
N LYS A 39 7.37 28.97 -16.24
CA LYS A 39 7.09 30.34 -15.81
C LYS A 39 6.73 30.37 -14.33
N LYS A 40 7.36 31.27 -13.57
CA LYS A 40 7.13 31.33 -12.12
C LYS A 40 5.91 32.19 -11.82
N TYR A 41 5.21 31.84 -10.73
CA TYR A 41 4.06 32.62 -10.27
C TYR A 41 4.23 32.90 -8.78
N ALA A 42 3.97 34.15 -8.40
CA ALA A 42 4.17 34.50 -6.99
C ALA A 42 3.01 34.03 -6.12
N THR A 43 1.79 34.01 -6.64
CA THR A 43 0.64 33.71 -5.80
C THR A 43 -0.25 32.66 -6.47
N GLY A 44 -0.95 31.91 -5.65
CA GLY A 44 -1.87 30.92 -6.16
C GLY A 44 -2.17 29.86 -5.11
N ILE A 45 -2.62 28.71 -5.60
CA ILE A 45 -2.96 27.58 -4.76
C ILE A 45 -2.17 26.39 -5.29
N GLY A 46 -1.36 25.77 -4.43
CA GLY A 46 -0.68 24.54 -4.80
C GLY A 46 -1.45 23.34 -4.29
N THR A 47 -2.12 22.63 -5.18
CA THR A 47 -2.93 21.50 -4.75
C THR A 47 -2.42 20.25 -5.48
N HIS A 48 -3.17 19.16 -5.38
CA HIS A 48 -2.79 17.90 -6.00
C HIS A 48 -4.07 17.19 -6.39
N ALA A 49 -4.14 16.67 -7.61
CA ALA A 49 -5.37 15.98 -8.00
C ALA A 49 -5.47 14.63 -7.28
N THR A 50 -6.70 14.17 -7.05
CA THR A 50 -7.95 14.87 -7.29
C THR A 50 -8.23 15.78 -6.11
N SER A 51 -8.65 17.02 -6.38
CA SER A 51 -9.03 17.92 -5.30
C SER A 51 -10.15 18.83 -5.75
N MET A 52 -10.87 19.39 -4.77
CA MET A 52 -11.90 20.36 -5.05
C MET A 52 -11.89 21.39 -3.94
N ILE A 53 -11.69 22.65 -4.31
CA ILE A 53 -11.53 23.77 -3.39
C ILE A 53 -12.78 24.63 -3.46
N PRO A 54 -13.54 24.78 -2.35
CA PRO A 54 -14.69 25.70 -2.37
C PRO A 54 -14.24 27.11 -2.08
N LEU A 55 -14.57 28.03 -2.97
CA LEU A 55 -14.09 29.39 -2.86
C LEU A 55 -15.29 30.32 -2.78
N PRO A 56 -15.56 30.93 -1.62
CA PRO A 56 -16.69 31.84 -1.52
C PRO A 56 -16.41 33.15 -2.27
N VAL A 57 -17.44 33.70 -2.89
CA VAL A 57 -17.36 34.98 -3.60
C VAL A 57 -17.66 36.09 -2.61
N PRO A 58 -16.78 37.10 -2.47
CA PRO A 58 -17.03 38.17 -1.50
C PRO A 58 -18.32 38.89 -1.84
N GLU A 59 -19.04 39.30 -0.81
CA GLU A 59 -20.23 40.13 -1.04
C GLU A 59 -19.83 41.55 -1.39
N ASN A 60 -18.70 42.01 -0.84
CA ASN A 60 -18.19 43.32 -1.06
C ASN A 60 -16.68 43.18 -1.19
N PRO A 61 -16.07 43.71 -2.27
CA PRO A 61 -16.72 44.41 -3.38
C PRO A 61 -17.57 43.47 -4.26
N LYS A 62 -18.40 44.07 -5.10
CA LYS A 62 -19.25 43.32 -6.03
C LYS A 62 -18.40 42.69 -7.13
N VAL A 63 -18.54 41.38 -7.33
CA VAL A 63 -17.65 40.63 -8.21
C VAL A 63 -18.36 40.32 -9.53
N LEU A 64 -17.76 40.75 -10.64
CA LEU A 64 -18.22 40.42 -11.99
C LEU A 64 -17.67 39.09 -12.49
N ARG A 65 -16.38 38.81 -12.26
CA ARG A 65 -15.75 37.61 -12.83
C ARG A 65 -14.64 37.09 -11.93
N LEU A 66 -14.35 35.80 -12.08
CA LEU A 66 -13.12 35.20 -11.55
C LEU A 66 -12.15 34.97 -12.71
N GLU A 67 -10.92 35.48 -12.58
CA GLU A 67 -9.90 35.26 -13.58
C GLU A 67 -8.73 34.51 -12.95
N GLY A 68 -7.99 33.79 -13.78
CA GLY A 68 -6.83 33.06 -13.31
C GLY A 68 -6.31 32.15 -14.40
N ALA A 69 -5.45 31.21 -14.00
CA ALA A 69 -4.84 30.26 -14.90
C ALA A 69 -4.51 29.01 -14.09
N CYS A 70 -4.21 27.92 -14.80
CA CYS A 70 -3.97 26.66 -14.10
C CYS A 70 -3.04 25.80 -14.93
N GLY A 71 -2.43 24.82 -14.27
CA GLY A 71 -1.52 23.93 -14.96
C GLY A 71 -0.75 23.05 -13.99
N ILE A 72 0.11 22.22 -14.57
CA ILE A 72 0.90 21.26 -13.78
C ILE A 72 2.13 21.96 -13.23
N ASP A 73 2.42 21.74 -11.95
CA ASP A 73 3.58 22.40 -11.35
C ASP A 73 4.87 21.70 -11.79
N ASP A 74 5.90 22.50 -12.10
CA ASP A 74 7.19 21.97 -12.56
C ASP A 74 7.93 21.21 -11.47
N GLY A 75 7.53 21.34 -10.21
CA GLY A 75 8.15 20.59 -9.14
C GLY A 75 7.81 19.11 -9.16
N ALA A 76 6.82 18.70 -9.94
CA ALA A 76 6.50 17.29 -10.05
C ALA A 76 7.68 16.53 -10.65
N ASP A 77 8.01 15.38 -10.04
CA ASP A 77 9.13 14.55 -10.46
C ASP A 77 8.82 13.73 -11.71
N GLY A 78 7.60 13.79 -12.23
CA GLY A 78 7.21 13.05 -13.41
C GLY A 78 6.11 13.80 -14.14
N ASP A 79 5.57 13.20 -15.20
CA ASP A 79 4.64 13.88 -16.10
C ASP A 79 3.19 13.58 -15.68
N GLY A 80 2.64 14.41 -14.80
CA GLY A 80 1.28 14.20 -14.35
C GLY A 80 0.25 14.57 -15.44
N SER A 81 -1.02 14.43 -15.07
CA SER A 81 -2.10 14.69 -16.02
C SER A 81 -3.32 15.11 -15.21
N VAL A 82 -3.80 16.33 -15.43
CA VAL A 82 -4.88 16.88 -14.62
C VAL A 82 -5.84 17.60 -15.52
N GLU A 83 -7.14 17.43 -15.27
CA GLU A 83 -8.16 18.25 -15.91
C GLU A 83 -8.70 19.22 -14.87
N PHE A 84 -8.50 20.50 -15.10
CA PHE A 84 -9.00 21.53 -14.18
C PHE A 84 -10.41 21.91 -14.61
N ARG A 85 -11.28 22.14 -13.62
CA ARG A 85 -12.66 22.55 -13.86
C ARG A 85 -13.00 23.69 -12.91
N VAL A 86 -13.63 24.74 -13.41
CA VAL A 86 -14.24 25.76 -12.55
C VAL A 86 -15.74 25.53 -12.58
N MET A 87 -16.33 25.30 -11.41
CA MET A 87 -17.71 24.87 -11.30
C MET A 87 -18.52 25.84 -10.47
N SER A 88 -19.77 26.03 -10.87
CA SER A 88 -20.78 26.62 -10.01
C SER A 88 -21.32 25.50 -9.15
N GLY A 89 -22.34 25.79 -8.34
CA GLY A 89 -22.93 24.69 -7.59
C GLY A 89 -23.74 23.71 -8.42
N SER A 90 -23.99 24.02 -9.69
CA SER A 90 -24.83 23.14 -10.51
C SER A 90 -24.21 22.74 -11.86
N GLU A 91 -23.16 23.40 -12.34
CA GLU A 91 -22.61 23.09 -13.66
C GLU A 91 -21.11 23.36 -13.71
N VAL A 92 -20.43 22.61 -14.57
CA VAL A 92 -19.06 22.95 -14.99
C VAL A 92 -19.10 24.20 -15.86
N LEU A 93 -18.36 25.24 -15.46
CA LEU A 93 -18.36 26.48 -16.22
C LEU A 93 -17.23 26.54 -17.21
N TRP A 94 -16.12 25.86 -16.92
CA TRP A 94 -14.94 25.93 -17.75
C TRP A 94 -14.10 24.70 -17.46
N SER A 95 -13.50 24.11 -18.49
CA SER A 95 -12.57 23.00 -18.32
C SER A 95 -11.30 23.28 -19.08
N SER A 96 -10.16 22.86 -18.53
CA SER A 96 -8.88 23.04 -19.19
C SER A 96 -8.60 21.98 -20.25
N GLY A 97 -9.36 20.88 -20.28
CA GLY A 97 -8.89 19.67 -20.92
C GLY A 97 -7.71 19.10 -20.13
N VAL A 98 -7.13 18.02 -20.64
CA VAL A 98 -6.06 17.36 -19.88
C VAL A 98 -4.77 18.17 -19.99
N MET A 99 -4.24 18.60 -18.86
N MET A 99 -4.26 18.64 -18.85
CA MET A 99 -2.98 19.33 -18.86
CA MET A 99 -2.99 19.36 -18.79
C MET A 99 -1.83 18.47 -18.36
C MET A 99 -1.85 18.41 -18.41
N ARG A 100 -0.67 18.66 -18.97
CA ARG A 100 0.52 17.85 -18.68
C ARG A 100 1.67 18.75 -18.24
N ARG A 101 2.65 18.15 -17.58
CA ARG A 101 3.81 18.92 -17.15
C ARG A 101 4.49 19.54 -18.36
N GLY A 102 4.89 20.80 -18.22
CA GLY A 102 5.53 21.52 -19.31
C GLY A 102 4.59 22.39 -20.12
N MET A 103 3.30 22.10 -20.13
CA MET A 103 2.37 22.95 -20.87
C MET A 103 2.24 24.31 -20.17
N ALA A 104 2.16 25.38 -20.98
CA ALA A 104 1.92 26.72 -20.43
C ALA A 104 0.58 26.74 -19.69
N ALA A 105 0.50 27.56 -18.65
CA ALA A 105 -0.74 27.69 -17.90
C ALA A 105 -1.90 28.12 -18.80
N LYS A 106 -3.09 27.55 -18.58
CA LYS A 106 -4.25 27.92 -19.38
C LYS A 106 -5.09 28.91 -18.59
N LYS A 107 -5.42 30.04 -19.23
CA LYS A 107 -6.15 31.13 -18.60
C LYS A 107 -7.65 30.95 -18.72
N PHE A 108 -8.38 31.47 -17.73
CA PHE A 108 -9.84 31.47 -17.73
C PHE A 108 -10.36 32.80 -17.19
N SER A 109 -11.58 33.13 -17.59
CA SER A 109 -12.30 34.31 -17.12
C SER A 109 -13.79 33.92 -17.03
N ILE A 110 -14.30 33.78 -15.81
CA ILE A 110 -15.56 33.12 -15.53
C ILE A 110 -16.56 34.17 -15.05
N PRO A 111 -17.76 34.26 -15.66
CA PRO A 111 -18.73 35.24 -15.17
C PRO A 111 -19.32 34.79 -13.84
N VAL A 112 -19.39 35.73 -12.88
CA VAL A 112 -19.89 35.47 -11.54
C VAL A 112 -21.23 36.17 -11.31
N ALA A 113 -21.24 37.51 -11.37
CA ALA A 113 -22.45 38.27 -11.03
C ALA A 113 -23.64 37.86 -11.91
N GLU A 114 -23.41 37.70 -13.22
CA GLU A 114 -24.55 37.46 -14.09
C GLU A 114 -25.06 36.03 -13.98
N ASN A 115 -24.30 35.13 -13.33
CA ASN A 115 -24.80 33.82 -12.95
C ASN A 115 -25.35 33.78 -11.54
N GLY A 116 -25.34 34.90 -10.82
CA GLY A 116 -25.82 34.90 -9.44
C GLY A 116 -24.99 34.04 -8.51
N ILE A 117 -23.71 33.84 -8.82
CA ILE A 117 -22.86 32.89 -8.11
C ILE A 117 -22.27 33.54 -6.86
N ARG A 118 -22.39 32.86 -5.71
CA ARG A 118 -21.71 33.28 -4.50
C ARG A 118 -20.72 32.24 -4.00
N HIS A 119 -20.62 31.08 -4.65
CA HIS A 119 -19.61 30.09 -4.31
C HIS A 119 -19.12 29.41 -5.57
N LEU A 120 -17.79 29.33 -5.72
CA LEU A 120 -17.21 28.57 -6.82
C LEU A 120 -16.49 27.35 -6.26
N TYR A 121 -16.30 26.35 -7.12
CA TYR A 121 -15.60 25.12 -6.78
C TYR A 121 -14.49 24.90 -7.79
N LEU A 122 -13.25 24.88 -7.31
CA LEU A 122 -12.07 24.77 -8.17
C LEU A 122 -11.63 23.32 -8.09
N MET A 123 -11.83 22.58 -9.18
CA MET A 123 -11.62 21.14 -9.16
C MET A 123 -10.43 20.78 -10.03
N ALA A 124 -9.59 19.87 -9.53
CA ALA A 124 -8.50 19.28 -10.29
C ALA A 124 -8.75 17.79 -10.36
N ASP A 125 -9.08 17.26 -11.53
CA ASP A 125 -9.40 15.84 -11.62
C ASP A 125 -8.19 15.05 -12.09
N ARG A 126 -7.96 13.89 -11.46
CA ARG A 126 -6.75 13.11 -11.74
C ARG A 126 -6.74 12.49 -13.14
N VAL A 127 -7.89 12.40 -13.82
CA VAL A 127 -8.01 11.83 -15.17
C VAL A 127 -7.86 10.31 -15.14
N ASP A 128 -6.66 9.82 -14.78
CA ASP A 128 -6.32 8.41 -14.92
C ASP A 128 -5.89 7.84 -13.58
N ASN A 129 -4.69 8.17 -13.12
CA ASN A 129 -4.28 8.02 -11.73
C ASN A 129 -3.76 9.39 -11.29
N ASN A 130 -3.36 9.53 -10.03
CA ASN A 130 -2.93 10.84 -9.56
C ASN A 130 -1.41 10.96 -9.43
N SER A 131 -0.64 10.02 -10.00
CA SER A 131 0.82 10.13 -9.97
C SER A 131 1.32 11.41 -10.64
N TYR A 132 2.02 12.25 -9.86
CA TYR A 132 2.67 13.47 -10.32
C TYR A 132 1.67 14.57 -10.66
N ASP A 133 0.45 14.44 -10.19
CA ASP A 133 -0.59 15.43 -10.51
C ASP A 133 -0.48 16.65 -9.58
N HIS A 134 0.70 17.27 -9.53
CA HIS A 134 0.83 18.53 -8.80
C HIS A 134 0.09 19.60 -9.57
N ALA A 135 -0.99 20.12 -9.01
CA ALA A 135 -1.92 20.97 -9.75
C ALA A 135 -1.85 22.37 -9.16
N ASP A 136 -1.63 23.39 -10.00
CA ASP A 136 -1.58 24.78 -9.57
C ASP A 136 -2.77 25.56 -10.11
N TRP A 137 -3.33 26.42 -9.26
CA TRP A 137 -4.17 27.54 -9.69
C TRP A 137 -3.38 28.80 -9.42
N VAL A 138 -3.23 29.68 -10.43
CA VAL A 138 -2.36 30.84 -10.30
C VAL A 138 -3.06 32.11 -10.79
N ASP A 139 -2.52 33.26 -10.36
CA ASP A 139 -2.97 34.58 -10.81
C ASP A 139 -4.46 34.77 -10.60
N LEU A 140 -4.97 34.28 -9.47
CA LEU A 140 -6.39 34.34 -9.20
C LEU A 140 -6.79 35.77 -8.89
N ALA A 141 -7.79 36.28 -9.59
CA ALA A 141 -8.18 37.67 -9.44
C ALA A 141 -9.69 37.82 -9.57
N TRP A 142 -10.28 38.69 -8.76
CA TRP A 142 -11.69 39.09 -8.94
C TRP A 142 -11.72 40.33 -9.80
N LYS A 143 -12.53 40.32 -10.85
CA LYS A 143 -12.87 41.56 -11.55
C LYS A 143 -14.07 42.15 -10.84
N THR A 144 -13.93 43.37 -10.35
CA THR A 144 -14.93 43.93 -9.44
C THR A 144 -15.57 45.17 -10.03
N THR A 145 -16.75 45.53 -9.51
CA THR A 145 -17.46 46.68 -10.01
C THR A 145 -18.06 47.45 -8.85
N GLY A 146 -18.60 48.63 -9.16
CA GLY A 146 -19.15 49.52 -8.17
C GLY A 146 -20.53 49.11 -7.69
N SER A 147 -21.40 48.66 -8.60
CA SER A 147 -22.74 48.31 -8.19
C SER A 147 -23.27 47.15 -9.02
N GLY A 148 -24.20 46.41 -8.44
CA GLY A 148 -24.87 45.33 -9.14
C GLY A 148 -26.35 45.35 -8.92
N GLN A 149 -27.11 44.99 -9.96
CA GLN A 149 -28.56 44.94 -9.85
C GLN A 149 -28.98 43.77 -8.97
N GLY A 150 -29.86 44.06 -8.01
CA GLY A 150 -30.42 43.00 -7.18
C GLY A 150 -31.44 42.20 -7.97
N MET A 151 -31.32 40.88 -7.91
CA MET A 151 -32.23 39.99 -8.61
C MET A 151 -33.50 39.81 -7.81
N LYS A 152 -34.65 39.71 -8.49
CA LYS A 152 -35.94 39.78 -7.82
C LYS A 152 -36.75 38.48 -7.90
N GLY A 153 -36.08 37.34 -8.08
CA GLY A 153 -36.72 36.04 -7.99
C GLY A 153 -37.34 35.62 -9.30
N ALA A 154 -37.53 34.31 -9.45
CA ALA A 154 -38.16 33.80 -10.67
C ALA A 154 -38.85 32.49 -10.36
N VAL A 155 -39.67 32.08 -11.32
CA VAL A 155 -40.26 30.74 -11.34
C VAL A 155 -39.68 30.02 -12.54
N VAL A 156 -38.99 28.91 -12.32
CA VAL A 156 -38.34 28.17 -13.39
C VAL A 156 -39.04 26.82 -13.51
N ASN A 157 -39.63 26.53 -14.68
CA ASN A 157 -40.29 25.25 -14.91
C ASN A 157 -39.29 24.33 -15.60
N ALA A 158 -38.95 23.22 -14.96
CA ALA A 158 -37.90 22.36 -15.49
C ALA A 158 -38.25 21.79 -16.86
N SER A 159 -39.53 21.68 -17.23
CA SER A 159 -39.84 21.19 -18.57
C SER A 159 -39.34 22.16 -19.65
N GLU A 160 -39.25 23.46 -19.35
CA GLU A 160 -38.73 24.38 -20.36
C GLU A 160 -37.25 24.20 -20.61
N PHE A 161 -36.54 23.47 -19.75
CA PHE A 161 -35.13 23.14 -19.96
C PHE A 161 -34.93 21.73 -20.50
N GLY A 162 -36.00 21.04 -20.88
CA GLY A 162 -35.88 19.75 -21.51
C GLY A 162 -36.10 18.57 -20.59
N MET A 163 -36.51 18.80 -19.35
CA MET A 163 -36.78 17.69 -18.45
C MET A 163 -38.06 16.96 -18.88
N VAL A 164 -37.96 15.68 -19.22
CA VAL A 164 -39.13 14.92 -19.66
C VAL A 164 -39.28 13.65 -18.83
N PRO A 165 -40.48 13.35 -18.35
CA PRO A 165 -40.67 12.14 -17.55
C PRO A 165 -40.92 10.93 -18.44
N GLY A 166 -40.80 9.75 -17.83
CA GLY A 166 -41.24 8.55 -18.50
C GLY A 166 -40.35 8.06 -19.61
N VAL A 167 -39.09 8.47 -19.64
CA VAL A 167 -38.12 7.96 -20.59
C VAL A 167 -36.83 7.62 -19.86
N ARG A 168 -36.21 6.50 -20.23
CA ARG A 168 -34.94 6.08 -19.65
C ARG A 168 -33.78 6.80 -20.33
N LYS A 169 -33.84 8.12 -20.25
CA LYS A 169 -32.75 9.01 -20.63
C LYS A 169 -32.43 9.89 -19.42
N ASP A 170 -31.19 10.34 -19.37
CA ASP A 170 -30.69 11.06 -18.19
C ASP A 170 -31.30 12.45 -18.15
N GLN A 171 -32.12 12.72 -17.15
CA GLN A 171 -32.74 14.03 -16.97
C GLN A 171 -31.88 14.96 -16.11
N GLY A 172 -30.70 14.50 -15.68
CA GLY A 172 -29.81 15.29 -14.85
C GLY A 172 -29.38 16.61 -15.47
N PRO A 173 -28.80 16.57 -16.68
CA PRO A 173 -28.31 17.82 -17.29
C PRO A 173 -29.40 18.88 -17.46
N ALA A 174 -30.62 18.47 -17.86
CA ALA A 174 -31.74 19.42 -17.97
C ALA A 174 -32.05 20.05 -16.61
N LEU A 175 -32.16 19.24 -15.57
CA LEU A 175 -32.48 19.78 -14.26
C LEU A 175 -31.40 20.73 -13.78
N ARG A 176 -30.14 20.41 -14.03
CA ARG A 176 -29.04 21.25 -13.54
C ARG A 176 -29.03 22.58 -14.28
N ALA A 177 -29.33 22.57 -15.58
CA ALA A 177 -29.52 23.82 -16.30
C ALA A 177 -30.64 24.64 -15.70
N ALA A 178 -31.74 23.98 -15.30
CA ALA A 178 -32.83 24.74 -14.67
C ALA A 178 -32.38 25.34 -13.34
N VAL A 179 -31.63 24.59 -12.53
CA VAL A 179 -31.12 25.12 -11.28
C VAL A 179 -30.25 26.35 -11.52
N SER A 180 -29.37 26.27 -12.53
CA SER A 180 -28.51 27.42 -12.84
C SER A 180 -29.35 28.64 -13.21
N ALA A 181 -30.42 28.42 -13.96
CA ALA A 181 -31.23 29.56 -14.36
C ALA A 181 -31.90 30.19 -13.15
N LEU A 182 -32.37 29.37 -12.20
CA LEU A 182 -33.01 29.91 -11.02
C LEU A 182 -32.03 30.69 -10.17
N ARG A 183 -30.78 30.20 -10.06
CA ARG A 183 -29.77 30.93 -9.30
C ARG A 183 -29.53 32.32 -9.88
N ARG A 184 -29.48 32.43 -11.20
CA ARG A 184 -29.10 33.73 -11.71
C ARG A 184 -30.23 34.74 -11.63
N GLN A 185 -31.45 34.30 -11.31
CA GLN A 185 -32.55 35.23 -11.06
C GLN A 185 -32.78 35.49 -9.58
N GLY A 186 -31.93 34.98 -8.70
CA GLY A 186 -32.05 35.22 -7.27
C GLY A 186 -32.93 34.24 -6.51
N GLY A 187 -33.13 33.04 -7.01
CA GLY A 187 -33.97 32.09 -6.30
C GLY A 187 -35.42 32.24 -6.70
N GLY A 188 -36.28 31.61 -5.91
CA GLY A 188 -37.72 31.55 -6.21
C GLY A 188 -38.21 30.11 -6.19
N VAL A 189 -38.87 29.66 -7.25
CA VAL A 189 -39.49 28.33 -7.30
C VAL A 189 -38.89 27.54 -8.44
N LEU A 190 -38.50 26.29 -8.17
CA LEU A 190 -38.15 25.33 -9.21
C LEU A 190 -39.30 24.34 -9.32
N ASN A 191 -40.04 24.39 -10.43
CA ASN A 191 -41.22 23.54 -10.57
C ASN A 191 -40.88 22.31 -11.41
N ILE A 192 -41.18 21.14 -10.88
CA ILE A 192 -40.98 19.88 -11.61
C ILE A 192 -42.37 19.32 -11.92
N PRO A 193 -42.79 19.27 -13.19
CA PRO A 193 -44.10 18.70 -13.49
C PRO A 193 -44.17 17.24 -13.05
N ARG A 194 -45.32 16.87 -12.48
CA ARG A 194 -45.50 15.53 -11.90
C ARG A 194 -45.12 14.45 -12.90
N GLY A 195 -44.20 13.58 -12.49
CA GLY A 195 -43.83 12.48 -13.36
C GLY A 195 -42.76 11.64 -12.72
N ILE A 196 -42.40 10.56 -13.41
CA ILE A 196 -41.26 9.71 -13.05
C ILE A 196 -40.08 10.12 -13.92
N TYR A 197 -38.95 10.48 -13.31
CA TYR A 197 -37.79 10.96 -14.05
C TYR A 197 -36.57 10.13 -13.69
N HIS A 198 -35.71 9.85 -14.68
CA HIS A 198 -34.54 8.99 -14.49
C HIS A 198 -33.24 9.81 -14.50
N PHE A 199 -32.27 9.37 -13.68
CA PHE A 199 -31.00 10.05 -13.50
C PHE A 199 -29.89 9.01 -13.46
N TYR A 200 -28.75 9.34 -14.04
CA TYR A 200 -27.64 8.41 -14.24
C TYR A 200 -26.33 9.12 -13.91
N PRO A 201 -25.25 8.37 -13.65
CA PRO A 201 -23.97 9.01 -13.33
C PRO A 201 -23.41 9.84 -14.47
N GLU A 202 -23.70 9.45 -15.73
CA GLU A 202 -23.03 10.06 -16.87
C GLU A 202 -23.29 11.56 -16.95
N GLY A 203 -24.48 12.02 -16.59
CA GLY A 203 -24.80 13.43 -16.61
C GLY A 203 -24.83 14.12 -15.26
N ALA A 204 -24.30 13.50 -14.21
CA ALA A 204 -24.27 14.14 -12.90
C ALA A 204 -23.14 15.16 -12.84
N LEU A 205 -23.18 16.00 -11.81
CA LEU A 205 -22.09 16.95 -11.54
C LEU A 205 -21.07 16.25 -10.64
N ASN A 206 -19.91 15.90 -11.19
CA ASN A 206 -18.92 15.18 -10.40
C ASN A 206 -18.21 16.15 -9.47
N MET A 207 -18.29 15.86 -8.16
CA MET A 207 -17.67 16.66 -7.12
C MET A 207 -16.80 15.75 -6.26
N SER A 208 -15.83 16.34 -5.56
CA SER A 208 -15.04 15.58 -4.59
C SER A 208 -15.13 16.29 -3.26
N PHE A 209 -15.74 15.63 -2.27
CA PHE A 209 -15.79 16.14 -0.90
C PHE A 209 -15.94 14.93 0.03
N HIS A 210 -15.82 15.20 1.35
CA HIS A 210 -15.89 14.17 2.37
C HIS A 210 -17.26 14.17 3.02
N ILE A 211 -17.82 12.97 3.23
CA ILE A 211 -19.15 12.82 3.85
C ILE A 211 -18.98 12.05 5.13
N SER A 212 -19.43 12.64 6.24
CA SER A 212 -19.29 12.03 7.55
C SER A 212 -20.00 10.68 7.61
N ASN A 213 -19.35 9.72 8.28
CA ASN A 213 -19.93 8.42 8.64
C ASN A 213 -20.26 7.57 7.42
N HIS A 214 -19.46 7.73 6.35
CA HIS A 214 -19.62 6.98 5.11
C HIS A 214 -18.26 6.52 4.64
N ASP A 215 -18.24 5.57 3.68
CA ASP A 215 -17.00 5.32 2.98
C ASP A 215 -16.62 6.59 2.21
N GLN A 216 -15.40 6.62 1.67
CA GLN A 216 -14.88 7.85 1.06
C GLN A 216 -14.45 7.67 -0.39
N PRO A 217 -15.37 7.31 -1.29
CA PRO A 217 -15.02 7.34 -2.72
C PRO A 217 -14.55 8.74 -3.08
N LEU A 218 -13.63 8.79 -4.05
CA LEU A 218 -13.05 10.06 -4.43
C LEU A 218 -14.09 11.02 -5.05
N ILE A 219 -15.02 10.49 -5.84
CA ILE A 219 -15.95 11.32 -6.62
C ILE A 219 -17.36 11.03 -6.14
N HIS A 220 -18.13 12.09 -5.86
CA HIS A 220 -19.57 11.94 -5.71
C HIS A 220 -20.23 12.48 -6.97
N PRO A 221 -20.82 11.63 -7.80
CA PRO A 221 -21.63 12.14 -8.92
C PRO A 221 -22.95 12.66 -8.40
N VAL A 222 -23.15 13.98 -8.38
CA VAL A 222 -24.33 14.60 -7.77
C VAL A 222 -25.37 14.84 -8.86
N CYS A 223 -26.52 14.18 -8.73
CA CYS A 223 -27.56 14.26 -9.77
C CYS A 223 -28.42 15.51 -9.63
N VAL A 224 -28.82 15.85 -8.42
CA VAL A 224 -29.64 17.03 -8.16
C VAL A 224 -28.86 17.94 -7.23
N PRO A 225 -27.97 18.77 -7.77
CA PRO A 225 -27.17 19.64 -6.90
C PRO A 225 -27.87 20.95 -6.61
N LEU A 226 -28.36 21.10 -5.39
CA LEU A 226 -28.99 22.35 -4.97
C LEU A 226 -27.98 23.15 -4.15
N ALA A 227 -26.88 23.48 -4.82
CA ALA A 227 -25.73 24.07 -4.16
C ALA A 227 -25.58 25.51 -4.58
N ASP A 228 -25.08 26.34 -3.65
CA ASP A 228 -24.98 27.79 -3.84
C ASP A 228 -26.32 28.40 -4.27
N LEU A 229 -27.37 28.08 -3.50
CA LEU A 229 -28.69 28.65 -3.72
C LEU A 229 -29.17 29.37 -2.47
N ARG A 230 -29.96 30.42 -2.67
CA ARG A 230 -30.62 31.13 -1.59
C ARG A 230 -32.10 31.25 -1.92
N ASN A 231 -32.96 30.88 -0.96
CA ASN A 231 -34.39 31.18 -1.08
C ASN A 231 -35.02 30.44 -2.25
N VAL A 232 -34.89 29.11 -2.26
CA VAL A 232 -35.40 28.28 -3.35
C VAL A 232 -36.34 27.25 -2.77
N ARG A 233 -37.51 27.12 -3.38
CA ARG A 233 -38.46 26.07 -3.06
C ARG A 233 -38.54 25.16 -4.28
N VAL A 234 -38.20 23.89 -4.09
CA VAL A 234 -38.28 22.91 -5.17
C VAL A 234 -39.64 22.23 -5.06
N GLU A 235 -40.48 22.39 -6.10
CA GLU A 235 -41.84 21.83 -6.07
C GLU A 235 -41.83 20.53 -6.86
N GLY A 236 -41.81 19.40 -6.15
CA GLY A 236 -41.78 18.11 -6.85
C GLY A 236 -43.12 17.69 -7.44
N ASN A 237 -44.22 18.25 -6.94
CA ASN A 237 -45.57 17.92 -7.42
C ASN A 237 -45.84 16.42 -7.36
N GLY A 238 -45.21 15.74 -6.40
CA GLY A 238 -45.41 14.32 -6.25
C GLY A 238 -44.62 13.46 -7.21
N SER A 239 -43.63 14.04 -7.89
CA SER A 239 -42.76 13.28 -8.77
C SER A 239 -41.98 12.21 -8.04
N LEU A 240 -41.52 11.23 -8.82
CA LEU A 240 -40.60 10.20 -8.38
C LEU A 240 -39.34 10.34 -9.22
N PHE A 241 -38.19 10.57 -8.55
CA PHE A 241 -36.87 10.57 -9.17
C PHE A 241 -36.26 9.18 -8.97
N LEU A 242 -35.93 8.50 -10.06
CA LEU A 242 -35.33 7.17 -10.00
C LEU A 242 -33.86 7.26 -10.41
N PHE A 243 -32.99 6.67 -9.61
CA PHE A 243 -31.55 6.80 -9.80
C PHE A 243 -30.93 5.48 -10.21
N HIS A 244 -29.87 5.58 -11.00
CA HIS A 244 -29.16 4.44 -11.55
C HIS A 244 -27.67 4.62 -11.30
N GLY A 245 -26.96 3.53 -11.04
CA GLY A 245 -25.54 3.60 -10.74
C GLY A 245 -25.25 4.13 -9.34
N LYS A 246 -23.96 4.37 -9.08
CA LYS A 246 -23.48 4.89 -7.80
C LYS A 246 -23.42 6.41 -7.90
N VAL A 247 -24.34 7.09 -7.20
CA VAL A 247 -24.50 8.54 -7.29
C VAL A 247 -24.91 9.05 -5.92
N VAL A 248 -24.78 10.38 -5.75
CA VAL A 248 -25.48 11.11 -4.70
C VAL A 248 -26.73 11.71 -5.35
N PRO A 249 -27.92 11.21 -5.02
CA PRO A 249 -29.13 11.77 -5.66
C PRO A 249 -29.31 13.25 -5.43
N LEU A 250 -29.27 13.70 -4.17
CA LEU A 250 -29.60 15.08 -3.81
C LEU A 250 -28.50 15.67 -2.94
N LEU A 251 -28.18 16.94 -3.18
CA LEU A 251 -27.19 17.68 -2.41
C LEU A 251 -27.68 19.09 -2.16
N VAL A 252 -27.69 19.50 -0.89
CA VAL A 252 -27.95 20.90 -0.53
C VAL A 252 -26.68 21.40 0.13
N MET A 253 -25.94 22.27 -0.55
CA MET A 253 -24.59 22.62 -0.08
C MET A 253 -24.33 24.10 -0.32
N ASP A 254 -23.75 24.79 0.68
CA ASP A 254 -23.45 26.22 0.54
C ASP A 254 -24.70 27.01 0.16
N SER A 255 -25.82 26.66 0.81
CA SER A 255 -27.12 27.19 0.45
C SER A 255 -27.84 27.71 1.69
N GLU A 256 -28.84 28.57 1.48
CA GLU A 256 -29.65 29.08 2.59
C GLU A 256 -31.11 29.04 2.19
N ASN A 257 -31.98 28.60 3.10
CA ASN A 257 -33.43 28.63 2.85
C ASN A 257 -33.83 27.88 1.57
N VAL A 258 -33.30 26.66 1.42
CA VAL A 258 -33.72 25.76 0.34
C VAL A 258 -34.72 24.78 0.92
N SER A 259 -35.87 24.63 0.27
CA SER A 259 -36.84 23.61 0.69
C SER A 259 -37.18 22.71 -0.49
N ILE A 260 -37.46 21.46 -0.18
CA ILE A 260 -37.84 20.45 -1.16
C ILE A 260 -39.20 19.95 -0.73
N ASN A 261 -40.19 20.00 -1.63
CA ASN A 261 -41.57 19.65 -1.31
C ASN A 261 -42.04 18.53 -2.22
N ARG A 262 -42.70 17.52 -1.63
CA ARG A 262 -43.52 16.56 -2.40
C ARG A 262 -42.71 15.88 -3.49
N LEU A 263 -41.65 15.19 -3.07
CA LEU A 263 -40.73 14.54 -3.98
C LEU A 263 -40.34 13.20 -3.41
N SER A 264 -40.21 12.18 -4.27
CA SER A 264 -39.75 10.87 -3.84
C SER A 264 -38.49 10.48 -4.57
N VAL A 265 -37.66 9.69 -3.90
CA VAL A 265 -36.37 9.23 -4.41
C VAL A 265 -36.30 7.72 -4.25
N ASP A 266 -35.91 7.02 -5.31
CA ASP A 266 -35.69 5.59 -5.21
C ASP A 266 -34.66 5.17 -6.25
N TYR A 267 -34.18 3.94 -6.11
CA TYR A 267 -33.32 3.30 -7.09
C TYR A 267 -34.10 2.13 -7.67
N GLU A 268 -34.04 1.96 -9.00
CA GLU A 268 -34.68 0.77 -9.57
C GLU A 268 -33.96 -0.50 -9.16
N ARG A 269 -32.64 -0.43 -9.01
CA ARG A 269 -31.84 -1.57 -8.57
C ARG A 269 -31.30 -1.18 -7.20
N SER A 270 -31.88 -1.75 -6.16
CA SER A 270 -31.50 -1.40 -4.80
C SER A 270 -30.02 -1.74 -4.53
N TRP A 271 -29.46 -1.03 -3.55
CA TRP A 271 -28.12 -1.35 -3.04
C TRP A 271 -28.12 -2.73 -2.37
N CYS A 272 -29.27 -3.19 -1.89
CA CYS A 272 -29.39 -4.50 -1.23
C CYS A 272 -30.15 -5.45 -2.14
N THR A 273 -30.07 -6.74 -1.82
CA THR A 273 -30.68 -7.78 -2.66
C THR A 273 -31.56 -8.66 -1.78
N GLU A 274 -32.84 -8.81 -2.15
CA GLU A 274 -33.76 -9.64 -1.37
C GLU A 274 -33.86 -11.04 -1.94
N ALA A 275 -33.89 -12.02 -1.05
CA ALA A 275 -34.07 -13.42 -1.41
C ALA A 275 -35.22 -13.98 -0.57
N ARG A 276 -36.14 -14.68 -1.21
CA ARG A 276 -37.23 -15.34 -0.50
C ARG A 276 -36.78 -16.73 -0.11
N VAL A 277 -36.93 -17.09 1.17
CA VAL A 277 -36.52 -18.42 1.61
C VAL A 277 -37.56 -19.44 1.17
N VAL A 278 -37.11 -20.49 0.50
CA VAL A 278 -37.99 -21.52 -0.03
C VAL A 278 -37.96 -22.79 0.80
N LYS A 279 -36.77 -23.23 1.21
CA LYS A 279 -36.60 -24.50 1.89
C LYS A 279 -35.40 -24.40 2.83
N THR A 280 -35.47 -25.13 3.95
CA THR A 280 -34.34 -25.17 4.88
C THR A 280 -34.11 -26.60 5.35
N ASP A 281 -32.86 -26.88 5.71
CA ASP A 281 -32.52 -28.00 6.58
C ASP A 281 -31.20 -27.66 7.30
N ASP A 282 -30.61 -28.64 7.96
CA ASP A 282 -29.45 -28.36 8.81
C ASP A 282 -28.22 -27.99 8.00
N ARG A 283 -28.18 -28.27 6.70
CA ARG A 283 -27.01 -27.96 5.90
C ARG A 283 -27.23 -26.88 4.87
N PHE A 284 -28.45 -26.70 4.35
CA PHE A 284 -28.69 -25.86 3.19
C PHE A 284 -29.88 -24.94 3.41
N THR A 285 -29.87 -23.82 2.69
CA THR A 285 -31.05 -22.96 2.58
C THR A 285 -31.28 -22.71 1.09
N GLU A 286 -32.47 -23.05 0.61
CA GLU A 286 -32.82 -22.77 -0.77
C GLU A 286 -33.58 -21.45 -0.81
N VAL A 287 -33.21 -20.58 -1.74
CA VAL A 287 -33.85 -19.28 -1.88
C VAL A 287 -34.22 -19.03 -3.33
N GLU A 288 -35.10 -18.06 -3.53
CA GLU A 288 -35.47 -17.57 -4.84
C GLU A 288 -35.16 -16.08 -4.88
N ILE A 289 -34.54 -15.63 -5.97
CA ILE A 289 -34.23 -14.22 -6.19
C ILE A 289 -34.83 -13.79 -7.53
N ASP A 290 -35.59 -12.70 -7.51
CA ASP A 290 -36.09 -12.07 -8.73
C ASP A 290 -34.91 -11.40 -9.42
N LYS A 291 -34.37 -12.06 -10.44
CA LYS A 291 -33.14 -11.61 -11.08
C LYS A 291 -33.35 -10.34 -11.89
N LYS A 292 -34.60 -10.06 -12.28
CA LYS A 292 -34.88 -8.80 -12.96
C LYS A 292 -34.83 -7.64 -11.98
N ALA A 293 -35.42 -7.81 -10.79
CA ALA A 293 -35.31 -6.75 -9.77
C ALA A 293 -33.91 -6.68 -9.20
N TYR A 294 -33.23 -7.81 -9.04
CA TYR A 294 -31.90 -7.86 -8.41
C TYR A 294 -30.93 -8.61 -9.31
N PRO A 295 -30.36 -7.95 -10.31
CA PRO A 295 -29.37 -8.61 -11.16
C PRO A 295 -28.16 -9.08 -10.36
N TYR A 296 -27.67 -10.26 -10.69
CA TYR A 296 -26.53 -10.85 -10.01
C TYR A 296 -25.90 -11.90 -10.93
N GLU A 297 -24.68 -12.29 -10.60
CA GLU A 297 -24.06 -13.48 -11.18
C GLU A 297 -23.49 -14.32 -10.05
N ILE A 298 -23.33 -15.61 -10.30
CA ILE A 298 -22.57 -16.49 -9.41
C ILE A 298 -21.20 -16.69 -10.05
N ARG A 299 -20.16 -16.21 -9.38
CA ARG A 299 -18.78 -16.28 -9.84
C ARG A 299 -18.00 -17.08 -8.82
N ASN A 300 -17.47 -18.23 -9.23
CA ASN A 300 -16.75 -19.15 -8.33
C ASN A 300 -17.60 -19.51 -7.13
N ASN A 301 -18.89 -19.78 -7.38
CA ASN A 301 -19.88 -20.13 -6.37
C ASN A 301 -20.00 -19.07 -5.28
N ARG A 302 -19.85 -17.79 -5.67
CA ARG A 302 -20.04 -16.66 -4.76
C ARG A 302 -20.95 -15.63 -5.41
N PHE A 303 -21.78 -15.01 -4.58
CA PHE A 303 -22.66 -13.95 -5.06
C PHE A 303 -21.86 -12.77 -5.61
N VAL A 304 -22.26 -12.26 -6.78
CA VAL A 304 -21.82 -10.97 -7.26
C VAL A 304 -23.09 -10.18 -7.57
N PHE A 305 -23.42 -9.20 -6.75
CA PHE A 305 -24.59 -8.36 -7.00
C PHE A 305 -24.22 -7.26 -7.96
N GLN A 306 -25.14 -6.92 -8.88
CA GLN A 306 -24.82 -6.04 -10.00
C GLN A 306 -25.84 -4.92 -10.17
N GLY A 307 -25.34 -3.71 -10.37
CA GLY A 307 -26.16 -2.60 -10.82
C GLY A 307 -25.48 -1.89 -11.97
N LYS A 308 -25.99 -0.75 -12.40
CA LYS A 308 -25.37 -0.08 -13.54
C LYS A 308 -23.98 0.37 -13.18
N GLY A 309 -22.98 -0.22 -13.82
CA GLY A 309 -21.62 0.16 -13.53
C GLY A 309 -21.06 -0.29 -12.20
N TRP A 310 -21.72 -1.20 -11.48
CA TRP A 310 -21.16 -1.58 -10.19
C TRP A 310 -21.42 -3.05 -9.89
N GLU A 311 -20.50 -3.61 -9.09
CA GLU A 311 -20.54 -4.96 -8.55
C GLU A 311 -20.21 -4.90 -7.08
N GLU A 312 -20.98 -5.62 -6.27
CA GLU A 312 -20.74 -5.71 -4.83
C GLU A 312 -20.83 -7.17 -4.40
N GLY A 313 -19.94 -7.55 -3.46
CA GLY A 313 -19.97 -8.88 -2.88
C GLY A 313 -20.94 -8.97 -1.72
N MET A 314 -21.14 -10.20 -1.25
CA MET A 314 -22.00 -10.43 -0.10
C MET A 314 -21.18 -10.44 1.17
N GLY A 315 -21.72 -9.82 2.22
CA GLY A 315 -21.10 -9.87 3.54
C GLY A 315 -21.98 -10.45 4.63
N SER A 316 -23.30 -10.25 4.51
CA SER A 316 -24.21 -10.63 5.59
C SER A 316 -25.64 -10.48 5.09
N CYS A 317 -26.58 -10.98 5.88
CA CYS A 317 -27.98 -10.70 5.63
C CYS A 317 -28.64 -10.20 6.91
N MET A 318 -29.71 -9.45 6.73
CA MET A 318 -30.71 -9.23 7.75
C MET A 318 -31.93 -10.05 7.36
N ALA A 319 -32.51 -10.74 8.33
CA ALA A 319 -33.57 -11.71 8.07
C ALA A 319 -34.90 -11.15 8.57
N PHE A 320 -35.90 -11.13 7.69
CA PHE A 320 -37.19 -10.51 7.97
C PHE A 320 -38.28 -11.57 7.96
N GLU A 321 -39.19 -11.47 8.93
CA GLU A 321 -40.25 -12.47 9.09
C GLU A 321 -41.37 -12.25 8.09
N LYS A 322 -41.81 -13.34 7.48
CA LYS A 322 -42.94 -13.28 6.55
C LYS A 322 -44.17 -12.70 7.22
N GLY A 323 -44.91 -11.89 6.47
CA GLY A 323 -46.16 -11.33 6.98
C GLY A 323 -45.99 -10.09 7.82
N THR A 324 -45.12 -10.15 8.83
CA THR A 324 -44.99 -9.03 9.77
C THR A 324 -43.95 -8.01 9.34
N GLY A 325 -42.89 -8.43 8.66
CA GLY A 325 -41.84 -7.49 8.33
C GLY A 325 -40.92 -7.15 9.48
N HIS A 326 -41.06 -7.81 10.62
CA HIS A 326 -40.11 -7.67 11.72
C HIS A 326 -38.78 -8.33 11.39
N ILE A 327 -37.71 -7.81 11.95
CA ILE A 327 -36.43 -8.52 11.90
C ILE A 327 -36.49 -9.69 12.88
N ILE A 328 -36.18 -10.90 12.39
CA ILE A 328 -36.38 -12.11 13.18
C ILE A 328 -35.61 -12.01 14.50
N ALA A 329 -36.28 -12.42 15.59
CA ALA A 329 -35.71 -12.30 16.92
C ALA A 329 -34.35 -13.01 17.03
N ASN A 330 -33.45 -12.39 17.80
CA ASN A 330 -32.15 -12.95 18.15
C ASN A 330 -31.31 -13.31 16.92
N THR A 331 -31.32 -12.43 15.91
CA THR A 331 -30.51 -12.60 14.72
C THR A 331 -29.41 -11.56 14.61
N SER A 332 -29.76 -10.27 14.52
CA SER A 332 -28.82 -9.22 14.17
C SER A 332 -28.17 -9.56 12.83
N ASP A 333 -26.99 -9.00 12.54
CA ASP A 333 -26.32 -9.33 11.30
C ASP A 333 -25.93 -10.80 11.29
N ILE A 334 -26.30 -11.50 10.23
CA ILE A 334 -25.87 -12.89 10.04
C ILE A 334 -24.77 -12.87 8.98
N GLY A 335 -23.52 -12.97 9.42
CA GLY A 335 -22.40 -12.88 8.49
C GLY A 335 -22.27 -14.14 7.65
N TRP A 336 -22.09 -13.97 6.34
CA TRP A 336 -21.99 -15.13 5.46
C TRP A 336 -21.58 -14.68 4.07
N ASN A 337 -20.73 -15.47 3.44
CA ASN A 337 -20.40 -15.27 2.03
C ASN A 337 -19.89 -16.58 1.47
N GLY A 338 -20.77 -17.59 1.37
CA GLY A 338 -20.35 -18.94 1.14
C GLY A 338 -20.80 -19.49 -0.21
N HIS A 339 -20.84 -20.82 -0.28
CA HIS A 339 -21.10 -21.54 -1.52
C HIS A 339 -22.55 -21.32 -1.98
N VAL A 340 -22.70 -20.80 -3.20
CA VAL A 340 -23.98 -20.64 -3.85
C VAL A 340 -24.04 -21.60 -5.02
N GLU A 341 -25.07 -22.46 -5.05
CA GLU A 341 -25.28 -23.40 -6.15
C GLU A 341 -26.55 -23.03 -6.91
N PRO A 342 -26.46 -22.64 -8.19
CA PRO A 342 -27.69 -22.35 -8.95
C PRO A 342 -28.45 -23.62 -9.24
N LEU A 343 -29.77 -23.56 -9.06
CA LEU A 343 -30.63 -24.70 -9.32
C LEU A 343 -31.50 -24.50 -10.56
N GLY A 344 -31.43 -23.34 -11.19
CA GLY A 344 -32.35 -22.98 -12.26
C GLY A 344 -33.66 -22.43 -11.72
N GLY A 345 -34.43 -21.81 -12.62
CA GLY A 345 -35.76 -21.32 -12.25
C GLY A 345 -35.74 -20.24 -11.20
N SER A 346 -34.69 -19.42 -11.18
CA SER A 346 -34.44 -18.38 -10.19
C SER A 346 -34.25 -18.91 -8.77
N ARG A 347 -33.99 -20.22 -8.64
CA ARG A 347 -33.73 -20.87 -7.35
C ARG A 347 -32.23 -21.10 -7.16
N LEU A 348 -31.77 -20.92 -5.90
CA LEU A 348 -30.39 -21.13 -5.50
C LEU A 348 -30.33 -21.95 -4.21
N ARG A 349 -29.34 -22.83 -4.10
CA ARG A 349 -29.06 -23.50 -2.83
C ARG A 349 -27.82 -22.87 -2.19
N LEU A 350 -27.98 -22.42 -0.95
CA LEU A 350 -26.90 -21.80 -0.21
C LEU A 350 -26.36 -22.78 0.83
N SER A 351 -25.04 -22.90 0.92
CA SER A 351 -24.40 -23.72 1.95
C SER A 351 -24.41 -22.93 3.25
N TRP A 352 -25.55 -23.02 3.94
CA TRP A 352 -25.86 -22.05 5.00
C TRP A 352 -26.97 -22.64 5.86
N ASN A 353 -26.71 -22.80 7.16
CA ASN A 353 -27.74 -23.27 8.08
C ASN A 353 -28.42 -22.05 8.70
N LEU A 354 -29.51 -21.60 8.06
CA LEU A 354 -30.34 -20.55 8.64
C LEU A 354 -31.46 -21.11 9.49
N ARG A 355 -31.84 -22.38 9.27
CA ARG A 355 -32.81 -23.03 10.13
C ARG A 355 -32.47 -22.82 11.61
N GLN A 356 -31.21 -23.06 11.97
CA GLN A 356 -30.81 -22.94 13.37
C GLN A 356 -30.96 -21.53 13.92
N LYS A 357 -31.14 -20.52 13.08
CA LYS A 357 -31.30 -19.15 13.54
C LYS A 357 -32.74 -18.67 13.47
N GLY A 358 -33.70 -19.58 13.28
CA GLY A 358 -35.11 -19.24 13.28
C GLY A 358 -35.69 -18.90 11.93
N ILE A 359 -34.91 -18.98 10.85
CA ILE A 359 -35.43 -18.65 9.53
C ILE A 359 -36.36 -19.77 9.06
N LYS A 360 -37.46 -19.39 8.43
CA LYS A 360 -38.47 -20.32 7.95
C LYS A 360 -38.78 -20.03 6.49
N PRO A 361 -39.29 -21.02 5.75
CA PRO A 361 -39.83 -20.74 4.42
C PRO A 361 -40.83 -19.59 4.45
N GLY A 362 -40.72 -18.69 3.49
CA GLY A 362 -41.53 -17.50 3.42
C GLY A 362 -40.85 -16.24 3.93
N ASP A 363 -39.84 -16.39 4.78
CA ASP A 363 -39.06 -15.25 5.29
C ASP A 363 -38.26 -14.62 4.14
N THR A 364 -37.82 -13.38 4.37
CA THR A 364 -37.03 -12.63 3.39
C THR A 364 -35.64 -12.37 3.94
N LEU A 365 -34.61 -12.69 3.16
CA LEU A 365 -33.24 -12.33 3.48
C LEU A 365 -32.88 -11.05 2.72
N VAL A 366 -32.38 -10.05 3.43
CA VAL A 366 -31.84 -8.87 2.78
C VAL A 366 -30.34 -9.08 2.72
N LEU A 367 -29.83 -9.43 1.54
CA LEU A 367 -28.42 -9.69 1.33
C LEU A 367 -27.70 -8.36 1.13
N ARG A 368 -26.56 -8.18 1.80
CA ARG A 368 -25.92 -6.87 1.78
C ARG A 368 -24.46 -7.00 2.21
N ASN A 369 -23.78 -5.85 2.30
CA ASN A 369 -22.49 -5.79 2.98
C ASN A 369 -22.44 -4.46 3.72
N TYR A 370 -21.29 -4.11 4.30
CA TYR A 370 -21.21 -2.89 5.10
C TYR A 370 -20.76 -1.66 4.30
N ASN A 371 -20.64 -1.77 2.98
CA ASN A 371 -20.20 -0.63 2.18
C ASN A 371 -21.30 0.41 2.08
N ARG A 372 -20.92 1.69 2.19
CA ARG A 372 -21.86 2.80 2.16
C ARG A 372 -21.18 3.98 1.49
N PRO A 373 -21.09 3.96 0.14
CA PRO A 373 -20.34 5.02 -0.58
C PRO A 373 -21.04 6.38 -0.73
N HIS A 374 -22.39 6.41 -0.78
CA HIS A 374 -23.10 7.66 -1.10
C HIS A 374 -24.44 7.71 -0.40
N PRO A 375 -24.75 8.74 0.41
CA PRO A 375 -26.10 8.88 0.95
C PRO A 375 -27.10 9.30 -0.13
N GLY A 376 -28.39 9.18 0.21
CA GLY A 376 -29.44 9.57 -0.74
C GLY A 376 -29.61 11.08 -0.84
N CYS A 377 -29.41 11.79 0.26
CA CYS A 377 -29.59 13.23 0.30
C CYS A 377 -28.56 13.78 1.26
N VAL A 378 -27.68 14.66 0.78
CA VAL A 378 -26.59 15.22 1.58
C VAL A 378 -26.87 16.70 1.82
N VAL A 379 -26.79 17.12 3.08
CA VAL A 379 -26.93 18.54 3.44
C VAL A 379 -25.62 18.95 4.12
N TYR A 380 -24.96 19.99 3.58
CA TYR A 380 -23.57 20.28 3.94
C TYR A 380 -23.35 21.78 3.81
N ARG A 381 -22.99 22.46 4.91
CA ARG A 381 -22.89 23.92 4.92
C ARG A 381 -24.16 24.57 4.36
N ALA A 382 -25.30 24.14 4.90
CA ALA A 382 -26.57 24.72 4.50
C ALA A 382 -27.29 25.24 5.74
N ARG A 383 -28.02 26.34 5.56
CA ARG A 383 -28.73 26.98 6.65
C ARG A 383 -30.23 26.99 6.34
N LYS A 384 -31.04 26.54 7.29
CA LYS A 384 -32.51 26.53 7.17
C LYS A 384 -32.98 25.74 5.94
N THR A 385 -32.65 24.46 5.95
CA THR A 385 -33.07 23.49 4.94
C THR A 385 -34.34 22.79 5.39
N SER A 386 -35.30 22.61 4.48
CA SER A 386 -36.55 21.93 4.82
C SER A 386 -36.86 20.85 3.81
N LEU A 387 -37.31 19.70 4.29
CA LEU A 387 -37.90 18.65 3.46
C LEU A 387 -39.35 18.49 3.90
N ASN A 388 -40.30 18.74 2.99
CA ASN A 388 -41.72 18.60 3.28
C ASN A 388 -42.30 17.50 2.40
N ASP A 389 -42.83 16.44 3.02
CA ASP A 389 -43.35 15.29 2.27
C ASP A 389 -42.33 14.81 1.24
N VAL A 390 -41.11 14.58 1.71
CA VAL A 390 -40.05 14.00 0.90
C VAL A 390 -39.87 12.54 1.32
N SER A 391 -39.94 11.63 0.37
CA SER A 391 -39.76 10.21 0.67
C SER A 391 -38.46 9.71 0.05
N LEU A 392 -37.56 9.19 0.88
CA LEU A 392 -36.26 8.70 0.43
C LEU A 392 -36.30 7.18 0.60
N HIS A 393 -36.58 6.45 -0.48
CA HIS A 393 -36.96 5.04 -0.34
C HIS A 393 -35.76 4.11 -0.27
N GLN A 394 -34.61 4.49 -0.81
CA GLN A 394 -33.47 3.59 -0.89
C GLN A 394 -32.22 4.44 -1.09
N SER A 395 -31.08 3.94 -0.64
CA SER A 395 -29.82 4.70 -0.71
C SER A 395 -28.65 3.77 -0.48
N SER A 396 -27.51 4.13 -1.10
CA SER A 396 -26.28 3.34 -0.94
C SER A 396 -25.49 3.83 0.27
N GLY A 397 -26.19 3.85 1.38
CA GLY A 397 -25.72 4.49 2.59
C GLY A 397 -26.92 5.05 3.32
N MET A 398 -26.70 6.07 4.15
CA MET A 398 -27.80 6.67 4.87
C MET A 398 -28.73 7.36 3.88
N ALA A 399 -30.04 7.39 4.21
CA ALA A 399 -30.96 8.10 3.32
C ALA A 399 -30.70 9.61 3.36
N LEU A 400 -30.49 10.15 4.56
CA LEU A 400 -30.29 11.59 4.76
C LEU A 400 -29.09 11.81 5.67
N LEU A 401 -28.08 12.52 5.17
CA LEU A 401 -26.88 12.85 5.95
C LEU A 401 -26.72 14.37 5.97
N VAL A 402 -26.73 14.94 7.17
CA VAL A 402 -26.65 16.39 7.36
C VAL A 402 -25.38 16.66 8.18
N GLN A 403 -24.47 17.47 7.64
CA GLN A 403 -23.23 17.76 8.38
C GLN A 403 -22.88 19.23 8.24
N ARG A 404 -22.32 19.79 9.31
CA ARG A 404 -21.82 21.17 9.32
C ARG A 404 -22.86 22.14 8.76
N SER A 405 -24.09 22.01 9.25
CA SER A 405 -25.23 22.78 8.79
C SER A 405 -25.98 23.34 9.99
N GLU A 406 -26.83 24.33 9.76
CA GLU A 406 -27.56 25.01 10.83
C GLU A 406 -29.04 25.06 10.49
N ASP A 407 -29.88 24.52 11.38
CA ASP A 407 -31.35 24.54 11.26
C ASP A 407 -31.82 23.60 10.15
N PHE A 408 -32.48 22.51 10.52
CA PHE A 408 -32.96 21.54 9.54
C PHE A 408 -34.34 21.07 9.96
N HIS A 409 -35.27 20.97 8.99
CA HIS A 409 -36.63 20.58 9.30
C HIS A 409 -37.08 19.52 8.30
N MET A 410 -37.46 18.34 8.80
CA MET A 410 -38.12 17.33 7.97
C MET A 410 -39.53 17.13 8.50
N LYS A 411 -40.53 17.34 7.65
CA LYS A 411 -41.93 17.13 8.03
C LYS A 411 -42.61 16.21 7.03
N GLY A 412 -43.18 15.11 7.53
CA GLY A 412 -43.85 14.19 6.66
C GLY A 412 -42.87 13.35 5.85
N GLY A 413 -43.42 12.55 4.92
CA GLY A 413 -42.56 11.70 4.13
C GLY A 413 -41.84 10.70 5.01
N GLY A 414 -40.55 10.53 4.76
CA GLY A 414 -39.77 9.64 5.58
C GLY A 414 -38.87 8.72 4.77
N VAL A 415 -38.59 7.54 5.30
CA VAL A 415 -37.74 6.55 4.65
C VAL A 415 -38.52 5.24 4.74
N MET A 416 -39.27 4.93 3.69
CA MET A 416 -40.23 3.83 3.74
C MET A 416 -40.21 3.09 2.39
N VAL A 417 -40.79 1.89 2.38
CA VAL A 417 -40.87 1.11 1.15
C VAL A 417 -41.87 1.73 0.18
N ARG A 418 -41.43 1.94 -1.06
CA ARG A 418 -42.35 2.40 -2.10
C ARG A 418 -43.33 1.30 -2.49
N LYS A 419 -44.62 1.66 -2.57
CA LYS A 419 -45.64 0.67 -2.88
C LYS A 419 -45.36 0.03 -4.24
N GLY A 420 -45.46 -1.29 -4.29
CA GLY A 420 -45.29 -2.00 -5.54
C GLY A 420 -43.90 -2.57 -5.76
N THR A 421 -42.91 -2.15 -4.97
CA THR A 421 -41.58 -2.74 -5.09
C THR A 421 -41.49 -4.11 -4.46
N GLY A 422 -42.41 -4.43 -3.55
CA GLY A 422 -42.35 -5.69 -2.83
C GLY A 422 -41.19 -5.82 -1.86
N ARG A 423 -40.55 -4.71 -1.50
CA ARG A 423 -39.41 -4.77 -0.61
C ARG A 423 -39.83 -4.77 0.85
N VAL A 424 -38.92 -5.19 1.72
CA VAL A 424 -39.00 -4.97 3.16
C VAL A 424 -37.93 -4.03 3.67
N HIS A 425 -36.95 -3.67 2.85
CA HIS A 425 -35.80 -2.88 3.26
C HIS A 425 -35.86 -1.50 2.62
N THR A 426 -35.21 -0.53 3.27
CA THR A 426 -35.12 0.80 2.66
C THR A 426 -33.66 1.25 2.59
N ALA A 427 -33.27 2.19 3.43
CA ALA A 427 -31.90 2.72 3.36
C ALA A 427 -30.85 1.66 3.66
N GLY A 428 -29.71 1.75 2.98
CA GLY A 428 -28.57 0.90 3.29
C GLY A 428 -27.89 1.22 4.61
N ALA A 429 -28.32 2.28 5.30
CA ALA A 429 -27.84 2.60 6.64
C ALA A 429 -28.91 3.44 7.35
N ASP A 430 -28.52 4.46 8.13
CA ASP A 430 -29.49 5.24 8.90
C ASP A 430 -30.53 5.87 7.99
N ALA A 431 -31.71 6.14 8.57
CA ALA A 431 -32.67 6.98 7.86
C ALA A 431 -32.20 8.42 7.83
N THR A 432 -31.89 8.99 9.00
CA THR A 432 -31.40 10.36 9.09
C THR A 432 -30.24 10.41 10.05
N HIS A 433 -29.37 11.40 9.85
CA HIS A 433 -28.11 11.41 10.58
C HIS A 433 -27.58 12.83 10.57
N PHE A 434 -27.12 13.31 11.73
CA PHE A 434 -26.78 14.72 11.91
C PHE A 434 -25.40 14.81 12.57
N SER A 435 -24.38 15.14 11.79
CA SER A 435 -23.01 15.08 12.27
C SER A 435 -22.47 16.51 12.32
N ASN A 436 -22.16 17.00 13.53
CA ASN A 436 -21.60 18.34 13.71
C ASN A 436 -22.51 19.42 13.12
N THR A 437 -23.74 19.48 13.60
CA THR A 437 -24.70 20.46 13.13
C THR A 437 -25.05 21.42 14.27
N ARG A 438 -25.87 22.42 13.97
CA ARG A 438 -26.24 23.38 15.00
C ARG A 438 -27.59 24.00 14.66
N GLY A 439 -28.01 24.98 15.46
CA GLY A 439 -29.38 25.45 15.33
C GLY A 439 -30.35 24.38 15.80
N GLY A 440 -31.53 24.34 15.20
CA GLY A 440 -32.57 23.41 15.59
C GLY A 440 -32.77 22.33 14.54
N ILE A 441 -32.82 21.08 15.00
CA ILE A 441 -33.22 19.92 14.19
C ILE A 441 -34.65 19.59 14.57
N VAL A 442 -35.54 19.50 13.58
CA VAL A 442 -36.92 19.05 13.81
C VAL A 442 -37.24 17.99 12.77
N VAL A 443 -37.52 16.77 13.23
CA VAL A 443 -37.93 15.67 12.37
C VAL A 443 -39.27 15.19 12.91
N GLU A 444 -40.34 15.33 12.11
CA GLU A 444 -41.68 15.07 12.62
C GLU A 444 -42.59 14.49 11.55
N LYS A 445 -43.58 13.72 12.00
CA LYS A 445 -44.68 13.24 11.17
C LYS A 445 -44.20 12.34 10.03
N ALA A 446 -43.08 11.66 10.23
CA ALA A 446 -42.46 10.85 9.19
C ALA A 446 -42.58 9.37 9.54
N LEU A 447 -42.51 8.54 8.50
CA LEU A 447 -42.48 7.09 8.63
C LEU A 447 -41.07 6.60 8.32
N PHE A 448 -40.44 5.90 9.26
CA PHE A 448 -39.11 5.33 9.05
C PHE A 448 -39.17 3.82 9.29
N GLU A 449 -39.11 3.02 8.22
CA GLU A 449 -39.21 1.58 8.32
C GLU A 449 -38.14 0.88 7.51
N GLY A 450 -37.70 -0.28 8.02
CA GLY A 450 -36.89 -1.17 7.22
C GLY A 450 -35.49 -0.70 6.90
N MET A 451 -34.97 0.32 7.60
CA MET A 451 -33.61 0.79 7.32
C MET A 451 -32.58 -0.19 7.87
N MET A 452 -31.41 -0.19 7.26
CA MET A 452 -30.30 -0.99 7.79
C MET A 452 -29.58 -0.30 8.96
N ASP A 453 -30.20 0.71 9.58
CA ASP A 453 -29.67 1.28 10.81
C ASP A 453 -30.71 2.15 11.48
N ASP A 454 -30.30 3.07 12.34
CA ASP A 454 -31.26 3.82 13.15
C ASP A 454 -32.06 4.82 12.31
N ALA A 455 -33.14 5.32 12.91
CA ALA A 455 -33.93 6.37 12.26
C ALA A 455 -33.28 7.74 12.39
N ILE A 456 -32.50 7.97 13.44
CA ILE A 456 -31.81 9.26 13.61
C ILE A 456 -30.62 9.03 14.53
N ASN A 457 -29.52 9.73 14.24
CA ASN A 457 -28.33 9.73 15.09
C ASN A 457 -27.78 11.15 15.03
N VAL A 458 -27.73 11.81 16.18
CA VAL A 458 -27.25 13.20 16.31
C VAL A 458 -25.99 13.16 17.17
N HIS A 459 -24.87 13.64 16.63
CA HIS A 459 -23.62 13.58 17.39
C HIS A 459 -22.64 14.61 16.87
N SER A 460 -21.59 14.84 17.67
CA SER A 460 -20.37 15.52 17.27
C SER A 460 -19.33 14.50 16.85
N THR A 461 -18.32 14.97 16.13
CA THR A 461 -17.12 14.19 15.86
C THR A 461 -16.01 14.69 16.76
N CYS A 462 -15.44 13.84 17.60
CA CYS A 462 -14.33 14.31 18.41
C CYS A 462 -13.02 13.77 17.84
N LEU A 463 -12.02 14.65 17.77
CA LEU A 463 -10.72 14.25 17.23
C LEU A 463 -9.82 13.82 18.38
N GLY A 464 -8.86 12.94 18.09
CA GLY A 464 -7.89 12.55 19.12
C GLY A 464 -6.72 13.53 19.13
N VAL A 465 -6.31 13.93 20.33
CA VAL A 465 -5.08 14.72 20.47
C VAL A 465 -3.90 13.75 20.37
N MET A 466 -3.12 13.86 19.31
CA MET A 466 -1.97 13.00 19.10
C MET A 466 -0.70 13.54 19.75
N GLU A 467 -0.57 14.86 19.85
CA GLU A 467 0.64 15.50 20.35
C GLU A 467 0.33 16.93 20.72
N VAL A 468 0.86 17.39 21.87
CA VAL A 468 0.87 18.81 22.17
C VAL A 468 2.24 19.33 21.77
N VAL A 469 2.26 20.14 20.71
CA VAL A 469 3.51 20.58 20.13
C VAL A 469 4.14 21.70 20.96
N ASP A 470 3.33 22.65 21.40
CA ASP A 470 3.78 23.71 22.31
C ASP A 470 2.54 24.21 23.05
N SER A 471 2.71 25.30 23.82
CA SER A 471 1.62 25.72 24.68
C SER A 471 0.38 26.18 23.92
N HIS A 472 0.49 26.42 22.61
CA HIS A 472 -0.65 26.87 21.80
C HIS A 472 -1.01 25.92 20.66
N THR A 473 -0.39 24.75 20.55
CA THR A 473 -0.45 23.97 19.31
C THR A 473 -0.73 22.50 19.58
N LEU A 474 -1.75 21.97 18.92
CA LEU A 474 -2.19 20.58 19.04
C LEU A 474 -2.11 19.90 17.68
N LYS A 475 -1.61 18.67 17.66
CA LYS A 475 -1.77 17.79 16.51
C LYS A 475 -2.94 16.88 16.81
N CYS A 476 -3.94 16.90 15.93
CA CYS A 476 -5.17 16.15 16.15
C CYS A 476 -5.41 15.23 14.98
N LYS A 477 -6.06 14.09 15.23
CA LYS A 477 -6.33 13.11 14.18
C LYS A 477 -7.81 12.77 14.12
N TYR A 478 -8.34 12.64 12.90
CA TYR A 478 -9.62 11.98 12.71
C TYR A 478 -9.43 10.50 12.91
N MET A 479 -10.04 9.94 13.96
CA MET A 479 -9.70 8.59 14.42
C MET A 479 -10.49 7.47 13.75
N HIS A 480 -11.66 7.74 13.17
CA HIS A 480 -12.48 6.69 12.55
C HIS A 480 -12.44 6.86 11.04
N ARG A 481 -12.17 5.74 10.32
CA ARG A 481 -11.92 5.80 8.88
C ARG A 481 -13.11 6.31 8.06
N GLN A 482 -14.33 6.27 8.59
CA GLN A 482 -15.48 6.75 7.85
C GLN A 482 -15.86 8.16 8.24
N ALA A 483 -15.07 8.83 9.11
CA ALA A 483 -15.37 10.23 9.47
C ALA A 483 -14.04 10.97 9.43
N VAL A 484 -13.60 11.31 8.20
CA VAL A 484 -12.32 11.98 7.97
C VAL A 484 -12.54 13.18 7.07
N GLY A 485 -11.61 14.14 7.16
CA GLY A 485 -11.46 15.12 6.10
C GLY A 485 -12.40 16.31 6.09
N PHE A 486 -13.70 16.11 6.35
CA PHE A 486 -14.61 17.26 6.35
C PHE A 486 -14.25 18.17 7.52
N GLU A 487 -14.54 19.46 7.36
CA GLU A 487 -14.08 20.45 8.34
C GLU A 487 -14.82 20.25 9.67
N VAL A 488 -14.06 20.23 10.76
CA VAL A 488 -14.64 20.17 12.09
C VAL A 488 -14.23 21.34 12.96
N PHE A 489 -13.16 22.05 12.61
CA PHE A 489 -12.74 23.27 13.30
C PHE A 489 -12.33 24.31 12.28
N LEU A 490 -12.92 25.50 12.38
CA LEU A 490 -12.49 26.63 11.58
C LEU A 490 -11.95 27.75 12.48
N PRO A 491 -11.15 28.67 11.94
CA PRO A 491 -10.67 29.78 12.75
C PRO A 491 -11.83 30.52 13.39
N GLY A 492 -11.67 30.85 14.67
CA GLY A 492 -12.69 31.56 15.41
C GLY A 492 -13.68 30.67 16.15
N GLU A 493 -13.74 29.39 15.82
CA GLU A 493 -14.69 28.50 16.48
C GLU A 493 -14.12 28.05 17.83
N LYS A 494 -15.01 27.62 18.71
CA LYS A 494 -14.63 27.21 20.06
C LYS A 494 -14.41 25.71 20.12
N ILE A 495 -13.38 25.32 20.87
CA ILE A 495 -13.01 23.92 21.12
C ILE A 495 -13.36 23.56 22.55
N ARG A 496 -13.93 22.38 22.75
CA ARG A 496 -14.11 21.83 24.09
C ARG A 496 -13.12 20.68 24.25
N PHE A 497 -12.29 20.73 25.30
CA PHE A 497 -11.38 19.62 25.59
C PHE A 497 -12.10 18.52 26.36
N ILE A 498 -11.68 17.27 26.13
CA ILE A 498 -12.23 16.10 26.79
C ILE A 498 -11.07 15.32 27.40
N ASN A 499 -11.11 15.08 28.71
CA ASN A 499 -10.10 14.21 29.29
C ASN A 499 -10.35 12.78 28.83
N GLY A 500 -9.40 12.23 28.10
CA GLY A 500 -9.58 10.94 27.45
C GLY A 500 -9.93 9.77 28.36
N PRO A 501 -9.14 9.56 29.41
CA PRO A 501 -9.37 8.36 30.24
C PRO A 501 -10.72 8.34 30.92
N THR A 502 -11.33 9.49 31.20
CA THR A 502 -12.54 9.52 32.00
C THR A 502 -13.73 10.10 31.26
N LEU A 503 -13.60 10.39 29.97
CA LEU A 503 -14.67 11.02 29.18
C LEU A 503 -15.27 12.21 29.94
N GLU A 504 -14.42 13.17 30.30
CA GLU A 504 -14.89 14.34 31.05
C GLU A 504 -14.57 15.59 30.27
N PRO A 505 -15.56 16.21 29.63
CA PRO A 505 -15.36 17.54 29.06
C PRO A 505 -14.69 18.47 30.07
N GLY A 506 -13.71 19.25 29.60
CA GLY A 506 -12.95 20.10 30.48
C GLY A 506 -13.14 21.56 30.14
N GLY A 507 -12.05 22.25 29.86
CA GLY A 507 -12.08 23.65 29.53
C GLY A 507 -12.40 23.86 28.06
N THR A 508 -12.34 25.13 27.67
CA THR A 508 -12.61 25.52 26.29
C THR A 508 -11.44 26.37 25.78
N ALA A 509 -11.43 26.60 24.48
CA ALA A 509 -10.42 27.43 23.85
C ALA A 509 -11.01 27.94 22.54
N THR A 510 -10.31 28.90 21.93
CA THR A 510 -10.69 29.44 20.64
C THR A 510 -9.63 29.09 19.60
N VAL A 511 -10.06 28.49 18.48
CA VAL A 511 -9.15 28.21 17.38
C VAL A 511 -8.63 29.52 16.80
N LYS A 512 -7.30 29.68 16.81
CA LYS A 512 -6.70 30.79 16.09
C LYS A 512 -6.48 30.42 14.63
N THR A 513 -5.85 29.28 14.39
CA THR A 513 -5.64 28.76 13.05
C THR A 513 -5.83 27.25 13.08
N ALA A 514 -6.16 26.71 11.93
CA ALA A 514 -6.18 25.26 11.78
C ALA A 514 -5.67 24.94 10.39
N VAL A 515 -4.79 23.94 10.30
CA VAL A 515 -4.21 23.53 9.04
C VAL A 515 -4.45 22.03 8.88
N LYS A 516 -5.07 21.64 7.77
CA LYS A 516 -5.25 20.22 7.46
C LYS A 516 -4.01 19.71 6.75
N LYS A 517 -3.32 18.75 7.35
CA LYS A 517 -2.09 18.21 6.76
C LYS A 517 -2.37 17.11 5.75
N ASN A 518 -3.45 16.35 5.95
CA ASN A 518 -3.96 15.37 5.00
C ASN A 518 -5.38 15.07 5.47
N SER A 519 -6.01 14.10 4.83
CA SER A 519 -7.42 13.86 5.12
C SER A 519 -7.67 13.48 6.58
N ALA A 520 -6.68 12.97 7.29
CA ALA A 520 -6.90 12.50 8.65
C ALA A 520 -6.17 13.29 9.73
N GLU A 521 -5.34 14.27 9.38
CA GLU A 521 -4.52 14.95 10.38
C GLU A 521 -4.65 16.46 10.25
N MET A 522 -4.79 17.14 11.39
CA MET A 522 -4.76 18.60 11.38
C MET A 522 -3.92 19.11 12.54
N VAL A 523 -3.42 20.34 12.38
CA VAL A 523 -2.68 21.08 13.40
C VAL A 523 -3.51 22.30 13.78
N ILE A 524 -3.86 22.41 15.06
CA ILE A 524 -4.72 23.48 15.55
C ILE A 524 -3.89 24.37 16.47
N THR A 525 -3.95 25.68 16.24
CA THR A 525 -3.36 26.68 17.11
C THR A 525 -4.47 27.44 17.82
N VAL A 526 -4.35 27.59 19.13
CA VAL A 526 -5.43 28.21 19.91
C VAL A 526 -4.97 29.59 20.34
N GLU A 527 -5.94 30.45 20.69
CA GLU A 527 -5.64 31.84 21.03
C GLU A 527 -4.86 31.94 22.34
N GLU A 528 -5.36 31.32 23.39
CA GLU A 528 -4.77 31.37 24.72
C GLU A 528 -4.01 30.09 25.01
N PRO A 529 -3.13 30.08 26.01
CA PRO A 529 -2.37 28.85 26.30
C PRO A 529 -3.30 27.71 26.66
N LEU A 530 -2.93 26.52 26.20
CA LEU A 530 -3.73 25.33 26.49
C LEU A 530 -3.75 25.08 27.99
N PRO A 531 -4.89 24.65 28.55
CA PRO A 531 -4.89 24.16 29.93
C PRO A 531 -3.81 23.11 30.08
N SER A 532 -3.18 23.06 31.28
CA SER A 532 -2.09 22.12 31.46
C SER A 532 -2.56 20.66 31.49
N SER A 533 -3.85 20.41 31.70
CA SER A 533 -4.39 19.06 31.70
C SER A 533 -4.59 18.47 30.30
N VAL A 534 -4.45 19.28 29.24
CA VAL A 534 -4.62 18.80 27.88
C VAL A 534 -3.34 18.14 27.40
N ARG A 535 -3.43 16.88 26.99
CA ARG A 535 -2.26 16.08 26.63
C ARG A 535 -2.61 15.14 25.49
N ALA A 536 -1.56 14.59 24.87
CA ALA A 536 -1.76 13.47 23.96
C ALA A 536 -2.59 12.42 24.68
N GLY A 537 -3.60 11.90 23.98
CA GLY A 537 -4.54 10.98 24.56
C GLY A 537 -5.86 11.60 24.97
N ASP A 538 -5.91 12.91 25.07
CA ASP A 538 -7.19 13.56 25.24
C ASP A 538 -7.89 13.67 23.88
N ALA A 539 -9.07 14.28 23.87
CA ALA A 539 -9.85 14.46 22.64
C ALA A 539 -10.39 15.88 22.63
N VAL A 540 -10.84 16.33 21.45
CA VAL A 540 -11.42 17.66 21.30
C VAL A 540 -12.71 17.57 20.50
N GLU A 541 -13.65 18.46 20.81
CA GLU A 541 -14.87 18.53 20.03
C GLU A 541 -15.22 20.00 19.85
N ASN A 542 -16.07 20.30 18.88
CA ASN A 542 -16.36 21.69 18.53
C ASN A 542 -17.49 22.20 19.41
N ALA A 543 -17.24 23.25 20.18
CA ALA A 543 -18.23 23.71 21.15
C ALA A 543 -19.24 24.66 20.55
N ASP A 544 -19.12 24.99 19.27
CA ASP A 544 -20.07 25.83 18.57
C ASP A 544 -21.10 25.05 17.76
N PHE A 545 -20.94 23.73 17.60
CA PHE A 545 -21.81 22.93 16.73
C PHE A 545 -22.53 21.86 17.55
N TYR A 546 -23.49 22.31 18.34
CA TYR A 546 -24.43 21.44 19.03
C TYR A 546 -25.85 21.84 18.64
N PRO A 547 -26.66 20.91 18.16
CA PRO A 547 -28.05 21.24 17.80
C PRO A 547 -29.04 20.92 18.90
N SER A 548 -30.15 21.67 18.98
CA SER A 548 -31.31 21.15 19.68
C SER A 548 -32.04 20.18 18.77
N VAL A 549 -32.85 19.31 19.37
CA VAL A 549 -33.48 18.20 18.63
C VAL A 549 -34.94 18.07 19.03
N VAL A 550 -35.82 18.01 18.04
CA VAL A 550 -37.21 17.64 18.25
C VAL A 550 -37.46 16.46 17.32
N PHE A 551 -37.75 15.31 17.90
CA PHE A 551 -38.05 14.11 17.13
C PHE A 551 -39.45 13.71 17.58
N ARG A 552 -40.47 14.00 16.77
CA ARG A 552 -41.82 13.87 17.30
C ARG A 552 -42.81 13.36 16.28
N ASN A 553 -43.77 12.56 16.78
CA ASN A 553 -44.90 12.09 16.00
C ASN A 553 -44.45 11.30 14.79
N ASN A 554 -43.36 10.54 14.93
CA ASN A 554 -42.89 9.64 13.89
C ASN A 554 -43.21 8.20 14.22
N ILE A 555 -43.18 7.36 13.19
CA ILE A 555 -43.21 5.92 13.31
C ILE A 555 -41.83 5.40 12.95
N VAL A 556 -41.25 4.60 13.83
CA VAL A 556 -39.96 3.97 13.61
C VAL A 556 -40.18 2.49 13.79
N ARG A 557 -39.91 1.70 12.75
CA ARG A 557 -40.29 0.30 12.88
C ARG A 557 -39.40 -0.59 12.03
N ASN A 558 -39.18 -1.80 12.54
CA ASN A 558 -38.64 -2.89 11.73
C ASN A 558 -37.29 -2.51 11.12
N ASN A 559 -36.44 -1.89 11.93
CA ASN A 559 -35.16 -1.40 11.44
C ASN A 559 -34.01 -2.03 12.21
N ARG A 560 -32.87 -2.09 11.53
CA ARG A 560 -31.67 -2.69 12.08
C ARG A 560 -31.10 -1.82 13.19
N ALA A 561 -30.57 -2.47 14.22
CA ALA A 561 -29.93 -1.80 15.32
C ALA A 561 -30.94 -0.93 16.06
N ARG A 562 -30.49 0.23 16.52
CA ARG A 562 -31.27 1.03 17.44
C ARG A 562 -32.32 1.87 16.71
N GLY A 563 -33.37 2.26 17.45
CA GLY A 563 -34.35 3.17 16.88
C GLY A 563 -33.79 4.58 16.70
N SER A 564 -33.00 5.06 17.67
CA SER A 564 -32.60 6.46 17.67
C SER A 564 -31.41 6.66 18.60
N LEU A 565 -30.53 7.60 18.24
CA LEU A 565 -29.30 7.90 19.00
C LEU A 565 -29.18 9.41 19.17
N PHE A 566 -28.89 9.87 20.40
CA PHE A 566 -28.75 11.31 20.63
C PHE A 566 -27.54 11.61 21.51
N THR A 567 -26.65 12.48 21.05
CA THR A 567 -25.55 13.00 21.88
C THR A 567 -25.36 14.48 21.54
N THR A 568 -26.05 15.36 22.29
CA THR A 568 -25.87 16.81 22.17
C THR A 568 -26.28 17.44 23.49
N PRO A 569 -25.61 18.51 23.94
CA PRO A 569 -25.99 19.14 25.22
C PRO A 569 -27.24 19.99 25.14
N GLU A 570 -27.66 20.40 23.95
CA GLU A 570 -28.88 21.20 23.82
C GLU A 570 -30.11 20.33 24.04
N ARG A 571 -31.27 20.98 24.15
CA ARG A 571 -32.50 20.28 24.48
C ARG A 571 -32.81 19.18 23.46
N VAL A 572 -33.09 17.97 23.95
CA VAL A 572 -33.54 16.86 23.11
C VAL A 572 -34.94 16.49 23.56
N LEU A 573 -35.91 16.56 22.64
CA LEU A 573 -37.30 16.22 22.91
C LEU A 573 -37.68 15.05 22.01
N VAL A 574 -38.01 13.92 22.63
CA VAL A 574 -38.45 12.74 21.90
C VAL A 574 -39.89 12.51 22.33
N GLU A 575 -40.84 12.87 21.48
CA GLU A 575 -42.23 12.99 21.92
C GLU A 575 -43.21 12.40 20.91
N GLY A 576 -44.18 11.62 21.41
CA GLY A 576 -45.28 11.20 20.56
C GLY A 576 -44.93 10.22 19.46
N ASN A 577 -43.78 9.56 19.54
CA ASN A 577 -43.38 8.62 18.50
C ASN A 577 -43.88 7.23 18.83
N LEU A 578 -43.96 6.40 17.80
CA LEU A 578 -44.17 4.97 17.94
C LEU A 578 -42.89 4.25 17.54
N PHE A 579 -42.27 3.56 18.49
CA PHE A 579 -41.12 2.69 18.23
C PHE A 579 -41.67 1.27 18.19
N ASP A 580 -41.90 0.75 16.99
CA ASP A 580 -42.66 -0.49 16.79
C ASP A 580 -41.69 -1.54 16.27
N HIS A 581 -41.26 -2.46 17.15
CA HIS A 581 -40.35 -3.54 16.76
C HIS A 581 -39.09 -3.03 16.09
N SER A 582 -38.53 -1.93 16.61
CA SER A 582 -37.14 -1.65 16.30
C SER A 582 -36.31 -2.84 16.79
N SER A 583 -35.40 -3.33 15.95
CA SER A 583 -34.74 -4.60 16.28
C SER A 583 -33.96 -4.50 17.59
N GLY A 584 -33.22 -3.42 17.78
CA GLY A 584 -32.40 -3.17 18.97
C GLY A 584 -33.11 -2.26 19.96
N SER A 585 -32.31 -1.55 20.77
CA SER A 585 -32.85 -0.55 21.70
C SER A 585 -33.62 0.52 20.94
N ALA A 586 -34.66 1.04 21.58
CA ALA A 586 -35.42 2.14 20.96
C ALA A 586 -34.62 3.44 20.97
N ILE A 587 -33.94 3.74 22.08
CA ILE A 587 -33.23 4.99 22.26
C ILE A 587 -31.88 4.69 22.87
N LEU A 588 -30.82 5.28 22.33
CA LEU A 588 -29.47 5.14 22.88
C LEU A 588 -28.85 6.52 23.03
N LEU A 589 -28.37 6.84 24.23
CA LEU A 589 -27.50 8.00 24.45
C LEU A 589 -26.07 7.48 24.65
N ALA A 590 -25.18 7.73 23.68
CA ALA A 590 -23.88 7.06 23.66
C ALA A 590 -22.79 8.07 24.01
N GLY A 591 -21.74 8.21 23.19
CA GLY A 591 -20.65 9.12 23.50
C GLY A 591 -19.37 8.34 23.77
N ASP A 592 -18.26 8.73 23.16
CA ASP A 592 -17.03 7.96 23.38
C ASP A 592 -15.85 8.78 22.87
N ALA A 593 -14.65 8.41 23.32
CA ALA A 593 -13.40 8.87 22.70
C ALA A 593 -12.46 7.68 22.55
N GLN A 594 -12.94 6.61 21.89
CA GLN A 594 -12.12 5.39 21.77
C GLN A 594 -12.52 4.49 20.62
N GLY A 595 -13.74 4.64 20.11
CA GLY A 595 -14.22 3.72 19.09
C GLY A 595 -14.81 4.44 17.89
N TRP A 596 -16.09 4.82 17.98
CA TRP A 596 -16.70 5.64 16.94
C TRP A 596 -16.20 7.08 16.96
N TYR A 597 -15.63 7.52 18.07
CA TYR A 597 -15.28 8.93 18.29
C TYR A 597 -16.43 9.86 17.94
N GLU A 598 -17.59 9.53 18.50
CA GLU A 598 -18.78 10.38 18.42
C GLU A 598 -19.12 10.82 19.82
N SER A 599 -19.32 12.13 20.01
CA SER A 599 -19.43 12.68 21.35
C SER A 599 -20.54 13.72 21.40
N GLY A 600 -20.77 14.22 22.60
CA GLY A 600 -21.75 15.27 22.83
C GLY A 600 -22.60 14.92 24.02
N ALA A 601 -22.21 15.38 25.20
CA ALA A 601 -22.91 15.00 26.41
C ALA A 601 -24.32 15.60 26.42
N CYS A 602 -25.31 14.81 26.81
CA CYS A 602 -26.67 15.32 26.89
C CYS A 602 -26.85 16.01 28.23
N HIS A 603 -27.42 17.22 28.20
CA HIS A 603 -27.72 17.97 29.41
C HIS A 603 -29.21 18.20 29.64
N GLU A 604 -30.07 17.76 28.72
CA GLU A 604 -31.49 18.08 28.81
C GLU A 604 -32.26 17.19 27.84
N VAL A 605 -32.82 16.09 28.33
CA VAL A 605 -33.46 15.11 27.47
C VAL A 605 -34.84 14.84 28.03
N VAL A 606 -35.87 15.04 27.20
CA VAL A 606 -37.24 14.72 27.56
C VAL A 606 -37.74 13.65 26.60
N ILE A 607 -38.11 12.50 27.15
CA ILE A 607 -38.66 11.38 26.38
C ILE A 607 -40.08 11.17 26.90
N ARG A 608 -41.08 11.63 26.15
CA ARG A 608 -42.44 11.61 26.70
C ARG A 608 -43.48 11.25 25.64
N LYS A 609 -44.55 10.60 26.10
CA LYS A 609 -45.73 10.32 25.26
C LYS A 609 -45.40 9.44 24.06
N ASN A 610 -44.37 8.61 24.15
CA ASN A 610 -44.06 7.63 23.12
C ASN A 610 -44.67 6.27 23.46
N THR A 611 -44.80 5.43 22.44
CA THR A 611 -45.20 4.04 22.60
C THR A 611 -44.07 3.16 22.09
N PHE A 612 -43.65 2.22 22.94
CA PHE A 612 -42.53 1.32 22.67
C PHE A 612 -43.09 -0.10 22.65
N ILE A 613 -43.08 -0.74 21.49
CA ILE A 613 -43.71 -2.06 21.34
C ILE A 613 -42.63 -3.08 20.98
N ASN A 614 -42.31 -3.97 21.93
CA ASN A 614 -41.46 -5.12 21.68
C ASN A 614 -40.20 -4.75 20.92
N ASN A 615 -39.56 -3.65 21.34
CA ASN A 615 -38.22 -3.34 20.88
C ASN A 615 -37.22 -4.31 21.49
N LEU A 616 -36.00 -4.32 20.93
CA LEU A 616 -34.85 -5.06 21.47
C LEU A 616 -35.07 -6.58 21.45
N THR A 617 -35.52 -7.09 20.29
CA THR A 617 -35.60 -8.53 20.09
C THR A 617 -34.30 -9.14 19.59
N SER A 618 -33.39 -8.31 19.08
CA SER A 618 -32.03 -8.72 18.71
C SER A 618 -31.07 -7.70 19.30
N ARG A 619 -29.86 -8.16 19.64
CA ARG A 619 -28.88 -7.31 20.31
C ARG A 619 -27.85 -6.78 19.33
N TYR A 620 -27.42 -5.55 19.58
CA TYR A 620 -26.39 -4.88 18.81
C TYR A 620 -25.48 -4.19 19.81
N GLN A 621 -24.50 -3.46 19.31
CA GLN A 621 -23.61 -2.73 20.22
C GLN A 621 -24.43 -1.79 21.10
N PHE A 622 -24.17 -1.85 22.41
CA PHE A 622 -24.74 -0.98 23.45
C PHE A 622 -26.20 -1.26 23.80
N THR A 623 -26.84 -2.30 23.26
CA THR A 623 -28.30 -2.44 23.44
C THR A 623 -28.56 -3.26 24.70
N ASN A 624 -28.52 -2.58 25.84
CA ASN A 624 -28.65 -3.26 27.13
C ASN A 624 -30.04 -3.13 27.73
N ALA A 625 -30.92 -2.31 27.13
CA ALA A 625 -32.26 -2.06 27.64
C ALA A 625 -33.02 -1.33 26.53
N ILE A 626 -34.34 -1.24 26.69
CA ILE A 626 -35.15 -0.53 25.70
C ILE A 626 -34.64 0.90 25.53
N ILE A 627 -34.37 1.58 26.64
CA ILE A 627 -33.66 2.86 26.65
C ILE A 627 -32.30 2.63 27.29
N SER A 628 -31.24 2.84 26.53
CA SER A 628 -29.89 2.53 26.97
C SER A 628 -29.04 3.79 26.93
N ILE A 629 -28.39 4.10 28.03
CA ILE A 629 -27.51 5.26 28.11
C ILE A 629 -26.12 4.70 28.36
N TYR A 630 -25.29 4.70 27.31
CA TYR A 630 -24.06 3.91 27.30
C TYR A 630 -22.91 4.74 26.72
N PRO A 631 -22.51 5.80 27.40
CA PRO A 631 -21.20 6.37 27.09
C PRO A 631 -20.12 5.36 27.44
N GLU A 632 -19.00 5.44 26.69
CA GLU A 632 -17.84 4.58 26.92
C GLU A 632 -16.82 5.35 27.73
N VAL A 633 -16.48 4.84 28.91
CA VAL A 633 -15.59 5.54 29.84
C VAL A 633 -14.50 4.53 30.19
N LYS A 634 -13.27 4.82 29.77
CA LYS A 634 -12.21 3.84 29.98
C LYS A 634 -11.89 3.66 31.46
N GLN A 635 -11.96 4.75 32.24
CA GLN A 635 -11.57 4.70 33.65
C GLN A 635 -12.72 5.27 34.50
N LEU A 636 -13.82 4.53 34.55
CA LEU A 636 -15.01 5.03 35.20
C LEU A 636 -14.80 5.22 36.70
N ASP A 637 -13.96 4.38 37.31
CA ASP A 637 -13.71 4.48 38.75
C ASP A 637 -13.07 5.82 39.12
N ARG A 638 -12.33 6.41 38.19
CA ARG A 638 -11.63 7.67 38.42
C ARG A 638 -12.43 8.89 37.98
N GLN A 639 -13.59 8.70 37.35
CA GLN A 639 -14.36 9.81 36.84
C GLN A 639 -15.01 10.59 37.99
N ARG A 640 -15.06 11.91 37.85
CA ARG A 640 -15.77 12.73 38.83
C ARG A 640 -17.07 13.29 38.29
N ASP A 641 -17.06 13.86 37.09
CA ASP A 641 -18.28 14.46 36.53
C ASP A 641 -19.07 13.40 35.78
N TYR A 642 -20.39 13.46 35.91
CA TYR A 642 -21.26 12.57 35.15
C TYR A 642 -21.41 13.08 33.72
N TYR A 643 -21.32 12.15 32.75
CA TYR A 643 -21.35 12.60 31.35
C TYR A 643 -22.73 13.10 30.97
N HIS A 644 -23.76 12.27 31.13
CA HIS A 644 -25.12 12.67 30.76
C HIS A 644 -25.88 13.16 31.97
N ARG A 645 -26.75 14.16 31.78
CA ARG A 645 -27.46 14.81 32.88
C ARG A 645 -28.88 15.17 32.50
N ASN A 646 -29.80 15.05 33.47
CA ASN A 646 -31.16 15.59 33.37
C ASN A 646 -31.96 14.91 32.26
N VAL A 647 -32.15 13.60 32.42
CA VAL A 647 -32.86 12.77 31.46
C VAL A 647 -34.20 12.42 32.10
N LEU A 648 -35.29 12.77 31.42
CA LEU A 648 -36.64 12.66 31.96
C LEU A 648 -37.45 11.75 31.06
N ILE A 649 -37.90 10.62 31.59
CA ILE A 649 -38.63 9.61 30.83
C ILE A 649 -40.00 9.50 31.48
N GLU A 650 -41.03 10.05 30.85
CA GLU A 650 -42.33 10.21 31.49
C GLU A 650 -43.46 9.97 30.51
N ASN A 651 -44.55 9.40 31.01
CA ASN A 651 -45.81 9.34 30.26
C ASN A 651 -45.66 8.60 28.95
N ASN A 652 -44.82 7.57 28.93
CA ASN A 652 -44.71 6.67 27.80
C ASN A 652 -45.45 5.37 28.10
N VAL A 653 -45.68 4.60 27.03
CA VAL A 653 -46.28 3.27 27.13
C VAL A 653 -45.23 2.28 26.65
N PHE A 654 -44.91 1.30 27.48
CA PHE A 654 -44.01 0.23 27.11
C PHE A 654 -44.81 -1.06 27.05
N LYS A 655 -44.93 -1.64 25.86
CA LYS A 655 -45.46 -2.98 25.68
C LYS A 655 -44.26 -3.86 25.37
N THR A 656 -43.89 -4.72 26.31
CA THR A 656 -42.57 -5.33 26.22
C THR A 656 -42.59 -6.72 26.85
N PHE A 657 -41.75 -7.60 26.30
CA PHE A 657 -41.44 -8.86 26.97
C PHE A 657 -40.43 -8.56 28.09
N ASP A 658 -39.85 -9.61 28.66
CA ASP A 658 -38.96 -9.50 29.83
C ASP A 658 -37.56 -9.08 29.36
N VAL A 659 -37.38 -7.77 29.23
CA VAL A 659 -36.12 -7.16 28.81
C VAL A 659 -35.95 -5.90 29.65
N PRO A 660 -34.72 -5.53 30.05
CA PRO A 660 -34.58 -4.33 30.89
C PRO A 660 -35.17 -3.10 30.23
N LEU A 661 -35.75 -2.25 31.07
CA LEU A 661 -36.38 -1.01 30.61
C LEU A 661 -35.34 0.08 30.42
N LEU A 662 -34.42 0.22 31.37
CA LEU A 662 -33.52 1.36 31.42
C LEU A 662 -32.16 0.90 31.93
N PHE A 663 -31.12 1.12 31.12
CA PHE A 663 -29.72 0.90 31.50
C PHE A 663 -29.02 2.25 31.36
N ALA A 664 -28.22 2.64 32.37
CA ALA A 664 -27.50 3.90 32.28
C ALA A 664 -26.14 3.82 32.94
N ILE A 665 -25.16 4.49 32.30
CA ILE A 665 -23.81 4.70 32.82
C ILE A 665 -23.59 6.20 32.94
N SER A 666 -22.92 6.64 34.00
CA SER A 666 -22.41 8.01 34.08
C SER A 666 -23.50 9.04 33.77
N THR A 667 -24.64 8.87 34.44
CA THR A 667 -25.78 9.75 34.28
C THR A 667 -26.21 10.32 35.64
N ASP A 668 -26.48 11.63 35.66
CA ASP A 668 -26.92 12.31 36.87
C ASP A 668 -28.26 12.98 36.60
N ASN A 669 -29.23 12.73 37.50
CA ASN A 669 -30.60 13.24 37.41
C ASN A 669 -31.36 12.53 36.30
N LEU A 670 -31.94 11.39 36.64
CA LEU A 670 -32.52 10.47 35.69
C LEU A 670 -33.85 10.03 36.27
N LYS A 671 -34.95 10.39 35.62
CA LYS A 671 -36.29 10.19 36.19
C LYS A 671 -37.10 9.29 35.26
N PHE A 672 -37.71 8.27 35.85
CA PHE A 672 -38.54 7.34 35.10
C PHE A 672 -39.87 7.34 35.83
N ILE A 673 -40.79 8.21 35.39
CA ILE A 673 -41.99 8.52 36.16
C ILE A 673 -43.24 8.47 35.28
N ASN A 674 -44.35 8.01 35.86
CA ASN A 674 -45.68 8.10 35.25
C ASN A 674 -45.74 7.41 33.90
N ASN A 675 -44.98 6.34 33.73
CA ASN A 675 -45.05 5.53 32.52
C ASN A 675 -45.98 4.33 32.76
N LYS A 676 -46.41 3.71 31.67
CA LYS A 676 -47.23 2.51 31.72
C LYS A 676 -46.44 1.36 31.10
N VAL A 677 -46.23 0.30 31.86
CA VAL A 677 -45.48 -0.85 31.39
C VAL A 677 -46.40 -2.08 31.39
N ILE A 678 -46.61 -2.67 30.23
CA ILE A 678 -47.45 -3.87 30.09
C ILE A 678 -46.56 -4.99 29.59
N TYR A 679 -46.35 -6.01 30.43
CA TYR A 679 -45.46 -7.11 30.09
C TYR A 679 -46.19 -8.20 29.33
N ASN A 680 -45.48 -8.81 28.39
CA ASN A 680 -45.93 -9.98 27.64
C ASN A 680 -44.81 -11.01 27.65
N ASP A 681 -45.07 -12.18 27.06
CA ASP A 681 -44.04 -13.22 26.94
C ASP A 681 -43.88 -13.64 25.49
N GLU A 682 -44.01 -12.69 24.57
CA GLU A 682 -43.92 -13.00 23.14
C GLU A 682 -42.50 -13.33 22.69
N PHE A 683 -41.48 -12.93 23.44
CA PHE A 683 -40.10 -13.22 23.11
C PHE A 683 -39.39 -13.71 24.36
N LYS A 684 -38.25 -14.38 24.16
CA LYS A 684 -37.54 -14.99 25.28
C LYS A 684 -37.02 -13.91 26.23
N GLY A 685 -37.27 -14.09 27.52
CA GLY A 685 -36.86 -13.10 28.50
C GLY A 685 -35.36 -13.17 28.78
N TRP A 686 -34.81 -12.03 29.18
CA TRP A 686 -33.40 -11.98 29.57
C TRP A 686 -33.15 -12.36 31.02
N GLY A 687 -34.17 -12.35 31.87
CA GLY A 687 -33.96 -12.69 33.27
C GLY A 687 -33.14 -11.69 34.06
N GLN A 688 -33.10 -10.43 33.63
CA GLN A 688 -32.30 -9.39 34.29
C GLN A 688 -33.21 -8.40 35.00
N LYS A 689 -32.60 -7.53 35.79
CA LYS A 689 -33.36 -6.52 36.49
C LYS A 689 -33.82 -5.43 35.52
N PRO A 690 -35.01 -4.84 35.76
CA PRO A 690 -35.55 -3.86 34.81
C PRO A 690 -34.78 -2.54 34.77
N PHE A 691 -34.07 -2.19 35.84
CA PHE A 691 -33.27 -0.98 35.92
C PHE A 691 -31.84 -1.36 36.29
N GLN A 692 -30.89 -0.84 35.53
CA GLN A 692 -29.48 -1.14 35.73
C GLN A 692 -28.68 0.15 35.67
N PHE A 693 -27.89 0.43 36.71
CA PHE A 693 -27.19 1.71 36.81
C PHE A 693 -25.73 1.51 37.14
N ARG A 694 -24.84 2.17 36.37
CA ARG A 694 -23.40 2.12 36.59
C ARG A 694 -22.89 3.54 36.78
N ARG A 695 -22.35 3.82 37.98
CA ARG A 695 -21.97 5.19 38.35
C ARG A 695 -23.00 6.23 37.91
N CYS A 696 -24.16 6.18 38.52
CA CYS A 696 -25.23 7.15 38.28
C CYS A 696 -25.58 7.84 39.59
N ALA A 697 -26.32 8.93 39.51
CA ALA A 697 -26.73 9.67 40.70
C ALA A 697 -28.11 10.27 40.48
N ASN A 698 -28.85 10.46 41.58
CA ASN A 698 -30.12 11.17 41.56
C ASN A 698 -31.14 10.51 40.62
N ILE A 699 -31.38 9.24 40.88
CA ILE A 699 -32.36 8.45 40.15
C ILE A 699 -33.69 8.56 40.88
N LEU A 700 -34.78 8.75 40.12
CA LEU A 700 -36.13 8.74 40.68
C LEU A 700 -37.00 7.82 39.84
N ILE A 701 -37.60 6.81 40.48
CA ILE A 701 -38.52 5.88 39.82
C ILE A 701 -39.84 5.93 40.59
N LYS A 702 -40.86 6.56 40.01
CA LYS A 702 -42.03 6.94 40.79
C LYS A 702 -43.28 6.95 39.92
N ASP A 703 -44.39 6.48 40.50
CA ASP A 703 -45.74 6.67 39.96
C ASP A 703 -45.95 5.98 38.62
N ASN A 704 -45.19 4.93 38.35
CA ASN A 704 -45.43 4.14 37.15
C ASN A 704 -46.53 3.12 37.41
N LYS A 705 -47.19 2.70 36.34
CA LYS A 705 -48.22 1.67 36.39
C LYS A 705 -47.73 0.47 35.60
N VAL A 706 -47.66 -0.70 36.24
CA VAL A 706 -47.10 -1.90 35.64
C VAL A 706 -48.16 -2.99 35.66
N LEU A 707 -48.26 -3.73 34.55
CA LEU A 707 -49.16 -4.86 34.45
C LEU A 707 -48.34 -6.05 33.96
N PRO A 708 -48.35 -7.19 34.67
CA PRO A 708 -49.10 -7.47 35.91
C PRO A 708 -48.58 -6.64 37.10
N PRO A 709 -49.45 -6.34 38.06
CA PRO A 709 -49.13 -5.32 39.07
C PRO A 709 -47.98 -5.75 39.95
N ARG A 710 -47.10 -4.79 40.26
CA ARG A 710 -45.98 -5.04 41.16
C ARG A 710 -45.54 -3.71 41.74
N THR A 711 -44.77 -3.81 42.83
CA THR A 711 -44.15 -2.66 43.48
C THR A 711 -42.66 -2.75 43.24
N TRP A 712 -42.10 -1.73 42.57
CA TRP A 712 -40.67 -1.68 42.31
C TRP A 712 -39.92 -1.16 43.53
N THR A 713 -38.85 -1.87 43.90
CA THR A 713 -37.97 -1.43 44.97
C THR A 713 -36.52 -1.46 44.53
N LEU A 714 -35.60 -1.17 45.47
CA LEU A 714 -34.17 -1.30 45.20
C LEU A 714 -33.80 -2.67 44.66
N GLU A 715 -34.53 -3.72 45.07
CA GLU A 715 -34.18 -5.06 44.62
C GLU A 715 -34.47 -5.27 43.14
N ASP A 716 -35.15 -4.34 42.50
CA ASP A 716 -35.37 -4.38 41.07
C ASP A 716 -34.34 -3.56 40.31
N CYS A 717 -33.26 -3.14 40.96
CA CYS A 717 -32.19 -2.39 40.32
C CYS A 717 -30.88 -3.14 40.47
N LYS A 718 -30.08 -3.16 39.39
CA LYS A 718 -28.70 -3.60 39.47
C LYS A 718 -27.85 -2.36 39.67
N LEU A 719 -27.10 -2.30 40.76
CA LEU A 719 -26.30 -1.12 41.08
C LEU A 719 -24.81 -1.46 41.00
N GLU A 720 -24.07 -0.62 40.25
CA GLU A 720 -22.61 -0.71 40.18
C GLU A 720 -22.03 0.67 40.41
N ASN A 721 -21.25 0.83 41.49
CA ASN A 721 -20.69 2.14 41.85
C ASN A 721 -21.79 3.21 41.90
N THR A 722 -22.96 2.81 42.38
CA THR A 722 -24.11 3.69 42.50
C THR A 722 -24.68 3.46 43.89
N PRO A 723 -24.41 4.33 44.86
CA PRO A 723 -24.94 4.11 46.22
C PRO A 723 -26.45 3.97 46.19
N SER A 724 -26.99 3.08 47.03
CA SER A 724 -28.43 2.86 47.02
C SER A 724 -29.20 4.12 47.36
N ASP A 725 -28.61 5.04 48.14
CA ASP A 725 -29.26 6.30 48.46
C ASP A 725 -29.48 7.18 47.23
N GLN A 726 -28.81 6.91 46.12
CA GLN A 726 -29.02 7.69 44.90
C GLN A 726 -30.25 7.26 44.12
N VAL A 727 -30.93 6.19 44.55
CA VAL A 727 -32.11 5.67 43.86
C VAL A 727 -33.30 5.88 44.77
N ARG A 728 -34.24 6.72 44.32
CA ARG A 728 -35.44 7.06 45.09
C ARG A 728 -36.68 6.57 44.38
N PHE A 729 -37.67 6.17 45.17
CA PHE A 729 -38.96 5.72 44.66
C PHE A 729 -40.07 6.63 45.17
N GLY A 730 -41.32 6.21 44.93
CA GLY A 730 -42.45 6.99 45.39
C GLY A 730 -43.80 6.43 44.99
N GLY A 731 -44.75 6.49 45.92
CA GLY A 731 -46.09 6.00 45.67
C GLY A 731 -46.96 6.99 44.92
N SER B 1 -17.44 -19.35 6.65
CA SER B 1 -18.05 -19.67 5.36
C SER B 1 -17.12 -19.28 4.22
N GLY B 2 -17.27 -19.94 3.07
CA GLY B 2 -16.63 -19.47 1.87
C GLY B 2 -15.12 -19.65 1.81
N THR B 3 -14.59 -20.72 2.39
CA THR B 3 -13.17 -21.01 2.26
C THR B 3 -12.94 -22.17 1.31
N ILE B 4 -11.79 -22.15 0.64
CA ILE B 4 -11.35 -23.27 -0.18
C ILE B 4 -9.93 -23.60 0.23
N ALA B 5 -9.55 -24.87 0.04
CA ALA B 5 -8.22 -25.31 0.44
C ALA B 5 -7.15 -24.60 -0.37
N VAL B 6 -6.07 -24.18 0.28
CA VAL B 6 -4.91 -23.65 -0.42
C VAL B 6 -4.17 -24.79 -1.11
N LYS B 7 -3.96 -24.67 -2.41
CA LYS B 7 -3.13 -25.62 -3.15
C LYS B 7 -1.76 -24.99 -3.34
N VAL B 8 -0.77 -25.49 -2.60
CA VAL B 8 0.58 -24.93 -2.66
C VAL B 8 1.22 -25.38 -3.97
N PRO B 9 1.60 -24.45 -4.84
CA PRO B 9 2.25 -24.84 -6.10
C PRO B 9 3.60 -25.50 -5.86
N ALA B 10 3.93 -26.50 -6.70
CA ALA B 10 5.26 -27.11 -6.59
C ALA B 10 6.36 -26.07 -6.68
N SER B 11 6.15 -25.04 -7.50
CA SER B 11 7.16 -24.00 -7.67
C SER B 11 7.46 -23.29 -6.34
N SER B 12 6.48 -23.19 -5.45
CA SER B 12 6.72 -22.58 -4.14
C SER B 12 7.69 -23.40 -3.28
N LEU B 13 7.67 -24.73 -3.39
CA LEU B 13 8.67 -25.51 -2.68
C LEU B 13 10.06 -25.23 -3.20
N LEU B 14 10.21 -25.11 -4.52
CA LEU B 14 11.53 -24.86 -5.09
C LEU B 14 12.05 -23.48 -4.76
N MET B 15 11.17 -22.53 -4.43
CA MET B 15 11.54 -21.18 -4.02
C MET B 15 11.67 -21.04 -2.51
N THR B 16 11.44 -22.11 -1.76
CA THR B 16 11.52 -22.04 -0.30
C THR B 16 12.97 -22.22 0.14
N ARG B 17 13.45 -21.33 1.01
CA ARG B 17 14.70 -21.61 1.72
C ARG B 17 14.36 -22.32 3.00
N GLN B 18 14.98 -23.49 3.23
CA GLN B 18 14.77 -24.26 4.45
C GLN B 18 16.14 -24.71 4.97
N GLU B 19 16.37 -24.48 6.26
CA GLU B 19 17.72 -24.62 6.82
C GLU B 19 18.22 -26.06 6.75
N THR B 20 17.34 -27.04 6.89
CA THR B 20 17.76 -28.43 6.81
C THR B 20 16.70 -29.24 6.08
N GLY B 21 17.14 -30.20 5.27
CA GLY B 21 16.25 -31.18 4.65
C GLY B 21 15.28 -30.58 3.65
N GLU B 22 14.16 -31.29 3.47
CA GLU B 22 13.24 -31.11 2.37
C GLU B 22 11.90 -30.56 2.88
N THR B 23 11.25 -29.72 2.07
CA THR B 23 9.90 -29.25 2.38
C THR B 23 8.87 -30.21 1.79
N ARG B 24 7.89 -30.62 2.60
CA ARG B 24 6.90 -31.58 2.14
C ARG B 24 5.49 -31.01 2.24
N LEU B 25 4.62 -31.47 1.34
CA LEU B 25 3.22 -31.09 1.37
C LEU B 25 2.39 -32.22 1.98
N ASP B 26 1.49 -31.86 2.88
CA ASP B 26 0.55 -32.76 3.54
C ASP B 26 1.24 -33.85 4.33
N ARG B 27 2.53 -33.69 4.60
CA ARG B 27 3.31 -34.56 5.45
C ARG B 27 4.20 -33.66 6.31
N SER B 28 4.57 -34.15 7.49
CA SER B 28 5.51 -33.45 8.35
C SER B 28 6.93 -33.56 7.80
N PHE B 29 7.85 -32.84 8.46
CA PHE B 29 9.25 -32.91 8.08
C PHE B 29 9.77 -34.34 8.14
N SER B 30 9.21 -35.16 9.02
CA SER B 30 9.50 -36.59 9.17
C SER B 30 8.89 -37.44 8.07
N ASN B 31 8.14 -36.84 7.15
CA ASN B 31 7.38 -37.57 6.13
C ASN B 31 6.29 -38.45 6.75
N ALA B 32 5.74 -38.02 7.89
CA ALA B 32 4.62 -38.69 8.54
C ALA B 32 3.40 -37.79 8.51
N GLY B 33 2.31 -38.26 9.13
CA GLY B 33 1.11 -37.45 9.19
C GLY B 33 1.32 -36.21 10.04
N LEU B 34 0.85 -35.07 9.54
CA LEU B 34 0.95 -33.81 10.27
C LEU B 34 0.25 -33.91 11.62
N SER B 35 0.92 -33.50 12.68
CA SER B 35 0.36 -33.67 14.02
C SER B 35 0.88 -32.58 14.95
N ILE B 36 -0.01 -31.79 15.55
CA ILE B 36 0.39 -30.69 16.42
C ILE B 36 -0.36 -30.81 17.74
N GLY B 37 0.38 -30.85 18.84
CA GLY B 37 -0.24 -31.03 20.15
C GLY B 37 -1.14 -32.24 20.21
N GLY B 38 -0.80 -33.30 19.47
CA GLY B 38 -1.62 -34.50 19.44
C GLY B 38 -2.81 -34.48 18.48
N LYS B 39 -3.09 -33.37 17.80
CA LYS B 39 -4.17 -33.32 16.83
C LYS B 39 -3.62 -33.59 15.43
N LYS B 40 -4.29 -34.47 14.69
CA LYS B 40 -3.86 -34.82 13.35
C LYS B 40 -4.46 -33.84 12.35
N TYR B 41 -3.71 -33.55 11.29
CA TYR B 41 -4.18 -32.67 10.24
C TYR B 41 -3.95 -33.32 8.89
N ALA B 42 -4.94 -33.19 8.02
CA ALA B 42 -4.87 -33.86 6.73
C ALA B 42 -3.96 -33.11 5.78
N THR B 43 -4.08 -31.79 5.72
CA THR B 43 -3.35 -31.01 4.74
C THR B 43 -2.43 -30.00 5.42
N GLY B 44 -1.36 -29.66 4.74
CA GLY B 44 -0.54 -28.54 5.18
C GLY B 44 0.84 -28.61 4.56
N ILE B 45 1.79 -27.96 5.25
CA ILE B 45 3.18 -27.89 4.83
C ILE B 45 4.04 -28.34 6.00
N GLY B 46 4.85 -29.37 5.78
CA GLY B 46 5.80 -29.80 6.78
C GLY B 46 7.17 -29.21 6.49
N THR B 47 7.59 -28.22 7.27
CA THR B 47 8.86 -27.55 7.03
C THR B 47 9.73 -27.69 8.28
N HIS B 48 10.79 -26.90 8.39
CA HIS B 48 11.74 -26.99 9.51
C HIS B 48 12.39 -25.63 9.61
N ALA B 49 12.45 -25.07 10.81
CA ALA B 49 13.08 -23.77 10.98
C ALA B 49 14.59 -23.89 10.80
N THR B 50 15.23 -22.83 10.32
CA THR B 50 14.56 -21.60 9.82
C THR B 50 14.13 -21.81 8.37
N SER B 51 12.90 -21.40 8.02
CA SER B 51 12.46 -21.52 6.62
C SER B 51 11.55 -20.35 6.28
N MET B 52 11.44 -20.07 4.97
CA MET B 52 10.50 -19.06 4.48
C MET B 52 9.93 -19.52 3.16
N ILE B 53 8.61 -19.62 3.08
CA ILE B 53 7.87 -20.18 1.95
C ILE B 53 7.15 -19.04 1.25
N PRO B 54 7.43 -18.74 -0.02
CA PRO B 54 6.64 -17.73 -0.74
C PRO B 54 5.39 -18.37 -1.32
N LEU B 55 4.24 -17.79 -1.00
CA LEU B 55 2.95 -18.36 -1.40
C LEU B 55 2.20 -17.34 -2.23
N PRO B 56 2.05 -17.53 -3.54
CA PRO B 56 1.30 -16.56 -4.34
C PRO B 56 -0.20 -16.66 -4.07
N VAL B 57 -0.86 -15.52 -4.14
CA VAL B 57 -2.30 -15.45 -3.96
C VAL B 57 -2.96 -15.64 -5.33
N PRO B 58 -3.93 -16.56 -5.46
CA PRO B 58 -4.65 -16.71 -6.74
C PRO B 58 -5.35 -15.41 -7.13
N GLU B 59 -5.27 -15.07 -8.41
CA GLU B 59 -6.11 -13.99 -8.92
C GLU B 59 -7.54 -14.46 -9.12
N ASN B 60 -7.77 -15.76 -9.27
CA ASN B 60 -9.09 -16.30 -9.42
C ASN B 60 -9.11 -17.59 -8.60
N PRO B 61 -10.07 -17.74 -7.66
CA PRO B 61 -11.08 -16.76 -7.25
C PRO B 61 -10.48 -15.55 -6.52
N LYS B 62 -11.28 -14.50 -6.32
CA LYS B 62 -10.81 -13.33 -5.58
C LYS B 62 -10.69 -13.70 -4.10
N VAL B 63 -9.55 -13.38 -3.49
CA VAL B 63 -9.20 -13.85 -2.15
C VAL B 63 -9.30 -12.70 -1.15
N LEU B 64 -10.13 -12.89 -0.13
CA LEU B 64 -10.27 -11.97 0.99
C LEU B 64 -9.24 -12.20 2.08
N ARG B 65 -9.01 -13.46 2.48
CA ARG B 65 -8.16 -13.75 3.61
C ARG B 65 -7.42 -15.07 3.42
N LEU B 66 -6.27 -15.19 4.11
CA LEU B 66 -5.63 -16.50 4.33
C LEU B 66 -5.91 -16.91 5.77
N GLU B 67 -6.45 -18.12 5.92
CA GLU B 67 -6.66 -18.71 7.23
C GLU B 67 -5.81 -19.98 7.34
N GLY B 68 -5.44 -20.30 8.57
CA GLY B 68 -4.64 -21.49 8.80
C GLY B 68 -4.28 -21.58 10.27
N ALA B 69 -3.39 -22.52 10.59
CA ALA B 69 -2.80 -22.63 11.92
C ALA B 69 -1.38 -23.14 11.78
N CYS B 70 -0.65 -23.15 12.89
CA CYS B 70 0.75 -23.55 12.85
C CYS B 70 1.17 -24.10 14.20
N GLY B 71 2.25 -24.88 14.19
CA GLY B 71 2.80 -25.36 15.45
C GLY B 71 3.96 -26.31 15.22
N ILE B 72 4.43 -26.89 16.29
CA ILE B 72 5.54 -27.85 16.25
C ILE B 72 4.97 -29.24 15.96
N ASP B 73 5.61 -29.98 15.07
CA ASP B 73 5.12 -31.31 14.73
C ASP B 73 5.49 -32.32 15.81
N ASP B 74 4.55 -33.21 16.12
CA ASP B 74 4.77 -34.20 17.19
C ASP B 74 5.83 -35.24 16.82
N GLY B 75 6.19 -35.38 15.55
CA GLY B 75 7.25 -36.30 15.17
C GLY B 75 8.65 -35.83 15.56
N ALA B 76 8.80 -34.59 16.02
CA ALA B 76 10.10 -34.14 16.49
C ALA B 76 10.55 -34.97 17.69
N ASP B 77 11.80 -35.41 17.67
CA ASP B 77 12.31 -36.26 18.74
C ASP B 77 12.66 -35.49 20.01
N GLY B 78 12.48 -34.19 20.03
CA GLY B 78 12.77 -33.38 21.19
C GLY B 78 11.93 -32.12 21.15
N ASP B 79 12.21 -31.20 22.07
CA ASP B 79 11.33 -30.05 22.28
C ASP B 79 11.88 -28.84 21.50
N GLY B 80 11.45 -28.71 20.26
CA GLY B 80 11.88 -27.59 19.43
C GLY B 80 11.20 -26.28 19.86
N SER B 81 11.57 -25.22 19.14
CA SER B 81 11.12 -23.87 19.48
C SER B 81 11.11 -23.05 18.19
N VAL B 82 9.93 -22.62 17.75
CA VAL B 82 9.80 -21.94 16.46
C VAL B 82 8.85 -20.77 16.64
N GLU B 83 9.25 -19.62 16.10
CA GLU B 83 8.32 -18.50 15.97
C GLU B 83 7.83 -18.44 14.53
N PHE B 84 6.51 -18.60 14.34
CA PHE B 84 5.89 -18.51 13.02
C PHE B 84 5.48 -17.06 12.74
N ARG B 85 5.74 -16.62 11.50
CA ARG B 85 5.33 -15.30 11.04
C ARG B 85 4.66 -15.41 9.69
N VAL B 86 3.57 -14.68 9.51
CA VAL B 86 2.97 -14.48 8.19
C VAL B 86 3.28 -13.05 7.79
N MET B 87 3.94 -12.90 6.64
CA MET B 87 4.45 -11.61 6.22
C MET B 87 3.91 -11.23 4.85
N SER B 88 3.62 -9.95 4.69
CA SER B 88 3.52 -9.35 3.37
C SER B 88 4.95 -9.08 2.86
N GLY B 89 5.03 -8.47 1.69
CA GLY B 89 6.33 -8.07 1.20
C GLY B 89 7.00 -6.98 2.02
N SER B 90 6.26 -6.30 2.91
CA SER B 90 6.85 -5.21 3.66
C SER B 90 6.71 -5.30 5.18
N GLU B 91 5.83 -6.15 5.73
CA GLU B 91 5.64 -6.16 7.18
C GLU B 91 5.26 -7.55 7.68
N VAL B 92 5.58 -7.82 8.94
CA VAL B 92 5.02 -8.98 9.61
C VAL B 92 3.56 -8.69 9.91
N LEU B 93 2.67 -9.52 9.39
CA LEU B 93 1.24 -9.35 9.61
C LEU B 93 0.74 -10.10 10.84
N TRP B 94 1.42 -11.17 11.22
CA TRP B 94 0.99 -11.98 12.36
C TRP B 94 2.18 -12.80 12.85
N SER B 95 2.28 -12.95 14.16
CA SER B 95 3.33 -13.76 14.79
C SER B 95 2.68 -14.70 15.80
N SER B 96 3.17 -15.95 15.85
CA SER B 96 2.69 -16.93 16.81
C SER B 96 3.32 -16.77 18.19
N GLY B 97 4.40 -16.03 18.32
CA GLY B 97 5.25 -16.14 19.49
C GLY B 97 6.02 -17.47 19.43
N VAL B 98 6.79 -17.74 20.49
CA VAL B 98 7.60 -18.97 20.49
C VAL B 98 6.66 -20.15 20.75
N MET B 99 6.64 -21.10 19.84
CA MET B 99 5.88 -22.33 20.02
C MET B 99 6.81 -23.50 20.29
N ARG B 100 6.37 -24.39 21.18
CA ARG B 100 7.11 -25.57 21.61
C ARG B 100 6.31 -26.82 21.29
N ARG B 101 6.96 -27.96 21.33
CA ARG B 101 6.29 -29.23 21.06
C ARG B 101 5.21 -29.49 22.11
N GLY B 102 4.03 -29.92 21.67
CA GLY B 102 2.93 -30.18 22.55
C GLY B 102 1.90 -29.07 22.60
N MET B 103 2.28 -27.84 22.27
CA MET B 103 1.30 -26.75 22.24
C MET B 103 0.32 -26.97 21.10
N ALA B 104 -0.95 -26.64 21.35
CA ALA B 104 -1.95 -26.72 20.30
C ALA B 104 -1.62 -25.71 19.21
N ALA B 105 -1.98 -26.07 17.98
CA ALA B 105 -1.76 -25.16 16.85
C ALA B 105 -2.45 -23.82 17.09
N LYS B 106 -1.75 -22.74 16.72
CA LYS B 106 -2.28 -21.39 16.85
C LYS B 106 -2.86 -20.97 15.52
N LYS B 107 -4.13 -20.55 15.52
CA LYS B 107 -4.83 -20.16 14.31
C LYS B 107 -4.57 -18.70 13.94
N PHE B 108 -4.65 -18.42 12.64
CA PHE B 108 -4.56 -17.06 12.14
C PHE B 108 -5.58 -16.85 11.03
N SER B 109 -5.92 -15.59 10.81
CA SER B 109 -6.77 -15.20 9.68
C SER B 109 -6.28 -13.82 9.25
N ILE B 110 -5.73 -13.75 8.06
CA ILE B 110 -4.90 -12.63 7.62
C ILE B 110 -5.63 -11.94 6.48
N PRO B 111 -5.84 -10.63 6.55
CA PRO B 111 -6.49 -9.93 5.42
C PRO B 111 -5.57 -9.86 4.21
N VAL B 112 -6.11 -10.19 3.04
CA VAL B 112 -5.36 -10.19 1.79
C VAL B 112 -5.83 -9.08 0.86
N ALA B 113 -7.08 -9.17 0.39
CA ALA B 113 -7.62 -8.20 -0.56
C ALA B 113 -7.47 -6.76 -0.06
N GLU B 114 -7.83 -6.51 1.20
CA GLU B 114 -7.80 -5.11 1.63
C GLU B 114 -6.39 -4.58 1.82
N ASN B 115 -5.39 -5.45 1.88
CA ASN B 115 -4.00 -5.03 1.87
C ASN B 115 -3.40 -5.02 0.46
N GLY B 116 -4.18 -5.34 -0.57
CA GLY B 116 -3.60 -5.40 -1.91
C GLY B 116 -2.51 -6.45 -2.06
N ILE B 117 -2.54 -7.51 -1.25
CA ILE B 117 -1.47 -8.50 -1.23
C ILE B 117 -1.70 -9.54 -2.33
N ARG B 118 -0.66 -9.78 -3.14
CA ARG B 118 -0.65 -10.86 -4.11
C ARG B 118 0.39 -11.94 -3.81
N HIS B 119 1.25 -11.73 -2.81
CA HIS B 119 2.26 -12.72 -2.43
C HIS B 119 2.40 -12.67 -0.92
N LEU B 120 2.32 -13.84 -0.25
CA LEU B 120 2.57 -13.93 1.18
C LEU B 120 3.85 -14.75 1.43
N TYR B 121 4.45 -14.53 2.59
CA TYR B 121 5.66 -15.24 2.97
C TYR B 121 5.40 -15.90 4.32
N LEU B 122 5.50 -17.23 4.36
CA LEU B 122 5.25 -18.00 5.57
C LEU B 122 6.60 -18.35 6.17
N MET B 123 6.95 -17.72 7.29
CA MET B 123 8.28 -17.90 7.85
C MET B 123 8.23 -18.65 9.17
N ALA B 124 9.20 -19.56 9.36
CA ALA B 124 9.38 -20.30 10.61
C ALA B 124 10.79 -19.99 11.12
N ASP B 125 10.89 -19.22 12.20
CA ASP B 125 12.18 -18.76 12.69
C ASP B 125 12.66 -19.66 13.82
N ARG B 126 13.95 -20.01 13.78
CA ARG B 126 14.50 -20.99 14.71
C ARG B 126 14.59 -20.47 16.15
N VAL B 127 14.56 -19.14 16.35
CA VAL B 127 14.59 -18.48 17.66
C VAL B 127 15.96 -18.56 18.33
N ASP B 128 16.48 -19.77 18.56
CA ASP B 128 17.70 -20.01 19.32
C ASP B 128 18.68 -20.84 18.52
N ASN B 129 18.43 -22.14 18.44
CA ASN B 129 19.04 -23.00 17.43
C ASN B 129 17.89 -23.72 16.73
N ASN B 130 18.19 -24.55 15.73
CA ASN B 130 17.08 -25.21 15.02
C ASN B 130 16.91 -26.68 15.42
N SER B 131 17.46 -27.09 16.56
CA SER B 131 17.29 -28.47 17.00
C SER B 131 15.81 -28.80 17.27
N TYR B 132 15.29 -29.83 16.59
CA TYR B 132 13.91 -30.31 16.73
C TYR B 132 12.86 -29.34 16.23
N ASP B 133 13.25 -28.34 15.43
CA ASP B 133 12.29 -27.35 14.99
C ASP B 133 11.46 -27.83 13.80
N HIS B 134 10.81 -28.99 13.92
CA HIS B 134 9.88 -29.46 12.89
C HIS B 134 8.67 -28.53 12.91
N ALA B 135 8.49 -27.74 11.86
CA ALA B 135 7.50 -26.67 11.84
C ALA B 135 6.39 -27.01 10.84
N ASP B 136 5.14 -26.93 11.31
CA ASP B 136 3.97 -27.28 10.50
C ASP B 136 3.12 -26.05 10.25
N TRP B 137 2.68 -25.86 9.00
CA TRP B 137 1.55 -25.02 8.63
C TRP B 137 0.40 -25.92 8.25
N VAL B 138 -0.79 -25.74 8.86
CA VAL B 138 -1.89 -26.66 8.63
C VAL B 138 -3.17 -25.92 8.33
N ASP B 139 -4.13 -26.66 7.77
CA ASP B 139 -5.48 -26.15 7.52
C ASP B 139 -5.45 -24.84 6.74
N LEU B 140 -4.54 -24.73 5.77
CA LEU B 140 -4.42 -23.50 5.00
C LEU B 140 -5.64 -23.33 4.08
N ALA B 141 -6.27 -22.16 4.14
CA ALA B 141 -7.49 -21.97 3.36
C ALA B 141 -7.57 -20.52 2.92
N TRP B 142 -8.03 -20.31 1.68
CA TRP B 142 -8.39 -18.97 1.21
C TRP B 142 -9.87 -18.73 1.47
N LYS B 143 -10.19 -17.63 2.15
CA LYS B 143 -11.56 -17.15 2.17
C LYS B 143 -11.78 -16.36 0.87
N THR B 144 -12.77 -16.77 0.09
CA THR B 144 -12.94 -16.23 -1.26
C THR B 144 -14.26 -15.49 -1.38
N THR B 145 -14.31 -14.59 -2.36
CA THR B 145 -15.52 -13.83 -2.61
C THR B 145 -15.73 -13.70 -4.11
N GLY B 146 -16.88 -13.11 -4.48
CA GLY B 146 -17.25 -13.00 -5.88
C GLY B 146 -16.64 -11.83 -6.61
N SER B 147 -16.35 -10.73 -5.91
CA SER B 147 -15.76 -9.58 -6.59
C SER B 147 -14.98 -8.72 -5.59
N GLY B 148 -13.98 -8.02 -6.09
CA GLY B 148 -13.24 -7.06 -5.30
C GLY B 148 -13.10 -5.73 -6.02
N GLN B 149 -13.00 -4.67 -5.22
CA GLN B 149 -12.83 -3.34 -5.79
C GLN B 149 -11.47 -3.20 -6.46
N GLY B 150 -11.44 -2.43 -7.54
CA GLY B 150 -10.19 -2.19 -8.24
C GLY B 150 -9.52 -0.90 -7.80
N MET B 151 -8.43 -1.03 -7.05
N MET B 151 -8.43 -1.02 -7.06
CA MET B 151 -7.69 0.12 -6.56
CA MET B 151 -7.74 0.16 -6.53
C MET B 151 -7.13 0.94 -7.71
C MET B 151 -7.08 0.93 -7.66
N LYS B 152 -7.10 2.26 -7.54
CA LYS B 152 -6.76 3.16 -8.64
C LYS B 152 -5.54 4.02 -8.38
N GLY B 153 -4.61 3.57 -7.55
CA GLY B 153 -3.34 4.27 -7.43
C GLY B 153 -3.34 5.32 -6.33
N ALA B 154 -2.16 5.64 -5.83
CA ALA B 154 -2.02 6.65 -4.79
C ALA B 154 -0.64 7.27 -4.84
N VAL B 155 -0.53 8.42 -4.18
CA VAL B 155 0.76 9.05 -3.90
C VAL B 155 0.95 9.00 -2.39
N VAL B 156 1.97 8.29 -1.93
CA VAL B 156 2.21 8.11 -0.49
C VAL B 156 3.47 8.89 -0.13
N ASN B 157 3.34 9.87 0.77
CA ASN B 157 4.50 10.64 1.20
C ASN B 157 5.02 10.01 2.49
N ALA B 158 6.26 9.52 2.46
CA ALA B 158 6.79 8.77 3.61
C ALA B 158 6.88 9.61 4.88
N SER B 159 6.93 10.94 4.77
CA SER B 159 6.93 11.77 5.97
C SER B 159 5.63 11.60 6.77
N GLU B 160 4.52 11.30 6.10
CA GLU B 160 3.26 11.13 6.81
C GLU B 160 3.23 9.86 7.63
N PHE B 161 4.18 8.94 7.41
CA PHE B 161 4.31 7.73 8.20
C PHE B 161 5.43 7.82 9.24
N GLY B 162 6.01 9.00 9.43
CA GLY B 162 7.00 9.22 10.47
C GLY B 162 8.43 9.19 10.01
N MET B 163 8.69 9.04 8.72
CA MET B 163 10.05 9.10 8.21
C MET B 163 10.62 10.51 8.38
N VAL B 164 11.73 10.64 9.10
CA VAL B 164 12.35 11.94 9.34
C VAL B 164 13.83 11.89 9.01
N PRO B 165 14.33 12.87 8.25
CA PRO B 165 15.76 12.88 7.89
C PRO B 165 16.60 13.49 9.00
N GLY B 166 17.91 13.27 8.89
CA GLY B 166 18.84 13.94 9.77
C GLY B 166 18.81 13.48 11.20
N VAL B 167 18.38 12.24 11.45
CA VAL B 167 18.20 11.73 12.80
C VAL B 167 18.77 10.31 12.85
N ARG B 168 19.60 10.03 13.86
CA ARG B 168 20.22 8.70 14.00
C ARG B 168 19.28 7.77 14.75
N LYS B 169 18.12 7.57 14.13
CA LYS B 169 17.09 6.67 14.60
C LYS B 169 16.60 5.90 13.39
N ASP B 170 16.16 4.67 13.62
CA ASP B 170 15.85 3.75 12.52
C ASP B 170 14.61 4.22 11.76
N GLN B 171 14.78 4.57 10.49
CA GLN B 171 13.67 4.99 9.65
C GLN B 171 12.99 3.84 8.91
N GLY B 172 13.47 2.60 9.07
CA GLY B 172 12.94 1.47 8.35
C GLY B 172 11.46 1.19 8.61
N PRO B 173 11.06 1.04 9.89
CA PRO B 173 9.65 0.76 10.17
C PRO B 173 8.69 1.77 9.56
N ALA B 174 9.02 3.07 9.61
CA ALA B 174 8.17 4.07 8.97
C ALA B 174 8.13 3.87 7.46
N LEU B 175 9.28 3.61 6.83
CA LEU B 175 9.26 3.41 5.39
C LEU B 175 8.48 2.16 5.01
N ARG B 176 8.64 1.07 5.77
CA ARG B 176 7.89 -0.15 5.46
C ARG B 176 6.39 0.04 5.60
N ALA B 177 5.96 0.84 6.60
CA ALA B 177 4.53 1.15 6.73
C ALA B 177 4.03 1.96 5.53
N ALA B 178 4.86 2.89 5.02
CA ALA B 178 4.50 3.64 3.82
C ALA B 178 4.39 2.73 2.59
N VAL B 179 5.31 1.76 2.46
CA VAL B 179 5.23 0.80 1.36
C VAL B 179 3.94 0.00 1.45
N SER B 180 3.56 -0.44 2.67
CA SER B 180 2.34 -1.22 2.83
C SER B 180 1.12 -0.40 2.41
N ALA B 181 1.12 0.89 2.71
CA ALA B 181 -0.02 1.72 2.37
C ALA B 181 -0.13 1.91 0.87
N LEU B 182 1.01 2.03 0.17
CA LEU B 182 0.97 2.19 -1.28
C LEU B 182 0.46 0.92 -1.95
N ARG B 183 0.88 -0.24 -1.45
CA ARG B 183 0.42 -1.50 -1.99
C ARG B 183 -1.11 -1.61 -1.89
N ARG B 184 -1.66 -1.20 -0.74
CA ARG B 184 -3.10 -1.27 -0.54
C ARG B 184 -3.86 -0.47 -1.56
N GLN B 185 -3.23 0.56 -2.13
CA GLN B 185 -3.90 1.46 -3.04
C GLN B 185 -3.64 1.14 -4.50
N GLY B 186 -2.97 0.02 -4.77
CA GLY B 186 -2.72 -0.36 -6.15
C GLY B 186 -1.47 0.21 -6.77
N GLY B 187 -0.49 0.64 -5.97
CA GLY B 187 0.69 1.27 -6.53
C GLY B 187 0.54 2.77 -6.74
N GLY B 188 1.54 3.35 -7.39
CA GLY B 188 1.63 4.79 -7.58
C GLY B 188 3.01 5.33 -7.30
N VAL B 189 3.11 6.35 -6.45
CA VAL B 189 4.38 7.02 -6.17
C VAL B 189 4.64 6.96 -4.68
N LEU B 190 5.85 6.55 -4.31
CA LEU B 190 6.33 6.64 -2.94
C LEU B 190 7.30 7.80 -2.89
N ASN B 191 6.93 8.89 -2.23
CA ASN B 191 7.75 10.10 -2.20
C ASN B 191 8.55 10.16 -0.91
N ILE B 192 9.87 10.32 -1.05
CA ILE B 192 10.79 10.47 0.07
C ILE B 192 11.26 11.92 0.07
N PRO B 193 10.88 12.74 1.04
CA PRO B 193 11.39 14.12 1.08
C PRO B 193 12.91 14.12 1.13
N ARG B 194 13.54 15.04 0.39
CA ARG B 194 15.00 15.01 0.27
C ARG B 194 15.66 15.11 1.65
N GLY B 195 16.53 14.15 1.97
CA GLY B 195 17.26 14.22 3.23
C GLY B 195 18.17 13.02 3.40
N ILE B 196 18.91 13.01 4.52
CA ILE B 196 19.74 11.88 4.91
C ILE B 196 18.95 11.07 5.92
N TYR B 197 18.80 9.77 5.68
CA TYR B 197 18.00 8.93 6.55
C TYR B 197 18.82 7.72 6.99
N HIS B 198 18.63 7.27 8.23
CA HIS B 198 19.39 6.13 8.79
C HIS B 198 18.53 4.88 8.99
N PHE B 199 19.13 3.70 8.73
CA PHE B 199 18.44 2.41 8.83
C PHE B 199 19.34 1.42 9.55
N TYR B 200 18.72 0.52 10.30
CA TYR B 200 19.42 -0.41 11.19
C TYR B 200 18.79 -1.79 11.08
N PRO B 201 19.52 -2.84 11.47
CA PRO B 201 18.93 -4.19 11.43
C PRO B 201 17.74 -4.35 12.33
N GLU B 202 17.73 -3.65 13.46
CA GLU B 202 16.69 -3.84 14.46
C GLU B 202 15.29 -3.63 13.92
N GLY B 203 15.13 -2.71 12.97
CA GLY B 203 13.83 -2.41 12.39
C GLY B 203 13.60 -2.97 11.01
N ALA B 204 14.48 -3.84 10.52
CA ALA B 204 14.36 -4.36 9.17
C ALA B 204 13.34 -5.48 9.13
N LEU B 205 12.92 -5.84 7.92
CA LEU B 205 12.05 -6.99 7.73
C LEU B 205 12.95 -8.21 7.56
N ASN B 206 12.97 -9.09 8.55
CA ASN B 206 13.85 -10.27 8.51
C ASN B 206 13.29 -11.34 7.60
N MET B 207 14.04 -11.71 6.56
CA MET B 207 13.61 -12.70 5.60
C MET B 207 14.70 -13.77 5.47
N SER B 208 14.30 -14.94 4.97
CA SER B 208 15.28 -15.98 4.68
C SER B 208 15.12 -16.40 3.23
N PHE B 209 16.18 -16.23 2.43
CA PHE B 209 16.17 -16.66 1.05
C PHE B 209 17.61 -16.73 0.61
N HIS B 210 17.85 -17.37 -0.55
CA HIS B 210 19.20 -17.55 -1.08
C HIS B 210 19.49 -16.50 -2.14
N ILE B 211 20.71 -15.95 -2.09
CA ILE B 211 21.19 -14.95 -3.04
C ILE B 211 22.36 -15.54 -3.83
N SER B 212 22.23 -15.58 -5.15
CA SER B 212 23.29 -16.12 -6.00
C SER B 212 24.62 -15.40 -5.78
N ASN B 213 25.72 -16.17 -5.82
CA ASN B 213 27.10 -15.65 -5.84
C ASN B 213 27.45 -14.87 -4.60
N HIS B 214 26.82 -15.22 -3.47
CA HIS B 214 27.10 -14.58 -2.19
C HIS B 214 27.24 -15.65 -1.12
N ASP B 215 27.74 -15.25 0.05
CA ASP B 215 27.62 -16.16 1.18
C ASP B 215 26.15 -16.35 1.53
N GLN B 216 25.84 -17.28 2.42
CA GLN B 216 24.45 -17.65 2.68
C GLN B 216 24.09 -17.55 4.15
N PRO B 217 24.18 -16.35 4.75
CA PRO B 217 23.65 -16.19 6.10
C PRO B 217 22.17 -16.55 6.11
N LEU B 218 21.72 -17.04 7.27
CA LEU B 218 20.35 -17.53 7.38
C LEU B 218 19.32 -16.44 7.15
N ILE B 219 19.61 -15.22 7.64
CA ILE B 219 18.66 -14.13 7.65
C ILE B 219 19.23 -12.96 6.86
N HIS B 220 18.41 -12.40 5.96
CA HIS B 220 18.67 -11.10 5.34
C HIS B 220 17.75 -10.09 5.99
N PRO B 221 18.26 -9.19 6.85
CA PRO B 221 17.45 -8.07 7.35
C PRO B 221 17.26 -7.05 6.26
N VAL B 222 16.06 -6.97 5.69
CA VAL B 222 15.80 -6.13 4.53
C VAL B 222 15.26 -4.79 5.01
N CYS B 223 16.01 -3.70 4.76
CA CYS B 223 15.59 -2.40 5.29
C CYS B 223 14.53 -1.73 4.40
N VAL B 224 14.65 -1.86 3.09
CA VAL B 224 13.74 -1.21 2.15
C VAL B 224 13.16 -2.31 1.27
N PRO B 225 12.14 -3.01 1.74
CA PRO B 225 11.60 -4.13 0.97
C PRO B 225 10.54 -3.66 -0.01
N LEU B 226 10.90 -3.61 -1.28
CA LEU B 226 9.95 -3.26 -2.33
C LEU B 226 9.42 -4.53 -2.98
N ALA B 227 8.73 -5.32 -2.16
CA ALA B 227 8.31 -6.67 -2.51
C ALA B 227 6.80 -6.74 -2.63
N ASP B 228 6.33 -7.61 -3.54
CA ASP B 228 4.90 -7.73 -3.83
C ASP B 228 4.31 -6.36 -4.17
N LEU B 229 4.95 -5.66 -5.09
CA LEU B 229 4.47 -4.36 -5.55
C LEU B 229 4.29 -4.38 -7.06
N ARG B 230 3.28 -3.65 -7.54
CA ARG B 230 3.11 -3.43 -8.98
C ARG B 230 3.00 -1.93 -9.25
N ASN B 231 3.71 -1.45 -10.27
CA ASN B 231 3.51 -0.10 -10.80
C ASN B 231 3.80 0.94 -9.71
N VAL B 232 5.03 0.89 -9.18
CA VAL B 232 5.47 1.80 -8.12
C VAL B 232 6.73 2.52 -8.59
N ARG B 233 6.74 3.84 -8.44
CA ARG B 233 7.95 4.63 -8.62
C ARG B 233 8.33 5.23 -7.27
N VAL B 234 9.54 4.91 -6.80
CA VAL B 234 10.09 5.48 -5.57
C VAL B 234 10.84 6.74 -5.96
N GLU B 235 10.42 7.90 -5.44
CA GLU B 235 11.07 9.18 -5.76
C GLU B 235 11.96 9.54 -4.56
N GLY B 236 13.27 9.34 -4.72
CA GLY B 236 14.18 9.62 -3.61
C GLY B 236 14.50 11.07 -3.43
N ASN B 237 14.22 11.89 -4.46
CA ASN B 237 14.44 13.34 -4.43
C ASN B 237 15.88 13.69 -4.05
N GLY B 238 16.82 12.83 -4.43
CA GLY B 238 18.21 13.09 -4.08
C GLY B 238 18.60 12.69 -2.69
N SER B 239 17.77 11.92 -1.99
CA SER B 239 18.06 11.53 -0.62
C SER B 239 19.25 10.58 -0.56
N LEU B 240 19.83 10.50 0.64
CA LEU B 240 20.88 9.53 0.94
C LEU B 240 20.36 8.63 2.04
N PHE B 241 20.38 7.32 1.81
CA PHE B 241 20.02 6.33 2.81
C PHE B 241 21.32 5.74 3.34
N LEU B 242 21.55 5.87 4.65
CA LEU B 242 22.73 5.37 5.31
C LEU B 242 22.38 4.13 6.13
N PHE B 243 23.13 3.05 5.94
CA PHE B 243 22.83 1.79 6.58
C PHE B 243 23.89 1.44 7.61
N HIS B 244 23.46 0.73 8.64
CA HIS B 244 24.26 0.32 9.77
C HIS B 244 24.05 -1.16 10.01
N GLY B 245 25.10 -1.85 10.42
CA GLY B 245 24.99 -3.29 10.65
C GLY B 245 25.00 -4.11 9.38
N LYS B 246 24.76 -5.41 9.52
CA LYS B 246 24.72 -6.31 8.36
C LYS B 246 23.28 -6.41 7.90
N VAL B 247 22.98 -5.84 6.73
CA VAL B 247 21.62 -5.77 6.23
C VAL B 247 21.64 -5.92 4.72
N VAL B 248 20.47 -6.18 4.15
CA VAL B 248 20.22 -5.94 2.73
C VAL B 248 19.51 -4.60 2.63
N PRO B 249 20.16 -3.55 2.11
CA PRO B 249 19.49 -2.23 2.08
C PRO B 249 18.21 -2.23 1.25
N LEU B 250 18.25 -2.67 -0.01
CA LEU B 250 17.11 -2.59 -0.92
C LEU B 250 16.80 -3.98 -1.48
N LEU B 251 15.50 -4.26 -1.62
CA LEU B 251 15.03 -5.51 -2.22
C LEU B 251 13.88 -5.21 -3.15
N VAL B 252 13.91 -5.75 -4.36
CA VAL B 252 12.76 -5.72 -5.26
C VAL B 252 12.45 -7.19 -5.57
N MET B 253 11.34 -7.69 -5.04
CA MET B 253 11.10 -9.14 -5.07
C MET B 253 9.63 -9.40 -5.31
N ASP B 254 9.30 -10.32 -6.24
CA ASP B 254 7.91 -10.62 -6.55
C ASP B 254 7.13 -9.35 -6.92
N SER B 255 7.75 -8.51 -7.75
CA SER B 255 7.21 -7.21 -8.11
C SER B 255 7.24 -7.03 -9.62
N GLU B 256 6.45 -6.07 -10.11
CA GLU B 256 6.42 -5.74 -11.53
C GLU B 256 6.42 -4.23 -11.67
N ASN B 257 7.19 -3.72 -12.62
CA ASN B 257 7.17 -2.28 -12.94
C ASN B 257 7.48 -1.43 -11.70
N VAL B 258 8.54 -1.79 -10.98
CA VAL B 258 9.02 -0.98 -9.86
C VAL B 258 10.24 -0.19 -10.33
N SER B 259 10.21 1.12 -10.13
CA SER B 259 11.32 2.01 -10.49
C SER B 259 11.79 2.74 -9.24
N ILE B 260 13.10 2.97 -9.15
CA ILE B 260 13.69 3.74 -8.06
C ILE B 260 14.45 4.89 -8.70
N ASN B 261 14.17 6.12 -8.26
CA ASN B 261 14.71 7.28 -8.94
C ASN B 261 15.42 8.19 -7.94
N ARG B 262 16.63 8.64 -8.29
CA ARG B 262 17.32 9.72 -7.56
C ARG B 262 17.50 9.36 -6.08
N LEU B 263 18.24 8.28 -5.85
CA LEU B 263 18.45 7.80 -4.49
C LEU B 263 19.89 7.32 -4.38
N SER B 264 20.53 7.61 -3.24
CA SER B 264 21.87 7.12 -2.98
C SER B 264 21.87 6.24 -1.74
N VAL B 265 22.76 5.24 -1.76
CA VAL B 265 22.88 4.24 -0.70
C VAL B 265 24.34 4.19 -0.25
N ASP B 266 24.60 4.31 1.06
CA ASP B 266 25.96 4.14 1.55
C ASP B 266 25.89 3.54 2.96
N TYR B 267 27.05 3.09 3.44
CA TYR B 267 27.23 2.66 4.81
C TYR B 267 28.14 3.66 5.50
N GLU B 268 27.80 4.02 6.72
CA GLU B 268 28.66 4.92 7.47
C GLU B 268 29.97 4.23 7.83
N ARG B 269 29.90 2.95 8.15
CA ARG B 269 31.10 2.16 8.42
C ARG B 269 31.20 1.14 7.27
N SER B 270 32.19 1.31 6.41
CA SER B 270 32.31 0.47 5.24
C SER B 270 32.58 -0.98 5.62
N TRP B 271 32.19 -1.90 4.72
CA TRP B 271 32.58 -3.29 4.86
C TRP B 271 34.10 -3.45 4.81
N CYS B 272 34.79 -2.55 4.11
CA CYS B 272 36.24 -2.58 3.97
C CYS B 272 36.86 -1.52 4.89
N THR B 273 38.19 -1.58 5.02
CA THR B 273 38.93 -0.69 5.93
C THR B 273 40.12 -0.12 5.18
N GLU B 274 40.20 1.20 5.08
CA GLU B 274 41.34 1.81 4.40
C GLU B 274 42.45 2.17 5.39
N ALA B 275 43.69 1.97 4.95
CA ALA B 275 44.85 2.36 5.73
C ALA B 275 45.84 3.10 4.84
N ARG B 276 46.41 4.19 5.34
CA ARG B 276 47.41 4.94 4.59
C ARG B 276 48.81 4.43 4.93
N VAL B 277 49.62 4.14 3.90
CA VAL B 277 50.97 3.63 4.13
C VAL B 277 51.88 4.79 4.52
N VAL B 278 52.67 4.63 5.58
CA VAL B 278 53.55 5.74 5.96
C VAL B 278 55.03 5.37 5.92
N LYS B 279 55.38 4.11 6.21
CA LYS B 279 56.77 3.66 6.14
C LYS B 279 56.81 2.23 5.65
N THR B 280 57.87 1.90 4.90
CA THR B 280 58.08 0.56 4.39
C THR B 280 59.54 0.17 4.56
N ASP B 281 59.78 -1.10 4.89
CA ASP B 281 61.13 -1.66 4.77
C ASP B 281 60.96 -3.15 4.48
N ASP B 282 62.08 -3.90 4.53
CA ASP B 282 62.04 -5.32 4.14
C ASP B 282 61.19 -6.17 5.05
N ARG B 283 60.90 -5.69 6.26
CA ARG B 283 60.18 -6.50 7.25
C ARG B 283 58.84 -5.92 7.65
N PHE B 284 58.67 -4.60 7.57
CA PHE B 284 57.53 -3.94 8.19
C PHE B 284 56.89 -2.95 7.22
N THR B 285 55.59 -2.79 7.33
CA THR B 285 54.89 -1.66 6.72
C THR B 285 54.16 -0.94 7.84
N GLU B 286 54.43 0.35 8.00
CA GLU B 286 53.70 1.16 8.97
C GLU B 286 52.53 1.86 8.27
N VAL B 287 51.37 1.83 8.90
CA VAL B 287 50.17 2.43 8.32
C VAL B 287 49.48 3.28 9.38
N GLU B 288 48.62 4.17 8.91
CA GLU B 288 47.70 4.91 9.76
C GLU B 288 46.27 4.62 9.34
N ILE B 289 45.41 4.40 10.33
CA ILE B 289 44.00 4.14 10.09
C ILE B 289 43.21 5.19 10.84
N ASP B 290 42.27 5.84 10.14
CA ASP B 290 41.31 6.71 10.82
C ASP B 290 40.34 5.83 11.58
N LYS B 291 40.51 5.77 12.90
CA LYS B 291 39.78 4.80 13.71
C LYS B 291 38.32 5.19 13.92
N LYS B 292 37.98 6.48 13.78
CA LYS B 292 36.58 6.87 13.81
C LYS B 292 35.85 6.40 12.56
N ALA B 293 36.48 6.57 11.40
CA ALA B 293 35.88 6.10 10.15
C ALA B 293 35.87 4.57 10.08
N TYR B 294 36.93 3.92 10.56
CA TYR B 294 37.08 2.47 10.46
C TYR B 294 37.39 1.89 11.83
N PRO B 295 36.39 1.71 12.69
CA PRO B 295 36.66 1.17 14.04
C PRO B 295 37.28 -0.23 13.95
N TYR B 296 38.22 -0.49 14.86
CA TYR B 296 38.86 -1.80 14.92
C TYR B 296 39.46 -1.99 16.31
N GLU B 297 39.76 -3.26 16.61
CA GLU B 297 40.59 -3.61 17.76
C GLU B 297 41.70 -4.52 17.26
N ILE B 298 42.81 -4.52 18.01
CA ILE B 298 43.90 -5.46 17.77
C ILE B 298 43.79 -6.54 18.85
N ARG B 299 43.56 -7.76 18.44
CA ARG B 299 43.29 -8.87 19.36
C ARG B 299 44.31 -9.95 19.08
N ASN B 300 45.14 -10.27 20.08
CA ASN B 300 46.25 -11.20 19.88
C ASN B 300 47.09 -10.79 18.68
N ASN B 301 47.38 -9.50 18.58
CA ASN B 301 48.17 -8.94 17.48
C ASN B 301 47.58 -9.26 16.11
N ARG B 302 46.26 -9.40 16.02
CA ARG B 302 45.58 -9.51 14.73
C ARG B 302 44.48 -8.44 14.61
N PHE B 303 44.18 -8.05 13.38
CA PHE B 303 43.10 -7.09 13.13
C PHE B 303 41.75 -7.71 13.48
N VAL B 304 40.90 -6.94 14.14
CA VAL B 304 39.45 -7.20 14.19
C VAL B 304 38.74 -5.93 13.76
N PHE B 305 38.20 -5.92 12.54
CA PHE B 305 37.45 -4.76 12.07
C PHE B 305 36.03 -4.83 12.61
N GLN B 306 35.49 -3.68 13.01
CA GLN B 306 34.25 -3.67 13.77
C GLN B 306 33.23 -2.71 13.14
N GLY B 307 32.00 -3.18 13.01
CA GLY B 307 30.85 -2.34 12.69
C GLY B 307 29.80 -2.53 13.75
N LYS B 308 28.64 -1.90 13.60
CA LYS B 308 27.58 -2.08 14.58
C LYS B 308 27.14 -3.54 14.63
N GLY B 309 27.41 -4.22 15.74
CA GLY B 309 27.04 -5.61 15.84
C GLY B 309 27.84 -6.59 15.01
N TRP B 310 28.97 -6.21 14.41
CA TRP B 310 29.72 -7.18 13.64
C TRP B 310 31.23 -7.02 13.80
N GLU B 311 31.92 -8.12 13.58
CA GLU B 311 33.38 -8.23 13.61
C GLU B 311 33.82 -9.07 12.42
N GLU B 312 34.87 -8.61 11.72
CA GLU B 312 35.42 -9.29 10.57
C GLU B 312 36.93 -9.29 10.68
N GLY B 313 37.54 -10.43 10.33
CA GLY B 313 38.97 -10.51 10.30
C GLY B 313 39.56 -10.00 8.99
N MET B 314 40.88 -9.99 8.98
CA MET B 314 41.64 -9.55 7.83
C MET B 314 41.98 -10.76 6.97
N GLY B 315 41.87 -10.59 5.65
CA GLY B 315 42.28 -11.64 4.72
C GLY B 315 43.24 -11.19 3.64
N SER B 316 43.14 -9.95 3.18
CA SER B 316 43.98 -9.50 2.08
C SER B 316 43.82 -7.99 1.96
N CYS B 317 44.69 -7.36 1.16
CA CYS B 317 44.43 -5.99 0.76
C CYS B 317 44.43 -5.88 -0.75
N MET B 318 43.71 -4.86 -1.24
CA MET B 318 43.95 -4.28 -2.55
C MET B 318 44.71 -2.97 -2.33
N ALA B 319 45.76 -2.75 -3.10
CA ALA B 319 46.66 -1.61 -2.91
C ALA B 319 46.44 -0.59 -4.02
N PHE B 320 46.20 0.66 -3.63
CA PHE B 320 45.86 1.75 -4.53
C PHE B 320 46.94 2.83 -4.53
N GLU B 321 47.27 3.32 -5.70
CA GLU B 321 48.33 4.30 -5.86
C GLU B 321 47.88 5.69 -5.42
N LYS B 322 48.74 6.37 -4.69
CA LYS B 322 48.47 7.74 -4.27
C LYS B 322 48.22 8.62 -5.48
N GLY B 323 47.23 9.49 -5.37
CA GLY B 323 46.95 10.49 -6.40
C GLY B 323 46.08 9.98 -7.53
N THR B 324 46.46 8.86 -8.14
CA THR B 324 45.73 8.36 -9.31
C THR B 324 44.51 7.53 -8.95
N GLY B 325 44.52 6.84 -7.82
CA GLY B 325 43.47 5.88 -7.54
C GLY B 325 43.52 4.60 -8.35
N HIS B 326 44.61 4.37 -9.09
CA HIS B 326 44.78 3.09 -9.79
C HIS B 326 45.16 1.99 -8.80
N ILE B 327 44.72 0.77 -9.10
CA ILE B 327 45.26 -0.38 -8.37
C ILE B 327 46.70 -0.58 -8.78
N ILE B 328 47.61 -0.67 -7.80
CA ILE B 328 49.02 -0.73 -8.13
C ILE B 328 49.34 -1.91 -9.04
N ALA B 329 50.17 -1.65 -10.04
CA ALA B 329 50.43 -2.62 -11.09
C ALA B 329 51.09 -3.87 -10.51
N ASN B 330 50.70 -5.03 -11.03
CA ASN B 330 51.30 -6.31 -10.70
C ASN B 330 51.09 -6.70 -9.24
N THR B 331 49.95 -6.32 -8.66
CA THR B 331 49.63 -6.69 -7.30
C THR B 331 48.53 -7.74 -7.23
N SER B 332 47.32 -7.44 -7.73
CA SER B 332 46.14 -8.26 -7.46
C SER B 332 45.91 -8.41 -5.97
N ASP B 333 45.16 -9.43 -5.54
CA ASP B 333 44.96 -9.62 -4.11
C ASP B 333 46.29 -9.90 -3.43
N ILE B 334 46.57 -9.18 -2.35
CA ILE B 334 47.75 -9.49 -1.54
C ILE B 334 47.24 -10.13 -0.26
N GLY B 335 47.34 -11.46 -0.19
CA GLY B 335 46.82 -12.17 0.98
C GLY B 335 47.74 -11.98 2.19
N TRP B 336 47.13 -11.70 3.34
CA TRP B 336 47.91 -11.43 4.54
C TRP B 336 46.97 -11.36 5.73
N ASN B 337 47.44 -11.88 6.87
CA ASN B 337 46.68 -11.70 8.12
C ASN B 337 47.66 -11.92 9.27
N GLY B 338 48.58 -10.97 9.44
CA GLY B 338 49.73 -11.19 10.29
C GLY B 338 49.83 -10.28 11.50
N HIS B 339 51.05 -10.16 12.02
CA HIS B 339 51.29 -9.47 13.28
C HIS B 339 51.09 -7.96 13.11
N VAL B 340 50.25 -7.40 13.98
CA VAL B 340 49.95 -5.96 14.05
C VAL B 340 50.45 -5.44 15.38
N GLU B 341 51.35 -4.45 15.34
CA GLU B 341 51.84 -3.81 16.56
C GLU B 341 51.38 -2.36 16.60
N PRO B 342 50.46 -1.98 17.48
CA PRO B 342 50.08 -0.57 17.57
C PRO B 342 51.25 0.26 18.05
N LEU B 343 51.39 1.43 17.44
CA LEU B 343 52.50 2.33 17.74
C LEU B 343 52.01 3.57 18.47
N GLY B 344 50.74 3.65 18.79
CA GLY B 344 50.17 4.84 19.38
C GLY B 344 49.71 5.83 18.34
N GLY B 345 48.89 6.77 18.78
CA GLY B 345 48.22 7.65 17.85
C GLY B 345 47.34 6.82 16.95
N SER B 346 47.48 7.02 15.64
CA SER B 346 46.71 6.24 14.69
C SER B 346 47.58 5.28 13.89
N ARG B 347 48.79 4.99 14.37
CA ARG B 347 49.79 4.28 13.59
C ARG B 347 49.95 2.83 14.06
N LEU B 348 50.11 1.92 13.09
CA LEU B 348 50.32 0.50 13.32
C LEU B 348 51.53 0.03 12.53
N ARG B 349 52.31 -0.89 13.10
CA ARG B 349 53.38 -1.56 12.39
C ARG B 349 52.88 -2.94 11.98
N LEU B 350 52.95 -3.25 10.69
CA LEU B 350 52.49 -4.55 10.18
C LEU B 350 53.70 -5.38 9.79
N SER B 351 53.72 -6.64 10.23
CA SER B 351 54.84 -7.51 9.87
C SER B 351 54.55 -8.05 8.48
N TRP B 352 54.98 -7.29 7.48
CA TRP B 352 54.48 -7.40 6.11
C TRP B 352 55.39 -6.62 5.19
N ASN B 353 56.01 -7.29 4.22
CA ASN B 353 56.86 -6.60 3.24
C ASN B 353 56.01 -6.27 2.03
N LEU B 354 55.47 -5.05 2.02
CA LEU B 354 54.72 -4.58 0.86
C LEU B 354 55.59 -3.81 -0.11
N ARG B 355 56.74 -3.32 0.35
CA ARG B 355 57.64 -2.62 -0.56
C ARG B 355 58.03 -3.51 -1.74
N GLN B 356 58.22 -4.81 -1.50
CA GLN B 356 58.59 -5.69 -2.60
C GLN B 356 57.48 -5.80 -3.65
N LYS B 357 56.25 -5.43 -3.30
CA LYS B 357 55.13 -5.47 -4.24
C LYS B 357 54.87 -4.11 -4.89
N GLY B 358 55.73 -3.13 -4.64
CA GLY B 358 55.65 -1.83 -5.26
C GLY B 358 54.87 -0.79 -4.48
N ILE B 359 54.49 -1.07 -3.25
CA ILE B 359 53.75 -0.12 -2.43
C ILE B 359 54.71 0.92 -1.91
N LYS B 360 54.27 2.17 -1.85
CA LYS B 360 55.09 3.28 -1.39
C LYS B 360 54.33 4.08 -0.34
N PRO B 361 55.04 4.79 0.54
CA PRO B 361 54.37 5.74 1.44
C PRO B 361 53.42 6.67 0.68
N GLY B 362 52.26 6.95 1.26
CA GLY B 362 51.21 7.66 0.57
C GLY B 362 50.17 6.79 -0.10
N ASP B 363 50.49 5.54 -0.45
CA ASP B 363 49.49 4.69 -1.08
C ASP B 363 48.42 4.28 -0.06
N THR B 364 47.30 3.76 -0.57
CA THR B 364 46.20 3.34 0.28
C THR B 364 46.02 1.83 0.19
N LEU B 365 45.89 1.18 1.34
CA LEU B 365 45.55 -0.24 1.41
C LEU B 365 44.07 -0.35 1.73
N VAL B 366 43.34 -1.09 0.91
CA VAL B 366 41.96 -1.45 1.21
C VAL B 366 42.02 -2.84 1.84
N LEU B 367 41.89 -2.88 3.17
CA LEU B 367 41.96 -4.11 3.93
C LEU B 367 40.59 -4.80 3.91
N ARG B 368 40.57 -6.08 3.60
CA ARG B 368 39.28 -6.74 3.41
C ARG B 368 39.43 -8.23 3.62
N ASN B 369 38.34 -8.96 3.39
CA ASN B 369 38.44 -10.41 3.28
C ASN B 369 37.48 -10.86 2.18
N TYR B 370 37.27 -12.15 2.03
CA TYR B 370 36.46 -12.58 0.90
C TYR B 370 34.99 -12.76 1.25
N ASN B 371 34.57 -12.38 2.44
CA ASN B 371 33.19 -12.59 2.85
C ASN B 371 32.27 -11.57 2.17
N ARG B 372 31.08 -12.03 1.78
CA ARG B 372 30.10 -11.21 1.04
C ARG B 372 28.70 -11.65 1.45
N PRO B 373 28.27 -11.28 2.65
CA PRO B 373 26.98 -11.79 3.16
C PRO B 373 25.74 -11.14 2.56
N HIS B 374 25.80 -9.87 2.16
CA HIS B 374 24.57 -9.20 1.71
C HIS B 374 24.86 -8.18 0.62
N PRO B 375 24.22 -8.28 -0.55
CA PRO B 375 24.38 -7.23 -1.55
C PRO B 375 23.70 -5.93 -1.12
N GLY B 376 24.01 -4.86 -1.84
CA GLY B 376 23.38 -3.57 -1.57
C GLY B 376 21.95 -3.50 -2.05
N CYS B 377 21.67 -4.08 -3.24
CA CYS B 377 20.34 -4.05 -3.84
C CYS B 377 20.10 -5.40 -4.49
N VAL B 378 19.06 -6.10 -4.06
CA VAL B 378 18.72 -7.44 -4.55
C VAL B 378 17.45 -7.32 -5.37
N VAL B 379 17.46 -7.88 -6.57
CA VAL B 379 16.29 -7.95 -7.45
C VAL B 379 16.04 -9.42 -7.74
N TYR B 380 14.84 -9.91 -7.42
CA TYR B 380 14.60 -11.35 -7.37
C TYR B 380 13.15 -11.61 -7.73
N ARG B 381 12.91 -12.38 -8.79
CA ARG B 381 11.54 -12.58 -9.28
C ARG B 381 10.83 -11.24 -9.50
N ALA B 382 11.50 -10.33 -10.19
CA ALA B 382 10.93 -9.02 -10.51
C ALA B 382 10.92 -8.86 -12.02
N ARG B 383 9.88 -8.19 -12.52
CA ARG B 383 9.76 -7.90 -13.94
C ARG B 383 9.76 -6.40 -14.16
N LYS B 384 10.56 -5.93 -15.11
CA LYS B 384 10.63 -4.53 -15.51
C LYS B 384 10.98 -3.61 -14.34
N THR B 385 12.16 -3.87 -13.78
CA THR B 385 12.71 -3.06 -12.71
C THR B 385 13.62 -1.99 -13.29
N SER B 386 13.55 -0.76 -12.77
CA SER B 386 14.41 0.29 -13.31
C SER B 386 15.08 1.06 -12.17
N LEU B 387 16.34 1.41 -12.37
CA LEU B 387 17.09 2.29 -11.48
C LEU B 387 17.51 3.50 -12.28
N ASN B 388 17.04 4.68 -11.88
CA ASN B 388 17.33 5.93 -12.58
C ASN B 388 18.08 6.85 -11.63
N ASP B 389 19.32 7.17 -11.96
CA ASP B 389 20.14 8.03 -11.09
C ASP B 389 20.21 7.48 -9.66
N VAL B 390 20.47 6.17 -9.54
CA VAL B 390 20.64 5.52 -8.25
C VAL B 390 22.12 5.24 -8.07
N SER B 391 22.68 5.70 -6.95
CA SER B 391 24.10 5.53 -6.66
C SER B 391 24.23 4.56 -5.49
N LEU B 392 24.91 3.44 -5.72
CA LEU B 392 25.13 2.43 -4.69
C LEU B 392 26.60 2.51 -4.31
N HIS B 393 26.90 3.17 -3.19
CA HIS B 393 28.26 3.57 -2.87
C HIS B 393 29.08 2.49 -2.16
N GLN B 394 28.45 1.60 -1.41
CA GLN B 394 29.20 0.62 -0.63
C GLN B 394 28.22 -0.49 -0.32
N SER B 395 28.74 -1.70 -0.11
CA SER B 395 27.90 -2.88 0.10
C SER B 395 28.74 -4.03 0.65
N SER B 396 28.11 -4.89 1.44
CA SER B 396 28.81 -6.04 2.03
C SER B 396 28.74 -7.22 1.09
N GLY B 397 29.12 -6.97 -0.14
CA GLY B 397 28.94 -7.89 -1.25
C GLY B 397 28.80 -7.07 -2.50
N MET B 398 28.12 -7.64 -3.50
CA MET B 398 27.90 -6.87 -4.72
C MET B 398 26.96 -5.70 -4.43
N ALA B 399 27.13 -4.62 -5.18
CA ALA B 399 26.24 -3.48 -5.00
C ALA B 399 24.84 -3.80 -5.53
N LEU B 400 24.75 -4.44 -6.69
CA LEU B 400 23.48 -4.83 -7.30
C LEU B 400 23.52 -6.28 -7.74
N LEU B 401 22.59 -7.08 -7.24
CA LEU B 401 22.51 -8.49 -7.58
C LEU B 401 21.10 -8.75 -8.09
N VAL B 402 20.99 -9.15 -9.35
CA VAL B 402 19.72 -9.43 -10.01
C VAL B 402 19.69 -10.92 -10.36
N GLN B 403 18.64 -11.62 -9.94
CA GLN B 403 18.52 -13.06 -10.21
C GLN B 403 17.08 -13.42 -10.50
N ARG B 404 16.89 -14.41 -11.38
CA ARG B 404 15.58 -14.97 -11.69
C ARG B 404 14.57 -13.85 -11.91
N SER B 405 14.96 -12.88 -12.75
CA SER B 405 14.16 -11.68 -13.01
C SER B 405 14.13 -11.44 -14.50
N GLU B 406 13.17 -10.64 -14.95
CA GLU B 406 12.97 -10.35 -16.38
C GLU B 406 12.92 -8.85 -16.60
N ASP B 407 13.80 -8.34 -17.47
CA ASP B 407 13.83 -6.93 -17.91
C ASP B 407 14.35 -6.02 -16.81
N PHE B 408 15.55 -5.47 -17.00
CA PHE B 408 16.18 -4.66 -15.97
C PHE B 408 16.87 -3.48 -16.65
N HIS B 409 16.68 -2.28 -16.12
CA HIS B 409 17.24 -1.08 -16.72
C HIS B 409 17.90 -0.22 -15.65
N MET B 410 19.19 0.04 -15.78
CA MET B 410 19.87 1.03 -14.95
C MET B 410 20.37 2.15 -15.83
N LYS B 411 19.99 3.39 -15.49
CA LYS B 411 20.38 4.56 -16.28
C LYS B 411 20.92 5.62 -15.33
N GLY B 412 22.17 6.03 -15.54
CA GLY B 412 22.77 7.03 -14.67
C GLY B 412 23.17 6.43 -13.33
N GLY B 413 23.59 7.31 -12.41
CA GLY B 413 24.04 6.82 -11.11
C GLY B 413 25.25 5.91 -11.26
N GLY B 414 25.24 4.80 -10.52
CA GLY B 414 26.32 3.84 -10.64
C GLY B 414 26.84 3.35 -9.30
N VAL B 415 28.11 2.98 -9.25
CA VAL B 415 28.75 2.46 -8.05
C VAL B 415 30.05 3.26 -7.92
N MET B 416 30.01 4.34 -7.15
CA MET B 416 31.11 5.30 -7.14
C MET B 416 31.33 5.83 -5.73
N VAL B 417 32.44 6.54 -5.53
CA VAL B 417 32.78 7.04 -4.21
C VAL B 417 31.93 8.26 -3.89
N ARG B 418 31.29 8.28 -2.71
CA ARG B 418 30.51 9.43 -2.30
C ARG B 418 31.44 10.57 -1.91
N LYS B 419 31.15 11.78 -2.38
CA LYS B 419 32.06 12.88 -2.13
C LYS B 419 32.15 13.18 -0.64
N GLY B 420 33.36 13.47 -0.18
CA GLY B 420 33.62 13.75 1.22
C GLY B 420 33.95 12.54 2.09
N THR B 421 33.77 11.31 1.58
CA THR B 421 34.17 10.16 2.39
C THR B 421 35.67 9.91 2.38
N GLY B 422 36.39 10.42 1.37
CA GLY B 422 37.82 10.16 1.30
C GLY B 422 38.21 8.74 0.93
N ARG B 423 37.29 7.94 0.40
CA ARG B 423 37.54 6.55 0.03
C ARG B 423 38.09 6.44 -1.38
N VAL B 424 38.77 5.31 -1.65
CA VAL B 424 39.06 4.88 -3.02
C VAL B 424 38.28 3.63 -3.40
N HIS B 425 37.55 3.02 -2.47
CA HIS B 425 36.85 1.77 -2.76
C HIS B 425 35.34 1.98 -2.70
N THR B 426 34.61 1.07 -3.34
CA THR B 426 33.15 1.12 -3.27
C THR B 426 32.61 -0.26 -2.87
N ALA B 427 32.03 -0.99 -3.82
CA ALA B 427 31.40 -2.26 -3.47
C ALA B 427 32.41 -3.30 -2.99
N GLY B 428 31.98 -4.14 -2.04
CA GLY B 428 32.77 -5.28 -1.58
C GLY B 428 32.90 -6.40 -2.61
N ALA B 429 32.18 -6.31 -3.72
CA ALA B 429 32.35 -7.26 -4.81
C ALA B 429 31.90 -6.55 -6.09
N ASP B 430 31.21 -7.25 -7.01
CA ASP B 430 30.81 -6.67 -8.30
C ASP B 430 29.99 -5.39 -8.12
N ALA B 431 30.06 -4.50 -9.12
CA ALA B 431 29.08 -3.40 -9.15
C ALA B 431 27.69 -3.94 -9.47
N THR B 432 27.54 -4.68 -10.57
CA THR B 432 26.25 -5.23 -10.98
C THR B 432 26.47 -6.66 -11.42
N HIS B 433 25.43 -7.47 -11.28
CA HIS B 433 25.58 -8.91 -11.50
C HIS B 433 24.21 -9.51 -11.81
N PHE B 434 24.14 -10.33 -12.85
CA PHE B 434 22.86 -10.82 -13.36
C PHE B 434 22.94 -12.32 -13.47
N SER B 435 22.30 -13.03 -12.55
CA SER B 435 22.43 -14.47 -12.43
C SER B 435 21.10 -15.11 -12.81
N ASN B 436 21.05 -15.83 -13.93
CA ASN B 436 19.81 -16.49 -14.38
C ASN B 436 18.67 -15.51 -14.58
N THR B 437 18.89 -14.53 -15.45
CA THR B 437 17.85 -13.54 -15.72
C THR B 437 17.37 -13.71 -17.15
N ARG B 438 16.35 -12.93 -17.53
CA ARG B 438 15.87 -13.01 -18.91
C ARG B 438 15.34 -11.64 -19.32
N GLY B 439 14.73 -11.59 -20.50
CA GLY B 439 14.35 -10.31 -21.06
C GLY B 439 15.59 -9.52 -21.44
N GLY B 440 15.51 -8.20 -21.29
CA GLY B 440 16.58 -7.30 -21.68
C GLY B 440 17.23 -6.67 -20.46
N ILE B 441 18.56 -6.66 -20.46
CA ILE B 441 19.37 -5.92 -19.50
C ILE B 441 19.94 -4.71 -20.23
N VAL B 442 19.74 -3.53 -19.68
CA VAL B 442 20.34 -2.30 -20.19
C VAL B 442 20.98 -1.57 -19.01
N VAL B 443 22.30 -1.35 -19.08
CA VAL B 443 23.03 -0.62 -18.05
C VAL B 443 23.77 0.49 -18.78
N GLU B 444 23.40 1.75 -18.51
CA GLU B 444 23.91 2.82 -19.35
C GLU B 444 24.12 4.11 -18.56
N LYS B 445 25.06 4.93 -19.03
CA LYS B 445 25.30 6.28 -18.53
C LYS B 445 25.70 6.29 -17.06
N ALA B 446 26.35 5.24 -16.61
CA ALA B 446 26.70 5.06 -15.20
C ALA B 446 28.21 5.08 -15.01
N LEU B 447 28.61 5.38 -13.76
CA LEU B 447 30.00 5.37 -13.36
C LEU B 447 30.21 4.23 -12.37
N PHE B 448 31.17 3.37 -12.69
CA PHE B 448 31.52 2.23 -11.85
C PHE B 448 33.02 2.34 -11.55
N GLU B 449 33.36 2.67 -10.30
CA GLU B 449 34.77 2.85 -9.94
C GLU B 449 35.06 2.20 -8.59
N GLY B 450 36.28 1.66 -8.45
CA GLY B 450 36.77 1.28 -7.14
C GLY B 450 36.14 0.05 -6.52
N MET B 451 35.35 -0.71 -7.29
CA MET B 451 34.71 -1.91 -6.79
C MET B 451 35.74 -3.00 -6.55
N MET B 452 35.40 -3.94 -5.69
CA MET B 452 36.25 -5.10 -5.46
C MET B 452 35.96 -6.24 -6.41
N ASP B 453 35.28 -5.96 -7.53
CA ASP B 453 35.16 -6.94 -8.61
C ASP B 453 34.66 -6.23 -9.87
N ASP B 454 34.12 -6.99 -10.82
CA ASP B 454 33.77 -6.43 -12.12
C ASP B 454 32.62 -5.42 -12.05
N ALA B 455 32.50 -4.62 -13.11
CA ALA B 455 31.35 -3.73 -13.20
C ALA B 455 30.07 -4.50 -13.53
N ILE B 456 30.18 -5.61 -14.28
CA ILE B 456 29.00 -6.40 -14.66
C ILE B 456 29.45 -7.83 -14.93
N ASN B 457 28.62 -8.80 -14.54
CA ASN B 457 28.80 -10.20 -14.87
C ASN B 457 27.42 -10.74 -15.18
N VAL B 458 27.23 -11.30 -16.36
CA VAL B 458 25.95 -11.84 -16.81
C VAL B 458 26.15 -13.33 -17.11
N HIS B 459 25.40 -14.20 -16.43
CA HIS B 459 25.64 -15.63 -16.61
C HIS B 459 24.44 -16.46 -16.14
N SER B 460 24.38 -17.71 -16.62
CA SER B 460 23.55 -18.76 -16.06
C SER B 460 24.30 -19.47 -14.93
N THR B 461 23.56 -20.19 -14.09
CA THR B 461 24.13 -21.12 -13.11
C THR B 461 23.89 -22.52 -13.67
N CYS B 462 24.94 -23.30 -13.89
CA CYS B 462 24.71 -24.64 -14.39
C CYS B 462 24.90 -25.65 -13.26
N LEU B 463 23.95 -26.57 -13.13
CA LEU B 463 24.03 -27.57 -12.06
C LEU B 463 24.79 -28.79 -12.56
N GLY B 464 25.50 -29.46 -11.66
CA GLY B 464 26.18 -30.71 -12.03
C GLY B 464 25.21 -31.89 -12.05
N VAL B 465 25.32 -32.71 -13.08
CA VAL B 465 24.53 -33.94 -13.12
C VAL B 465 25.27 -34.99 -12.29
N MET B 466 24.71 -35.34 -11.13
CA MET B 466 25.36 -36.31 -10.26
C MET B 466 25.02 -37.76 -10.62
N GLU B 467 23.82 -38.01 -11.15
CA GLU B 467 23.39 -39.37 -11.46
C GLU B 467 22.23 -39.32 -12.44
N VAL B 468 22.30 -40.14 -13.49
CA VAL B 468 21.16 -40.42 -14.34
C VAL B 468 20.40 -41.55 -13.66
N VAL B 469 19.29 -41.21 -13.01
CA VAL B 469 18.57 -42.19 -12.19
C VAL B 469 17.80 -43.16 -13.07
N ASP B 470 17.08 -42.65 -14.07
CA ASP B 470 16.47 -43.52 -15.08
C ASP B 470 16.32 -42.70 -16.36
N SER B 471 15.52 -43.19 -17.30
CA SER B 471 15.41 -42.49 -18.57
C SER B 471 14.76 -41.12 -18.46
N HIS B 472 14.13 -40.77 -17.32
CA HIS B 472 13.48 -39.46 -17.18
C HIS B 472 13.96 -38.66 -15.97
N THR B 473 14.94 -39.13 -15.22
CA THR B 473 15.24 -38.57 -13.90
C THR B 473 16.71 -38.29 -13.75
N LEU B 474 17.04 -37.09 -13.28
CA LEU B 474 18.40 -36.66 -13.03
C LEU B 474 18.50 -36.20 -11.58
N LYS B 475 19.52 -36.67 -10.87
CA LYS B 475 19.93 -36.04 -9.62
C LYS B 475 20.97 -34.98 -9.97
N CYS B 476 20.71 -33.74 -9.58
CA CYS B 476 21.57 -32.62 -9.91
C CYS B 476 22.01 -31.91 -8.62
N LYS B 477 23.15 -31.22 -8.70
CA LYS B 477 23.69 -30.57 -7.52
C LYS B 477 24.16 -29.15 -7.84
N TYR B 478 23.89 -28.23 -6.92
CA TYR B 478 24.51 -26.91 -6.97
C TYR B 478 25.97 -27.06 -6.56
N MET B 479 26.90 -26.82 -7.48
CA MET B 479 28.28 -27.23 -7.25
C MET B 479 29.15 -26.17 -6.59
N HIS B 480 28.74 -24.91 -6.58
CA HIS B 480 29.54 -23.87 -5.95
C HIS B 480 28.84 -23.40 -4.68
N ARG B 481 29.61 -23.29 -3.58
CA ARG B 481 29.02 -23.06 -2.27
C ARG B 481 28.32 -21.70 -2.16
N GLN B 482 28.65 -20.75 -3.04
CA GLN B 482 28.01 -19.44 -3.01
C GLN B 482 26.84 -19.33 -3.98
N ALA B 483 26.49 -20.39 -4.67
CA ALA B 483 25.35 -20.34 -5.59
C ALA B 483 24.55 -21.62 -5.36
N VAL B 484 23.73 -21.60 -4.30
CA VAL B 484 22.98 -22.75 -3.86
C VAL B 484 21.54 -22.31 -3.58
N GLY B 485 20.61 -23.25 -3.67
CA GLY B 485 19.31 -23.10 -3.07
C GLY B 485 18.26 -22.28 -3.83
N PHE B 486 18.62 -21.14 -4.42
CA PHE B 486 17.62 -20.34 -5.13
C PHE B 486 17.14 -21.12 -6.36
N GLU B 487 15.90 -20.86 -6.80
CA GLU B 487 15.34 -21.71 -7.85
C GLU B 487 16.07 -21.49 -9.17
N VAL B 488 16.45 -22.60 -9.80
CA VAL B 488 17.07 -22.57 -11.12
C VAL B 488 16.23 -23.31 -12.17
N PHE B 489 15.34 -24.22 -11.77
CA PHE B 489 14.43 -24.90 -12.68
C PHE B 489 13.08 -25.02 -12.01
N LEU B 490 12.02 -24.57 -12.71
CA LEU B 490 10.64 -24.79 -12.31
C LEU B 490 9.92 -25.70 -13.31
N PRO B 491 8.85 -26.39 -12.88
CA PRO B 491 8.10 -27.22 -13.83
C PRO B 491 7.69 -26.41 -15.04
N GLY B 492 7.85 -27.02 -16.22
CA GLY B 492 7.55 -26.36 -17.47
C GLY B 492 8.71 -25.60 -18.10
N GLU B 493 9.81 -25.37 -17.40
CA GLU B 493 10.90 -24.62 -18.02
C GLU B 493 11.76 -25.55 -18.86
N LYS B 494 12.53 -24.95 -19.76
CA LYS B 494 13.36 -25.72 -20.68
C LYS B 494 14.75 -25.88 -20.12
N ILE B 495 15.31 -27.06 -20.31
CA ILE B 495 16.65 -27.38 -19.84
C ILE B 495 17.54 -27.68 -21.05
N ARG B 496 18.74 -27.12 -21.03
CA ARG B 496 19.77 -27.37 -22.03
C ARG B 496 20.87 -28.19 -21.39
N PHE B 497 21.22 -29.32 -21.99
CA PHE B 497 22.29 -30.14 -21.45
C PHE B 497 23.63 -29.65 -21.97
N ILE B 498 24.66 -29.83 -21.14
CA ILE B 498 26.03 -29.46 -21.49
C ILE B 498 26.88 -30.72 -21.33
N ASN B 499 27.54 -31.13 -22.41
CA ASN B 499 28.54 -32.19 -22.26
C ASN B 499 29.72 -31.68 -21.46
N GLY B 500 29.96 -32.28 -20.30
CA GLY B 500 30.92 -31.78 -19.34
C GLY B 500 32.34 -31.68 -19.87
N PRO B 501 32.89 -32.80 -20.33
CA PRO B 501 34.33 -32.79 -20.71
C PRO B 501 34.68 -31.87 -21.87
N THR B 502 33.76 -31.62 -22.81
CA THR B 502 34.08 -30.78 -23.98
C THR B 502 33.35 -29.45 -23.97
N LEU B 503 32.67 -29.12 -22.88
CA LEU B 503 31.84 -27.91 -22.77
C LEU B 503 31.03 -27.68 -24.04
N GLU B 504 30.17 -28.66 -24.35
CA GLU B 504 29.37 -28.58 -25.58
C GLU B 504 27.90 -28.65 -25.24
N PRO B 505 27.16 -27.55 -25.37
CA PRO B 505 25.70 -27.63 -25.24
C PRO B 505 25.13 -28.66 -26.20
N GLY B 506 24.19 -29.45 -25.70
CA GLY B 506 23.65 -30.55 -26.48
C GLY B 506 22.16 -30.42 -26.73
N GLY B 507 21.38 -31.43 -26.32
CA GLY B 507 19.96 -31.39 -26.54
C GLY B 507 19.22 -30.53 -25.52
N THR B 508 17.90 -30.51 -25.67
CA THR B 508 17.04 -29.82 -24.70
C THR B 508 16.00 -30.80 -24.18
N ALA B 509 15.34 -30.40 -23.11
CA ALA B 509 14.25 -31.15 -22.52
C ALA B 509 13.34 -30.16 -21.82
N THR B 510 12.20 -30.66 -21.34
CA THR B 510 11.26 -29.84 -20.58
C THR B 510 11.11 -30.43 -19.18
N VAL B 511 11.29 -29.58 -18.16
CA VAL B 511 11.14 -30.02 -16.78
C VAL B 511 9.70 -30.42 -16.54
N LYS B 512 9.49 -31.65 -16.09
CA LYS B 512 8.17 -32.11 -15.69
C LYS B 512 7.97 -31.82 -14.20
N THR B 513 8.86 -32.36 -13.37
CA THR B 513 8.85 -32.05 -11.95
C THR B 513 10.27 -31.73 -11.50
N ALA B 514 10.38 -30.96 -10.42
CA ALA B 514 11.67 -30.70 -9.78
C ALA B 514 11.43 -30.66 -8.29
N VAL B 515 12.23 -31.40 -7.54
CA VAL B 515 12.07 -31.54 -6.11
C VAL B 515 13.40 -31.13 -5.48
N LYS B 516 13.37 -30.12 -4.62
CA LYS B 516 14.58 -29.72 -3.92
C LYS B 516 14.74 -30.62 -2.68
N LYS B 517 15.83 -31.40 -2.61
CA LYS B 517 16.00 -32.30 -1.48
C LYS B 517 16.64 -31.61 -0.29
N ASN B 518 17.46 -30.61 -0.55
CA ASN B 518 18.10 -29.76 0.45
C ASN B 518 18.68 -28.60 -0.33
N SER B 519 19.37 -27.70 0.35
CA SER B 519 19.76 -26.46 -0.31
C SER B 519 20.68 -26.71 -1.50
N ALA B 520 21.32 -27.87 -1.61
CA ALA B 520 22.26 -28.08 -2.70
C ALA B 520 21.90 -29.19 -3.68
N GLU B 521 20.83 -29.94 -3.45
CA GLU B 521 20.54 -31.12 -4.26
C GLU B 521 19.09 -31.11 -4.72
N MET B 522 18.86 -31.42 -5.99
CA MET B 522 17.51 -31.52 -6.50
C MET B 522 17.39 -32.72 -7.43
N VAL B 523 16.18 -33.23 -7.53
CA VAL B 523 15.83 -34.30 -8.46
C VAL B 523 14.93 -33.69 -9.53
N ILE B 524 15.35 -33.80 -10.78
CA ILE B 524 14.60 -33.27 -11.92
C ILE B 524 14.08 -34.43 -12.75
N THR B 525 12.79 -34.40 -13.06
CA THR B 525 12.14 -35.33 -13.98
C THR B 525 11.76 -34.57 -15.24
N VAL B 526 12.05 -35.14 -16.40
CA VAL B 526 11.77 -34.45 -17.66
C VAL B 526 10.59 -35.14 -18.35
N GLU B 527 9.99 -34.42 -19.30
CA GLU B 527 8.78 -34.90 -19.98
C GLU B 527 9.08 -36.05 -20.94
N GLU B 528 10.13 -35.92 -21.74
CA GLU B 528 10.46 -36.94 -22.72
C GLU B 528 11.74 -37.65 -22.30
N PRO B 529 12.01 -38.85 -22.81
CA PRO B 529 13.25 -39.56 -22.41
C PRO B 529 14.49 -38.69 -22.60
N LEU B 530 15.42 -38.80 -21.66
CA LEU B 530 16.66 -38.07 -21.73
C LEU B 530 17.45 -38.48 -22.97
N PRO B 531 18.19 -37.56 -23.56
CA PRO B 531 19.18 -37.95 -24.57
C PRO B 531 20.13 -38.97 -23.98
N SER B 532 20.49 -39.98 -24.77
CA SER B 532 21.38 -41.01 -24.28
C SER B 532 22.77 -40.47 -24.01
N SER B 533 23.12 -39.31 -24.56
CA SER B 533 24.42 -38.72 -24.32
C SER B 533 24.58 -38.09 -22.93
N VAL B 534 23.49 -37.87 -22.18
CA VAL B 534 23.60 -37.20 -20.88
C VAL B 534 24.13 -38.18 -19.85
N ARG B 535 25.21 -37.80 -19.16
CA ARG B 535 25.95 -38.68 -18.27
C ARG B 535 26.30 -37.94 -16.98
N ALA B 536 26.58 -38.71 -15.92
CA ALA B 536 27.16 -38.13 -14.72
C ALA B 536 28.39 -37.29 -15.06
N GLY B 537 28.44 -36.08 -14.48
CA GLY B 537 29.50 -35.15 -14.77
C GLY B 537 29.18 -34.18 -15.89
N ASP B 538 28.08 -34.38 -16.61
CA ASP B 538 27.60 -33.31 -17.46
C ASP B 538 26.94 -32.25 -16.59
N ALA B 539 26.38 -31.23 -17.25
CA ALA B 539 25.77 -30.11 -16.56
C ALA B 539 24.46 -29.77 -17.24
N VAL B 540 23.61 -29.05 -16.52
CA VAL B 540 22.34 -28.58 -17.07
C VAL B 540 22.19 -27.09 -16.81
N GLU B 541 21.69 -26.35 -17.80
CA GLU B 541 21.41 -24.95 -17.60
C GLU B 541 19.99 -24.68 -18.08
N ASN B 542 19.44 -23.57 -17.62
CA ASN B 542 18.04 -23.25 -17.90
C ASN B 542 17.96 -22.52 -19.23
N ALA B 543 17.30 -23.15 -20.21
CA ALA B 543 17.25 -22.57 -21.55
C ALA B 543 16.17 -21.49 -21.72
N ASP B 544 15.39 -21.20 -20.69
CA ASP B 544 14.44 -20.08 -20.76
C ASP B 544 14.96 -18.81 -20.12
N PHE B 545 16.12 -18.84 -19.46
CA PHE B 545 16.59 -17.68 -18.71
C PHE B 545 17.93 -17.22 -19.28
N TYR B 546 17.88 -16.64 -20.48
CA TYR B 546 19.03 -15.97 -21.10
C TYR B 546 18.65 -14.53 -21.39
N PRO B 547 19.42 -13.54 -20.97
CA PRO B 547 19.05 -12.15 -21.26
C PRO B 547 19.84 -11.57 -22.41
N SER B 548 19.26 -10.60 -23.12
CA SER B 548 20.05 -9.71 -23.97
C SER B 548 20.70 -8.67 -23.08
N VAL B 549 21.81 -8.10 -23.54
CA VAL B 549 22.59 -7.17 -22.75
C VAL B 549 22.95 -5.96 -23.59
N VAL B 550 22.69 -4.77 -23.05
CA VAL B 550 23.24 -3.53 -23.59
C VAL B 550 24.00 -2.87 -22.45
N PHE B 551 25.31 -2.73 -22.61
CA PHE B 551 26.18 -2.10 -21.62
C PHE B 551 26.81 -0.92 -22.35
N ARG B 552 26.30 0.29 -22.10
CA ARG B 552 26.51 1.40 -23.04
C ARG B 552 26.83 2.68 -22.32
N ASN B 553 27.84 3.41 -22.83
CA ASN B 553 28.15 4.78 -22.38
C ASN B 553 28.40 4.84 -20.88
N ASN B 554 29.07 3.82 -20.34
CA ASN B 554 29.48 3.82 -18.94
C ASN B 554 30.96 4.13 -18.82
N ILE B 555 31.37 4.48 -17.61
CA ILE B 555 32.79 4.53 -17.23
C ILE B 555 33.04 3.40 -16.24
N VAL B 556 34.04 2.59 -16.51
CA VAL B 556 34.48 1.52 -15.61
C VAL B 556 35.95 1.82 -15.33
N ARG B 557 36.29 2.03 -14.05
CA ARG B 557 37.68 2.39 -13.77
C ARG B 557 38.14 1.93 -12.39
N ASN B 558 39.45 1.65 -12.30
CA ASN B 558 40.13 1.45 -11.02
C ASN B 558 39.44 0.40 -10.15
N ASN B 559 39.07 -0.73 -10.77
CA ASN B 559 38.34 -1.79 -10.10
C ASN B 559 39.12 -3.10 -10.13
N ARG B 560 38.88 -3.92 -9.11
CA ARG B 560 39.55 -5.19 -8.98
C ARG B 560 39.07 -6.17 -10.04
N ALA B 561 40.00 -7.01 -10.50
CA ALA B 561 39.72 -8.07 -11.45
C ALA B 561 39.27 -7.47 -12.77
N ARG B 562 38.26 -8.07 -13.37
CA ARG B 562 37.95 -7.74 -14.76
C ARG B 562 36.98 -6.57 -14.84
N GLY B 563 36.94 -5.92 -16.00
CA GLY B 563 35.98 -4.85 -16.18
C GLY B 563 34.56 -5.37 -16.34
N SER B 564 34.39 -6.45 -17.08
CA SER B 564 33.03 -6.90 -17.40
C SER B 564 33.09 -8.34 -17.89
N LEU B 565 32.05 -9.10 -17.57
CA LEU B 565 31.96 -10.53 -17.91
C LEU B 565 30.60 -10.81 -18.55
N PHE B 566 30.58 -11.51 -19.70
CA PHE B 566 29.31 -11.84 -20.35
C PHE B 566 29.32 -13.29 -20.80
N THR B 567 28.28 -14.05 -20.42
CA THR B 567 28.03 -15.40 -20.95
C THR B 567 26.52 -15.51 -21.14
N THR B 568 26.05 -15.20 -22.35
CA THR B 568 24.65 -15.40 -22.70
C THR B 568 24.54 -15.55 -24.19
N PRO B 569 23.65 -16.40 -24.70
CA PRO B 569 23.51 -16.54 -26.15
C PRO B 569 22.71 -15.43 -26.79
N GLU B 570 22.04 -14.59 -26.02
CA GLU B 570 21.31 -13.51 -26.67
C GLU B 570 22.28 -12.39 -27.04
N ARG B 571 21.78 -11.44 -27.84
CA ARG B 571 22.64 -10.34 -28.28
C ARG B 571 23.28 -9.61 -27.09
N VAL B 572 24.58 -9.35 -27.20
CA VAL B 572 25.33 -8.57 -26.21
C VAL B 572 25.95 -7.40 -26.96
N LEU B 573 25.66 -6.19 -26.51
CA LEU B 573 26.20 -4.98 -27.11
C LEU B 573 26.99 -4.22 -26.05
N VAL B 574 28.30 -4.06 -26.29
CA VAL B 574 29.20 -3.34 -25.38
C VAL B 574 29.67 -2.13 -26.17
N GLU B 575 29.14 -0.95 -25.85
CA GLU B 575 29.28 0.18 -26.76
C GLU B 575 29.50 1.50 -26.03
N GLY B 576 30.45 2.29 -26.53
CA GLY B 576 30.62 3.65 -26.06
C GLY B 576 31.17 3.78 -24.65
N ASN B 577 31.73 2.71 -24.09
CA ASN B 577 32.23 2.71 -22.73
C ASN B 577 33.68 3.15 -22.67
N LEU B 578 34.06 3.70 -21.52
CA LEU B 578 35.46 3.95 -21.18
C LEU B 578 35.87 2.90 -20.15
N PHE B 579 36.80 2.03 -20.51
CA PHE B 579 37.42 1.12 -19.54
C PHE B 579 38.77 1.75 -19.21
N ASP B 580 38.85 2.38 -18.05
CA ASP B 580 39.96 3.26 -17.68
C ASP B 580 40.69 2.57 -16.53
N HIS B 581 41.75 1.85 -16.83
CA HIS B 581 42.57 1.22 -15.80
C HIS B 581 41.74 0.24 -14.96
N SER B 582 40.87 -0.55 -15.61
CA SER B 582 40.43 -1.75 -14.93
C SER B 582 41.68 -2.55 -14.59
N SER B 583 41.73 -3.15 -13.41
CA SER B 583 42.98 -3.77 -12.99
C SER B 583 43.33 -4.96 -13.89
N GLY B 584 42.37 -5.84 -14.15
CA GLY B 584 42.56 -6.99 -15.04
C GLY B 584 42.11 -6.72 -16.47
N SER B 585 41.68 -7.78 -17.16
CA SER B 585 41.14 -7.61 -18.51
C SER B 585 39.93 -6.71 -18.49
N ALA B 586 39.73 -5.98 -19.59
CA ALA B 586 38.53 -5.14 -19.71
C ALA B 586 37.26 -5.98 -19.88
N ILE B 587 37.32 -7.02 -20.72
CA ILE B 587 36.14 -7.81 -21.08
C ILE B 587 36.53 -9.29 -21.07
N LEU B 588 35.70 -10.12 -20.44
CA LEU B 588 35.93 -11.56 -20.34
C LEU B 588 34.66 -12.29 -20.78
N LEU B 589 34.79 -13.21 -21.75
CA LEU B 589 33.72 -14.16 -22.07
C LEU B 589 34.19 -15.53 -21.57
N ALA B 590 33.56 -16.05 -20.51
CA ALA B 590 34.08 -17.27 -19.90
C ALA B 590 33.18 -18.47 -20.19
N GLY B 591 32.68 -19.12 -19.14
CA GLY B 591 31.87 -20.31 -19.28
C GLY B 591 32.63 -21.50 -18.75
N ASP B 592 31.98 -22.35 -17.96
CA ASP B 592 32.66 -23.53 -17.40
C ASP B 592 31.62 -24.49 -16.85
N ALA B 593 32.04 -25.73 -16.65
CA ALA B 593 31.25 -26.72 -15.91
C ALA B 593 32.15 -27.46 -14.94
N GLN B 594 32.96 -26.71 -14.19
CA GLN B 594 33.95 -27.37 -13.33
C GLN B 594 34.42 -26.53 -12.16
N GLY B 595 34.24 -25.21 -12.21
CA GLY B 595 34.77 -24.34 -11.18
C GLY B 595 33.73 -23.40 -10.63
N TRP B 596 33.47 -22.30 -11.35
CA TRP B 596 32.42 -21.38 -10.95
C TRP B 596 31.03 -21.90 -11.31
N TYR B 597 30.94 -22.88 -12.22
CA TYR B 597 29.67 -23.39 -12.76
C TYR B 597 28.76 -22.24 -13.20
N GLU B 598 29.34 -21.37 -14.01
CA GLU B 598 28.65 -20.26 -14.65
C GLU B 598 28.79 -20.47 -16.14
N SER B 599 27.68 -20.42 -16.85
CA SER B 599 27.66 -20.85 -18.24
C SER B 599 26.81 -19.90 -19.05
N GLY B 600 26.84 -20.10 -20.37
CA GLY B 600 26.02 -19.33 -21.28
C GLY B 600 26.86 -19.00 -22.49
N ALA B 601 26.75 -19.83 -23.53
CA ALA B 601 27.56 -19.62 -24.72
C ALA B 601 27.09 -18.36 -25.43
N CYS B 602 28.03 -17.51 -25.82
CA CYS B 602 27.68 -16.31 -26.58
C CYS B 602 27.47 -16.66 -28.05
N HIS B 603 26.41 -16.11 -28.65
CA HIS B 603 26.10 -16.30 -30.06
C HIS B 603 26.16 -15.02 -30.87
N GLU B 604 26.30 -13.87 -30.22
CA GLU B 604 26.31 -12.59 -30.91
C GLU B 604 26.81 -11.52 -29.96
N VAL B 605 28.04 -11.05 -30.15
CA VAL B 605 28.67 -10.06 -29.28
C VAL B 605 29.23 -8.95 -30.15
N VAL B 606 28.89 -7.71 -29.83
CA VAL B 606 29.38 -6.56 -30.56
C VAL B 606 30.02 -5.62 -29.55
N ILE B 607 31.32 -5.37 -29.72
CA ILE B 607 32.13 -4.55 -28.84
C ILE B 607 32.64 -3.42 -29.73
N ARG B 608 32.01 -2.25 -29.65
CA ARG B 608 32.29 -1.17 -30.60
C ARG B 608 32.31 0.18 -29.90
N LYS B 609 33.13 1.10 -30.42
CA LYS B 609 33.16 2.49 -29.99
C LYS B 609 33.53 2.67 -28.53
N ASN B 610 34.24 1.69 -27.95
CA ASN B 610 34.78 1.81 -26.60
C ASN B 610 36.20 2.38 -26.64
N THR B 611 36.63 2.90 -25.48
CA THR B 611 38.03 3.27 -25.28
C THR B 611 38.59 2.47 -24.12
N PHE B 612 39.69 1.76 -24.38
CA PHE B 612 40.38 0.95 -23.38
C PHE B 612 41.73 1.58 -23.07
N ILE B 613 41.92 2.01 -21.82
CA ILE B 613 43.14 2.72 -21.42
C ILE B 613 43.86 1.95 -20.33
N ASN B 614 45.00 1.34 -20.68
CA ASN B 614 45.93 0.73 -19.71
C ASN B 614 45.22 -0.20 -18.72
N ASN B 615 44.33 -1.03 -19.25
CA ASN B 615 43.78 -2.16 -18.52
C ASN B 615 44.81 -3.26 -18.39
N LEU B 616 44.53 -4.21 -17.49
CA LEU B 616 45.35 -5.43 -17.35
C LEU B 616 46.76 -5.13 -16.81
N THR B 617 46.87 -4.20 -15.85
CA THR B 617 48.13 -4.00 -15.15
C THR B 617 48.37 -5.02 -14.03
N SER B 618 47.34 -5.75 -13.61
CA SER B 618 47.51 -6.87 -12.69
C SER B 618 46.73 -8.06 -13.24
N ARG B 619 47.21 -9.27 -12.93
CA ARG B 619 46.62 -10.49 -13.48
C ARG B 619 45.69 -11.15 -12.46
N TYR B 620 44.60 -11.73 -12.98
CA TYR B 620 43.58 -12.42 -12.21
C TYR B 620 43.20 -13.66 -13.00
N GLN B 621 42.27 -14.45 -12.48
CA GLN B 621 41.86 -15.64 -13.22
C GLN B 621 41.36 -15.25 -14.61
N PHE B 622 41.89 -15.93 -15.63
CA PHE B 622 41.49 -15.81 -17.03
C PHE B 622 41.97 -14.54 -17.73
N THR B 623 42.77 -13.69 -17.09
CA THR B 623 43.10 -12.40 -17.72
C THR B 623 44.34 -12.57 -18.60
N ASN B 624 44.14 -13.03 -19.84
CA ASN B 624 45.25 -13.28 -20.74
C ASN B 624 45.45 -12.20 -21.79
N ALA B 625 44.55 -11.22 -21.86
CA ALA B 625 44.57 -10.19 -22.89
C ALA B 625 43.56 -9.14 -22.48
N ILE B 626 43.64 -7.97 -23.11
CA ILE B 626 42.69 -6.90 -22.79
C ILE B 626 41.26 -7.40 -22.96
N ILE B 627 41.00 -8.11 -24.06
CA ILE B 627 39.75 -8.85 -24.27
C ILE B 627 40.12 -10.33 -24.25
N SER B 628 39.53 -11.07 -23.31
CA SER B 628 39.89 -12.46 -23.10
C SER B 628 38.64 -13.31 -23.24
N ILE B 629 38.70 -14.33 -24.08
CA ILE B 629 37.60 -15.25 -24.29
C ILE B 629 38.11 -16.59 -23.81
N TYR B 630 37.66 -17.02 -22.63
CA TYR B 630 38.31 -18.10 -21.88
C TYR B 630 37.26 -19.01 -21.28
N PRO B 631 36.50 -19.71 -22.13
CA PRO B 631 35.74 -20.86 -21.62
C PRO B 631 36.72 -21.91 -21.13
N GLU B 632 36.31 -22.66 -20.10
CA GLU B 632 37.12 -23.75 -19.57
C GLU B 632 36.64 -25.06 -20.19
N VAL B 633 37.52 -25.71 -20.95
CA VAL B 633 37.19 -26.90 -21.70
C VAL B 633 38.21 -27.96 -21.31
N LYS B 634 37.76 -29.01 -20.64
CA LYS B 634 38.70 -30.01 -20.13
C LYS B 634 39.39 -30.76 -21.26
N GLN B 635 38.66 -31.12 -22.31
CA GLN B 635 39.15 -31.99 -23.38
C GLN B 635 38.97 -31.27 -24.72
N LEU B 636 39.74 -30.20 -24.91
CA LEU B 636 39.59 -29.39 -26.11
C LEU B 636 39.88 -30.20 -27.37
N ASP B 637 40.81 -31.16 -27.30
CA ASP B 637 41.11 -31.91 -28.51
C ASP B 637 39.96 -32.81 -28.94
N ARG B 638 38.97 -33.04 -28.08
CA ARG B 638 37.80 -33.83 -28.45
C ARG B 638 36.58 -32.97 -28.77
N GLN B 639 36.71 -31.64 -28.69
CA GLN B 639 35.57 -30.76 -28.92
C GLN B 639 35.31 -30.61 -30.41
N ARG B 640 34.04 -30.71 -30.80
CA ARG B 640 33.59 -30.51 -32.17
C ARG B 640 33.06 -29.10 -32.39
N ASP B 641 32.12 -28.66 -31.56
CA ASP B 641 31.48 -27.36 -31.68
C ASP B 641 32.22 -26.30 -30.85
N TYR B 642 32.34 -25.10 -31.42
CA TYR B 642 32.96 -23.98 -30.72
C TYR B 642 31.97 -23.37 -29.72
N TYR B 643 32.42 -23.09 -28.50
CA TYR B 643 31.49 -22.61 -27.48
C TYR B 643 30.94 -21.23 -27.82
N HIS B 644 31.83 -20.25 -28.04
CA HIS B 644 31.42 -18.88 -28.34
C HIS B 644 31.46 -18.63 -29.84
N ARG B 645 30.50 -17.83 -30.34
CA ARG B 645 30.40 -17.56 -31.78
C ARG B 645 30.06 -16.10 -32.04
N ASN B 646 30.53 -15.59 -33.19
CA ASN B 646 30.10 -14.32 -33.76
C ASN B 646 30.41 -13.16 -32.82
N VAL B 647 31.70 -12.93 -32.59
CA VAL B 647 32.18 -11.86 -31.72
C VAL B 647 32.83 -10.81 -32.62
N LEU B 648 32.34 -9.57 -32.53
CA LEU B 648 32.78 -8.49 -33.41
C LEU B 648 33.37 -7.37 -32.57
N ILE B 649 34.66 -7.08 -32.77
CA ILE B 649 35.39 -6.05 -32.03
C ILE B 649 35.80 -5.00 -33.06
N GLU B 650 35.10 -3.87 -33.10
CA GLU B 650 35.26 -2.91 -34.18
C GLU B 650 35.19 -1.48 -33.66
N ASN B 651 35.98 -0.60 -34.28
CA ASN B 651 35.88 0.84 -34.07
C ASN B 651 36.10 1.23 -32.60
N ASN B 652 37.02 0.54 -31.93
CA ASN B 652 37.43 0.88 -30.58
C ASN B 652 38.80 1.56 -30.60
N VAL B 653 39.12 2.24 -29.49
CA VAL B 653 40.44 2.81 -29.27
C VAL B 653 41.12 2.06 -28.12
N PHE B 654 42.31 1.52 -28.38
CA PHE B 654 43.11 0.84 -27.36
C PHE B 654 44.35 1.68 -27.11
N LYS B 655 44.48 2.23 -25.90
CA LYS B 655 45.69 2.91 -25.47
C LYS B 655 46.33 2.00 -24.45
N THR B 656 47.43 1.35 -24.82
CA THR B 656 47.88 0.21 -24.03
C THR B 656 49.40 0.08 -24.05
N PHE B 657 49.93 -0.46 -22.95
CA PHE B 657 51.31 -0.93 -22.91
C PHE B 657 51.38 -2.27 -23.62
N ASP B 658 52.52 -2.95 -23.55
CA ASP B 658 52.77 -4.14 -24.35
C ASP B 658 52.15 -5.36 -23.68
N VAL B 659 50.84 -5.52 -23.90
CA VAL B 659 50.06 -6.64 -23.37
C VAL B 659 49.13 -7.11 -24.47
N PRO B 660 48.85 -8.41 -24.53
CA PRO B 660 48.07 -8.90 -25.68
C PRO B 660 46.70 -8.24 -25.75
N LEU B 661 46.24 -8.04 -26.98
CA LEU B 661 44.95 -7.38 -27.22
C LEU B 661 43.79 -8.35 -27.06
N LEU B 662 43.95 -9.56 -27.58
CA LEU B 662 42.86 -10.50 -27.77
C LEU B 662 43.37 -11.92 -27.60
N PHE B 663 42.76 -12.64 -26.67
CA PHE B 663 43.05 -14.05 -26.40
C PHE B 663 41.73 -14.77 -26.49
N ALA B 664 41.68 -15.90 -27.21
CA ALA B 664 40.41 -16.60 -27.35
C ALA B 664 40.62 -18.11 -27.42
N ILE B 665 39.72 -18.83 -26.78
CA ILE B 665 39.62 -20.29 -26.84
C ILE B 665 38.24 -20.65 -27.39
N SER B 666 38.16 -21.70 -28.22
CA SER B 666 36.89 -22.27 -28.64
C SER B 666 35.91 -21.20 -29.14
N THR B 667 36.36 -20.39 -30.08
CA THR B 667 35.54 -19.29 -30.61
C THR B 667 35.52 -19.36 -32.12
N ASP B 668 34.33 -19.25 -32.72
CA ASP B 668 34.14 -19.34 -34.17
C ASP B 668 33.53 -18.04 -34.65
N ASN B 669 34.20 -17.39 -35.61
CA ASN B 669 33.80 -16.11 -36.20
C ASN B 669 34.10 -14.97 -35.24
N LEU B 670 35.34 -14.51 -35.30
CA LEU B 670 35.89 -13.53 -34.36
C LEU B 670 36.59 -12.47 -35.20
N LYS B 671 36.08 -11.24 -35.18
CA LYS B 671 36.56 -10.17 -36.03
C LYS B 671 37.16 -9.05 -35.20
N PHE B 672 38.35 -8.61 -35.57
CA PHE B 672 39.04 -7.50 -34.90
C PHE B 672 39.39 -6.53 -36.01
N ILE B 673 38.50 -5.56 -36.26
CA ILE B 673 38.58 -4.73 -37.46
C ILE B 673 38.37 -3.26 -37.11
N ASN B 674 39.06 -2.39 -37.85
CA ASN B 674 38.83 -0.93 -37.78
C ASN B 674 39.00 -0.39 -36.37
N ASN B 675 39.89 -1.00 -35.59
CA ASN B 675 40.24 -0.48 -34.29
C ASN B 675 41.51 0.36 -34.40
N LYS B 676 41.67 1.29 -33.45
CA LYS B 676 42.89 2.07 -33.34
C LYS B 676 43.64 1.61 -32.10
N VAL B 677 44.93 1.30 -32.25
CA VAL B 677 45.75 0.81 -31.14
C VAL B 677 46.97 1.72 -31.02
N ILE B 678 47.16 2.31 -29.85
CA ILE B 678 48.27 3.23 -29.58
C ILE B 678 49.09 2.64 -28.44
N TYR B 679 50.30 2.19 -28.75
CA TYR B 679 51.11 1.54 -27.74
C TYR B 679 51.89 2.58 -26.94
N ASN B 680 52.07 2.30 -25.66
CA ASN B 680 52.89 3.10 -24.76
C ASN B 680 53.81 2.19 -23.98
N ASP B 681 54.65 2.79 -23.16
CA ASP B 681 55.65 2.07 -22.36
C ASP B 681 55.42 2.29 -20.86
N GLU B 682 54.18 2.57 -20.46
CA GLU B 682 53.96 2.99 -19.09
C GLU B 682 53.95 1.83 -18.09
N PHE B 683 53.86 0.58 -18.57
CA PHE B 683 53.87 -0.57 -17.68
C PHE B 683 54.74 -1.66 -18.32
N LYS B 684 55.20 -2.58 -17.48
CA LYS B 684 56.09 -3.64 -17.92
C LYS B 684 55.41 -4.55 -18.94
N GLY B 685 55.99 -4.64 -20.14
CA GLY B 685 55.40 -5.46 -21.18
C GLY B 685 55.53 -6.94 -20.90
N TRP B 686 54.62 -7.71 -21.47
CA TRP B 686 54.61 -9.16 -21.32
C TRP B 686 55.47 -9.87 -22.35
N GLY B 687 55.86 -9.19 -23.43
CA GLY B 687 56.66 -9.85 -24.45
C GLY B 687 55.95 -10.93 -25.23
N GLN B 688 54.63 -10.90 -25.30
CA GLN B 688 53.83 -11.92 -25.98
C GLN B 688 53.23 -11.35 -27.26
N LYS B 689 52.71 -12.26 -28.08
CA LYS B 689 52.07 -11.86 -29.32
C LYS B 689 50.72 -11.19 -29.04
N PRO B 690 50.32 -10.22 -29.87
CA PRO B 690 49.09 -9.47 -29.57
C PRO B 690 47.82 -10.27 -29.71
N PHE B 691 47.83 -11.33 -30.53
CA PHE B 691 46.67 -12.17 -30.77
C PHE B 691 47.04 -13.60 -30.44
N GLN B 692 46.18 -14.26 -29.67
CA GLN B 692 46.43 -15.63 -29.24
C GLN B 692 45.13 -16.42 -29.36
N PHE B 693 45.16 -17.52 -30.11
CA PHE B 693 43.95 -18.28 -30.44
C PHE B 693 44.18 -19.76 -30.17
N ARG B 694 43.29 -20.36 -29.38
CA ARG B 694 43.34 -21.78 -29.05
C ARG B 694 42.03 -22.42 -29.54
N ARG B 695 42.15 -23.33 -30.50
CA ARG B 695 41.02 -23.94 -31.20
C ARG B 695 39.95 -22.92 -31.54
N CYS B 696 40.28 -22.01 -32.44
CA CYS B 696 39.36 -21.02 -32.95
C CYS B 696 39.19 -21.24 -34.45
N ALA B 697 38.20 -20.56 -35.02
CA ALA B 697 37.96 -20.64 -36.46
C ALA B 697 37.44 -19.31 -36.96
N ASN B 698 37.68 -19.04 -38.25
CA ASN B 698 37.11 -17.89 -38.97
C ASN B 698 37.45 -16.56 -38.27
N ILE B 699 38.75 -16.31 -38.13
CA ILE B 699 39.28 -15.10 -37.51
C ILE B 699 39.62 -14.11 -38.62
N LEU B 700 39.22 -12.85 -38.43
CA LEU B 700 39.52 -11.76 -39.34
C LEU B 700 40.17 -10.62 -38.58
N ILE B 701 41.34 -10.19 -39.04
CA ILE B 701 42.06 -9.05 -38.46
C ILE B 701 42.37 -8.10 -39.61
N LYS B 702 41.66 -6.96 -39.67
CA LYS B 702 41.64 -6.16 -40.88
C LYS B 702 41.35 -4.69 -40.59
N ASP B 703 42.06 -3.81 -41.31
CA ASP B 703 41.77 -2.37 -41.35
C ASP B 703 42.01 -1.71 -39.99
N ASN B 704 42.87 -2.29 -39.16
CA ASN B 704 43.20 -1.63 -37.91
C ASN B 704 44.28 -0.58 -38.15
N LYS B 705 44.37 0.38 -37.24
CA LYS B 705 45.35 1.45 -37.33
C LYS B 705 46.19 1.40 -36.05
N VAL B 706 47.49 1.18 -36.19
CA VAL B 706 48.37 0.93 -35.05
C VAL B 706 49.47 1.99 -35.04
N LEU B 707 49.78 2.48 -33.84
CA LEU B 707 50.88 3.43 -33.64
C LEU B 707 51.78 2.87 -32.54
N PRO B 708 53.11 2.83 -32.75
CA PRO B 708 53.80 3.16 -33.99
C PRO B 708 53.49 2.15 -35.10
N PRO B 709 53.63 2.56 -36.36
CA PRO B 709 53.08 1.76 -37.47
C PRO B 709 53.70 0.37 -37.57
N ARG B 710 52.86 -0.58 -37.97
CA ARG B 710 53.31 -1.95 -38.24
C ARG B 710 52.25 -2.63 -39.09
N THR B 711 52.63 -3.76 -39.67
CA THR B 711 51.72 -4.58 -40.47
C THR B 711 51.61 -5.94 -39.79
N TRP B 712 50.47 -6.20 -39.16
CA TRP B 712 50.24 -7.48 -38.50
C TRP B 712 50.16 -8.62 -39.50
N THR B 713 50.89 -9.70 -39.22
CA THR B 713 50.84 -10.92 -40.00
C THR B 713 50.65 -12.11 -39.07
N LEU B 714 50.82 -13.33 -39.59
CA LEU B 714 50.71 -14.53 -38.77
C LEU B 714 51.82 -14.62 -37.72
N GLU B 715 52.96 -13.96 -37.94
CA GLU B 715 54.01 -13.93 -36.92
C GLU B 715 53.51 -13.30 -35.61
N ASP B 716 52.46 -12.48 -35.68
CA ASP B 716 51.89 -11.79 -34.54
C ASP B 716 50.76 -12.55 -33.85
N CYS B 717 50.48 -13.79 -34.28
CA CYS B 717 49.42 -14.61 -33.69
C CYS B 717 50.02 -15.89 -33.13
N LYS B 718 49.71 -16.19 -31.86
CA LYS B 718 50.08 -17.46 -31.25
C LYS B 718 48.92 -18.42 -31.47
N LEU B 719 49.15 -19.43 -32.31
CA LEU B 719 48.12 -20.38 -32.74
C LEU B 719 48.35 -21.71 -32.05
N GLU B 720 47.34 -22.18 -31.32
CA GLU B 720 47.35 -23.51 -30.74
C GLU B 720 46.14 -24.23 -31.26
N ASN B 721 46.35 -25.33 -31.99
CA ASN B 721 45.24 -26.08 -32.57
C ASN B 721 44.31 -25.14 -33.34
N THR B 722 44.89 -24.23 -34.10
CA THR B 722 44.13 -23.30 -34.93
C THR B 722 44.84 -23.26 -36.28
N PRO B 723 44.27 -23.84 -37.35
CA PRO B 723 44.96 -23.82 -38.65
C PRO B 723 45.22 -22.39 -39.10
N SER B 724 46.41 -22.17 -39.65
CA SER B 724 46.77 -20.82 -40.07
C SER B 724 45.80 -20.26 -41.12
N ASP B 725 45.14 -21.12 -41.91
CA ASP B 725 44.20 -20.61 -42.89
C ASP B 725 42.87 -20.16 -42.27
N GLN B 726 42.68 -20.37 -40.97
CA GLN B 726 41.53 -19.83 -40.24
C GLN B 726 41.74 -18.39 -39.79
N VAL B 727 42.89 -17.79 -40.07
CA VAL B 727 43.18 -16.41 -39.69
C VAL B 727 43.39 -15.61 -40.97
N ARG B 728 42.48 -14.68 -41.24
CA ARG B 728 42.52 -13.85 -42.45
C ARG B 728 42.90 -12.42 -42.09
N PHE B 729 43.68 -11.77 -42.94
CA PHE B 729 44.17 -10.42 -42.69
C PHE B 729 43.63 -9.43 -43.73
N GLY B 730 44.19 -8.23 -43.72
CA GLY B 730 43.77 -7.14 -44.58
C GLY B 730 44.35 -5.80 -44.15
N GLY B 731 45.17 -5.20 -45.01
CA GLY B 731 45.83 -3.95 -44.68
C GLY B 731 45.10 -2.72 -45.16
C1 GLA C . -24.75 3.77 13.27
C2 GLA C . -24.18 4.67 12.16
C3 GLA C . -22.70 4.77 12.29
C4 GLA C . -22.26 5.27 13.64
C5 GLA C . -22.83 4.35 14.72
C6 GLA C . -22.53 4.84 16.11
O1 GLA C . -24.37 2.47 13.14
O2 GLA C . -24.56 4.12 10.87
O3 GLA C . -22.14 5.65 11.26
O4 GLA C . -22.74 6.60 13.86
O5 GLA C . -24.29 4.23 14.61
O6 GLA C . -22.88 3.76 16.97
C1 EDO D . -3.42 33.38 -3.19
O1 EDO D . -2.46 34.36 -2.71
C2 EDO D . -4.05 32.69 -1.99
O2 EDO D . -4.61 33.66 -1.08
C FMT E . 3.65 12.81 -6.75
O1 FMT E . 4.19 13.47 -5.88
O2 FMT E . 2.52 13.04 -7.20
C FMT F . -14.78 12.73 -12.83
O1 FMT F . -14.58 13.74 -12.09
O2 FMT F . -14.67 12.69 -14.08
C FMT G . -45.59 10.13 -9.81
O1 FMT G . -46.41 10.31 -10.71
O2 FMT G . -45.09 9.02 -9.57
CA CA H . -3.27 12.06 -13.62
CA CA I . -6.17 15.29 30.26
NA NA J . -1.00 10.21 0.31
NA NA K . -16.18 8.19 42.89
NA NA L . -39.88 30.78 -16.02
C1 GLA M . 33.45 -12.47 -9.86
C2 GLA M . 32.16 -12.69 -9.05
C3 GLA M . 32.04 -14.13 -8.64
C4 GLA M . 31.99 -15.04 -9.84
C5 GLA M . 33.29 -14.83 -10.63
C6 GLA M . 33.33 -15.67 -11.88
O1 GLA M . 34.56 -12.68 -9.09
O2 GLA M . 32.20 -11.83 -7.89
O3 GLA M . 30.81 -14.32 -7.89
O4 GLA M . 30.84 -14.70 -10.62
O5 GLA M . 33.48 -13.42 -11.01
O6 GLA M . 34.60 -15.54 -12.48
C1 EDO N . 34.58 -14.23 -2.93
O1 EDO N . 33.87 -14.68 -1.76
C2 EDO N . 33.97 -14.90 -4.16
O2 EDO N . 34.13 -16.33 -4.08
C1 EDO O . 5.99 -16.53 -6.88
O1 EDO O . 5.09 -17.63 -6.90
C2 EDO O . 6.49 -16.40 -5.46
O2 EDO O . 5.32 -16.35 -4.62
C FMT P . 15.47 -32.21 13.48
O1 FMT P . 15.31 -33.38 13.80
O2 FMT P . 15.36 -31.24 14.22
C FMT Q . 35.98 -21.53 -8.55
O1 FMT Q . 35.67 -21.54 -7.35
O2 FMT Q . 36.49 -22.47 -9.16
C FMT R . -0.99 2.92 -10.51
O1 FMT R . 0.07 3.16 -11.08
O2 FMT R . -2.07 3.45 -10.81
CA CA S . 14.52 -23.48 17.97
CA CA T . 27.40 -36.04 -22.42
#